data_4FAP
# 
_entry.id   4FAP 
# 
_audit_conform.dict_name       mmcif_pdbx.dic 
_audit_conform.dict_version    5.379 
_audit_conform.dict_location   http://mmcif.pdb.org/dictionaries/ascii/mmcif_pdbx.dic 
# 
loop_
_database_2.database_id 
_database_2.database_code 
_database_2.pdbx_database_accession 
_database_2.pdbx_DOI 
PDB   4FAP         pdb_00004fap 10.2210/pdb4fap/pdb 
RCSB  RCSB001020   ?            ?                   
WWPDB D_1000001020 ?            ?                   
# 
loop_
_pdbx_database_related.db_name 
_pdbx_database_related.db_id 
_pdbx_database_related.details 
_pdbx_database_related.content_type 
PDB 2FAP . unspecified 
PDB 3FAP . unspecified 
# 
_pdbx_database_status.status_code                     REL 
_pdbx_database_status.entry_id                        4FAP 
_pdbx_database_status.recvd_initial_deposition_date   1999-05-06 
_pdbx_database_status.deposit_site                    BNL 
_pdbx_database_status.process_site                    RCSB 
_pdbx_database_status.status_code_sf                  REL 
_pdbx_database_status.SG_entry                        . 
_pdbx_database_status.pdb_format_compatible           Y 
_pdbx_database_status.status_code_mr                  ? 
_pdbx_database_status.status_code_cs                  ? 
_pdbx_database_status.methods_development_category    ? 
_pdbx_database_status.status_code_nmr_data            ? 
# 
loop_
_audit_author.name 
_audit_author.pdbx_ordinal 
'Liang, J.'  1 
'Clardy, J.' 2 
# 
_citation.id                        primary 
_citation.title                     'Refined structure of the FKBP12-rapamycin-FRB ternary complex at 2.2 A resolution.' 
_citation.journal_abbrev            'Acta Crystallogr.,Sect.D' 
_citation.journal_volume            55 
_citation.page_first                736 
_citation.page_last                 744 
_citation.year                      1999 
_citation.journal_id_ASTM           ABCRE6 
_citation.country                   DK 
_citation.journal_id_ISSN           0907-4449 
_citation.journal_id_CSD            0766 
_citation.book_publisher            ? 
_citation.pdbx_database_id_PubMed   10089303 
_citation.pdbx_database_id_DOI      10.1107/S0907444998014747 
# 
loop_
_citation_author.citation_id 
_citation_author.name 
_citation_author.ordinal 
_citation_author.identifier_ORCID 
primary 'Liang, J.'  1 ? 
primary 'Choi, J.'   2 ? 
primary 'Clardy, J.' 3 ? 
# 
_cell.entry_id           4FAP 
_cell.length_a           45.400 
_cell.length_b           52.100 
_cell.length_c           102.560 
_cell.angle_alpha        90.00 
_cell.angle_beta         90.00 
_cell.angle_gamma        90.00 
_cell.Z_PDB              4 
_cell.pdbx_unique_axis   ? 
# 
_symmetry.entry_id                         4FAP 
_symmetry.space_group_name_H-M             'P 21 21 21' 
_symmetry.pdbx_full_space_group_name_H-M   ? 
_symmetry.cell_setting                     ? 
_symmetry.Int_Tables_number                19 
# 
loop_
_entity.id 
_entity.type 
_entity.src_method 
_entity.pdbx_description 
_entity.formula_weight 
_entity.pdbx_number_of_molecules 
_entity.pdbx_ec 
_entity.pdbx_mutation 
_entity.pdbx_fragment 
_entity.details 
1 polymer     man 'FK506-BINDING PROTEIN'               11836.508 1 5.2.1.8 ? ?   ? 
2 polymer     nat 'FKBP12-RAPAMYCIN ASSOCIATED PROTEIN' 11331.937 1 ?       ? FRB ? 
3 non-polymer syn 'C15-(R)-METHYLTHIENYL RAPAMYCIN'     980.296   1 ?       ? ?   ? 
# 
loop_
_entity_name_com.entity_id 
_entity_name_com.name 
1 FKBP12 
2 FRAP   
# 
loop_
_entity_poly.entity_id 
_entity_poly.type 
_entity_poly.nstd_linkage 
_entity_poly.nstd_monomer 
_entity_poly.pdbx_seq_one_letter_code 
_entity_poly.pdbx_seq_one_letter_code_can 
_entity_poly.pdbx_strand_id 
_entity_poly.pdbx_target_identifier 
1 'polypeptide(L)' no no 
;GVQVETISPGDGRTFPKRGQTCVVHYTGMLEDGKKFDSSRDRNKPFKFMLGKQEVIRGWEEGVAQMSVGQRAKLTISPDY
AYGATGHPGIIPPHATLVFDVELLKLE
;
;GVQVETISPGDGRTFPKRGQTCVVHYTGMLEDGKKFDSSRDRNKPFKFMLGKQEVIRGWEEGVAQMSVGQRAKLTISPDY
AYGATGHPGIIPPHATLVFDVELLKLE
;
A ? 
2 'polypeptide(L)' no no 
;VAILWHEMWHEGLEEASRLYFGERNVKGMFEVLEPLHAMMERGPQTLKETSFNQAYGRDLMEAQEWCRKYMKSGNVKDLT
QAWDLYYHVFRRIS
;
;VAILWHEMWHEGLEEASRLYFGERNVKGMFEVLEPLHAMMERGPQTLKETSFNQAYGRDLMEAQEWCRKYMKSGNVKDLT
QAWDLYYHVFRRIS
;
B ? 
# 
loop_
_entity_poly_seq.entity_id 
_entity_poly_seq.num 
_entity_poly_seq.mon_id 
_entity_poly_seq.hetero 
1 1   GLY n 
1 2   VAL n 
1 3   GLN n 
1 4   VAL n 
1 5   GLU n 
1 6   THR n 
1 7   ILE n 
1 8   SER n 
1 9   PRO n 
1 10  GLY n 
1 11  ASP n 
1 12  GLY n 
1 13  ARG n 
1 14  THR n 
1 15  PHE n 
1 16  PRO n 
1 17  LYS n 
1 18  ARG n 
1 19  GLY n 
1 20  GLN n 
1 21  THR n 
1 22  CYS n 
1 23  VAL n 
1 24  VAL n 
1 25  HIS n 
1 26  TYR n 
1 27  THR n 
1 28  GLY n 
1 29  MET n 
1 30  LEU n 
1 31  GLU n 
1 32  ASP n 
1 33  GLY n 
1 34  LYS n 
1 35  LYS n 
1 36  PHE n 
1 37  ASP n 
1 38  SER n 
1 39  SER n 
1 40  ARG n 
1 41  ASP n 
1 42  ARG n 
1 43  ASN n 
1 44  LYS n 
1 45  PRO n 
1 46  PHE n 
1 47  LYS n 
1 48  PHE n 
1 49  MET n 
1 50  LEU n 
1 51  GLY n 
1 52  LYS n 
1 53  GLN n 
1 54  GLU n 
1 55  VAL n 
1 56  ILE n 
1 57  ARG n 
1 58  GLY n 
1 59  TRP n 
1 60  GLU n 
1 61  GLU n 
1 62  GLY n 
1 63  VAL n 
1 64  ALA n 
1 65  GLN n 
1 66  MET n 
1 67  SER n 
1 68  VAL n 
1 69  GLY n 
1 70  GLN n 
1 71  ARG n 
1 72  ALA n 
1 73  LYS n 
1 74  LEU n 
1 75  THR n 
1 76  ILE n 
1 77  SER n 
1 78  PRO n 
1 79  ASP n 
1 80  TYR n 
1 81  ALA n 
1 82  TYR n 
1 83  GLY n 
1 84  ALA n 
1 85  THR n 
1 86  GLY n 
1 87  HIS n 
1 88  PRO n 
1 89  GLY n 
1 90  ILE n 
1 91  ILE n 
1 92  PRO n 
1 93  PRO n 
1 94  HIS n 
1 95  ALA n 
1 96  THR n 
1 97  LEU n 
1 98  VAL n 
1 99  PHE n 
1 100 ASP n 
1 101 VAL n 
1 102 GLU n 
1 103 LEU n 
1 104 LEU n 
1 105 LYS n 
1 106 LEU n 
1 107 GLU n 
2 1   VAL n 
2 2   ALA n 
2 3   ILE n 
2 4   LEU n 
2 5   TRP n 
2 6   HIS n 
2 7   GLU n 
2 8   MET n 
2 9   TRP n 
2 10  HIS n 
2 11  GLU n 
2 12  GLY n 
2 13  LEU n 
2 14  GLU n 
2 15  GLU n 
2 16  ALA n 
2 17  SER n 
2 18  ARG n 
2 19  LEU n 
2 20  TYR n 
2 21  PHE n 
2 22  GLY n 
2 23  GLU n 
2 24  ARG n 
2 25  ASN n 
2 26  VAL n 
2 27  LYS n 
2 28  GLY n 
2 29  MET n 
2 30  PHE n 
2 31  GLU n 
2 32  VAL n 
2 33  LEU n 
2 34  GLU n 
2 35  PRO n 
2 36  LEU n 
2 37  HIS n 
2 38  ALA n 
2 39  MET n 
2 40  MET n 
2 41  GLU n 
2 42  ARG n 
2 43  GLY n 
2 44  PRO n 
2 45  GLN n 
2 46  THR n 
2 47  LEU n 
2 48  LYS n 
2 49  GLU n 
2 50  THR n 
2 51  SER n 
2 52  PHE n 
2 53  ASN n 
2 54  GLN n 
2 55  ALA n 
2 56  TYR n 
2 57  GLY n 
2 58  ARG n 
2 59  ASP n 
2 60  LEU n 
2 61  MET n 
2 62  GLU n 
2 63  ALA n 
2 64  GLN n 
2 65  GLU n 
2 66  TRP n 
2 67  CYS n 
2 68  ARG n 
2 69  LYS n 
2 70  TYR n 
2 71  MET n 
2 72  LYS n 
2 73  SER n 
2 74  GLY n 
2 75  ASN n 
2 76  VAL n 
2 77  LYS n 
2 78  ASP n 
2 79  LEU n 
2 80  THR n 
2 81  GLN n 
2 82  ALA n 
2 83  TRP n 
2 84  ASP n 
2 85  LEU n 
2 86  TYR n 
2 87  TYR n 
2 88  HIS n 
2 89  VAL n 
2 90  PHE n 
2 91  ARG n 
2 92  ARG n 
2 93  ILE n 
2 94  SER n 
# 
_entity_src_gen.entity_id                          1 
_entity_src_gen.pdbx_src_id                        1 
_entity_src_gen.pdbx_alt_source_flag               sample 
_entity_src_gen.pdbx_seq_type                      ? 
_entity_src_gen.pdbx_beg_seq_num                   ? 
_entity_src_gen.pdbx_end_seq_num                   ? 
_entity_src_gen.gene_src_common_name               human 
_entity_src_gen.gene_src_genus                     Homo 
_entity_src_gen.pdbx_gene_src_gene                 'HUMAN HIPPOCAMPAL CDNA LIBRARY SOURCE 8 (CLONTECH, PALO ALTO, CA)' 
_entity_src_gen.gene_src_species                   ? 
_entity_src_gen.gene_src_strain                    'BL21 (DE3) (NOVAGEN)' 
_entity_src_gen.gene_src_tissue                    ? 
_entity_src_gen.gene_src_tissue_fraction           ? 
_entity_src_gen.gene_src_details                   ? 
_entity_src_gen.pdbx_gene_src_fragment             ? 
_entity_src_gen.pdbx_gene_src_scientific_name      'Homo sapiens' 
_entity_src_gen.pdbx_gene_src_ncbi_taxonomy_id     9606 
_entity_src_gen.pdbx_gene_src_variant              ? 
_entity_src_gen.pdbx_gene_src_cell_line            ? 
_entity_src_gen.pdbx_gene_src_atcc                 ? 
_entity_src_gen.pdbx_gene_src_organ                ? 
_entity_src_gen.pdbx_gene_src_organelle            ? 
_entity_src_gen.pdbx_gene_src_cell                 ? 
_entity_src_gen.pdbx_gene_src_cellular_location    ? 
_entity_src_gen.host_org_common_name               ? 
_entity_src_gen.pdbx_host_org_scientific_name      'Escherichia coli' 
_entity_src_gen.pdbx_host_org_ncbi_taxonomy_id     562 
_entity_src_gen.host_org_genus                     Escherichia 
_entity_src_gen.pdbx_host_org_gene                 ? 
_entity_src_gen.pdbx_host_org_organ                ? 
_entity_src_gen.host_org_species                   ? 
_entity_src_gen.pdbx_host_org_tissue               ? 
_entity_src_gen.pdbx_host_org_tissue_fraction      ? 
_entity_src_gen.pdbx_host_org_strain               'BL21 (DE3) (NOVAGEN)' 
_entity_src_gen.pdbx_host_org_variant              ? 
_entity_src_gen.pdbx_host_org_cell_line            ? 
_entity_src_gen.pdbx_host_org_atcc                 ? 
_entity_src_gen.pdbx_host_org_culture_collection   ? 
_entity_src_gen.pdbx_host_org_cell                 ? 
_entity_src_gen.pdbx_host_org_organelle            ? 
_entity_src_gen.pdbx_host_org_cellular_location    ? 
_entity_src_gen.pdbx_host_org_vector_type          PLASMID 
_entity_src_gen.pdbx_host_org_vector               ? 
_entity_src_gen.host_org_details                   ? 
_entity_src_gen.expression_system_id               ? 
_entity_src_gen.plasmid_name                       PGEX-3X 
_entity_src_gen.plasmid_details                    ? 
_entity_src_gen.pdbx_description                   ? 
# 
_entity_src_nat.entity_id                  2 
_entity_src_nat.pdbx_src_id                1 
_entity_src_nat.pdbx_alt_source_flag       sample 
_entity_src_nat.pdbx_beg_seq_num           ? 
_entity_src_nat.pdbx_end_seq_num           ? 
_entity_src_nat.common_name                human 
_entity_src_nat.pdbx_organism_scientific   'Homo sapiens' 
_entity_src_nat.pdbx_ncbi_taxonomy_id      9606 
_entity_src_nat.genus                      Homo 
_entity_src_nat.species                    ? 
_entity_src_nat.strain                     ? 
_entity_src_nat.tissue                     ? 
_entity_src_nat.tissue_fraction            ? 
_entity_src_nat.pdbx_secretion             ? 
_entity_src_nat.pdbx_fragment              ? 
_entity_src_nat.pdbx_variant               ? 
_entity_src_nat.pdbx_cell_line             ? 
_entity_src_nat.pdbx_atcc                  ? 
_entity_src_nat.pdbx_cellular_location     ? 
_entity_src_nat.pdbx_organ                 ? 
_entity_src_nat.pdbx_organelle             ? 
_entity_src_nat.pdbx_cell                  ? 
_entity_src_nat.pdbx_plasmid_name          ? 
_entity_src_nat.pdbx_plasmid_details       ? 
_entity_src_nat.details                    ? 
# 
loop_
_struct_ref.id 
_struct_ref.db_name 
_struct_ref.db_code 
_struct_ref.entity_id 
_struct_ref.pdbx_db_accession 
_struct_ref.pdbx_align_begin 
_struct_ref.pdbx_seq_one_letter_code 
_struct_ref.pdbx_db_isoform 
1 UNP FKB1A_HUMAN 1 P62942 ? ? ? 
2 UNP FRAP_HUMAN  2 P42345 ? ? ? 
# 
loop_
_struct_ref_seq.align_id 
_struct_ref_seq.ref_id 
_struct_ref_seq.pdbx_PDB_id_code 
_struct_ref_seq.pdbx_strand_id 
_struct_ref_seq.seq_align_beg 
_struct_ref_seq.pdbx_seq_align_beg_ins_code 
_struct_ref_seq.seq_align_end 
_struct_ref_seq.pdbx_seq_align_end_ins_code 
_struct_ref_seq.pdbx_db_accession 
_struct_ref_seq.db_align_beg 
_struct_ref_seq.pdbx_db_align_beg_ins_code 
_struct_ref_seq.db_align_end 
_struct_ref_seq.pdbx_db_align_end_ins_code 
_struct_ref_seq.pdbx_auth_seq_align_beg 
_struct_ref_seq.pdbx_auth_seq_align_end 
1 1 4FAP A 1 ? 107 ? P62942 1    ? 107  ? 1   107 
2 2 4FAP B 1 ? 94  ? P42345 2019 ? 2112 ? 108 201 
# 
loop_
_chem_comp.id 
_chem_comp.type 
_chem_comp.mon_nstd_flag 
_chem_comp.name 
_chem_comp.pdbx_synonyms 
_chem_comp.formula 
_chem_comp.formula_weight 
ALA 'L-peptide linking' y ALANINE                           ?                                  'C3 H7 N O2'      89.093  
ARD non-polymer         . 'C15-(R)-METHYLTHIENYL RAPAMYCIN' 'RAPAMYCIN IMMUNOSUPPRESSANT DRUG' 'C55 H81 N O12 S' 980.296 
ARG 'L-peptide linking' y ARGININE                          ?                                  'C6 H15 N4 O2 1'  175.209 
ASN 'L-peptide linking' y ASPARAGINE                        ?                                  'C4 H8 N2 O3'     132.118 
ASP 'L-peptide linking' y 'ASPARTIC ACID'                   ?                                  'C4 H7 N O4'      133.103 
CYS 'L-peptide linking' y CYSTEINE                          ?                                  'C3 H7 N O2 S'    121.158 
GLN 'L-peptide linking' y GLUTAMINE                         ?                                  'C5 H10 N2 O3'    146.144 
GLU 'L-peptide linking' y 'GLUTAMIC ACID'                   ?                                  'C5 H9 N O4'      147.129 
GLY 'peptide linking'   y GLYCINE                           ?                                  'C2 H5 N O2'      75.067  
HIS 'L-peptide linking' y HISTIDINE                         ?                                  'C6 H10 N3 O2 1'  156.162 
ILE 'L-peptide linking' y ISOLEUCINE                        ?                                  'C6 H13 N O2'     131.173 
LEU 'L-peptide linking' y LEUCINE                           ?                                  'C6 H13 N O2'     131.173 
LYS 'L-peptide linking' y LYSINE                            ?                                  'C6 H15 N2 O2 1'  147.195 
MET 'L-peptide linking' y METHIONINE                        ?                                  'C5 H11 N O2 S'   149.211 
PHE 'L-peptide linking' y PHENYLALANINE                     ?                                  'C9 H11 N O2'     165.189 
PRO 'L-peptide linking' y PROLINE                           ?                                  'C5 H9 N O2'      115.130 
SER 'L-peptide linking' y SERINE                            ?                                  'C3 H7 N O3'      105.093 
THR 'L-peptide linking' y THREONINE                         ?                                  'C4 H9 N O3'      119.119 
TRP 'L-peptide linking' y TRYPTOPHAN                        ?                                  'C11 H12 N2 O2'   204.225 
TYR 'L-peptide linking' y TYROSINE                          ?                                  'C9 H11 N O3'     181.189 
VAL 'L-peptide linking' y VALINE                            ?                                  'C5 H11 N O2'     117.146 
# 
_exptl.entry_id          4FAP 
_exptl.method            'X-RAY DIFFRACTION' 
_exptl.crystals_number   1 
# 
_exptl_crystal.id                    1 
_exptl_crystal.density_meas          ? 
_exptl_crystal.density_Matthews      2.62 
_exptl_crystal.density_percent_sol   50. 
_exptl_crystal.description           ? 
# 
_exptl_crystal_grow.crystal_id      1 
_exptl_crystal_grow.method          ? 
_exptl_crystal_grow.temp            ? 
_exptl_crystal_grow.temp_details    ? 
_exptl_crystal_grow.pH              8.0 
_exptl_crystal_grow.pdbx_details    '20% PEG8000, 10% MPD, 0.1 M TRIS-HCL PH 8.5, pH 8.0' 
_exptl_crystal_grow.pdbx_pH_range   . 
# 
_diffrn.id                     1 
_diffrn.ambient_temp           298 
_diffrn.ambient_temp_details   ? 
_diffrn.crystal_id             1 
# 
_diffrn_detector.diffrn_id              1 
_diffrn_detector.detector               'AREA DETECTOR' 
_diffrn_detector.type                   SDMS 
_diffrn_detector.pdbx_collection_date   1997-02 
_diffrn_detector.details                ? 
# 
_diffrn_radiation.diffrn_id                        1 
_diffrn_radiation.wavelength_id                    1 
_diffrn_radiation.pdbx_monochromatic_or_laue_m_l   M 
_diffrn_radiation.monochromator                    'NI FILTER' 
_diffrn_radiation.pdbx_diffrn_protocol             'SINGLE WAVELENGTH' 
_diffrn_radiation.pdbx_scattering_type             x-ray 
# 
_diffrn_radiation_wavelength.id           1 
_diffrn_radiation_wavelength.wavelength   1.5418 
_diffrn_radiation_wavelength.wt           1.0 
# 
_diffrn_source.diffrn_id                   1 
_diffrn_source.source                      'ROTATING ANODE' 
_diffrn_source.type                        'RIGAKU RU200' 
_diffrn_source.pdbx_synchrotron_site       ? 
_diffrn_source.pdbx_synchrotron_beamline   ? 
_diffrn_source.pdbx_wavelength             1.5418 
_diffrn_source.pdbx_wavelength_list        ? 
# 
_reflns.entry_id                     4FAP 
_reflns.observed_criterion_sigma_I   0. 
_reflns.observed_criterion_sigma_F   ? 
_reflns.d_resolution_low             20.0 
_reflns.d_resolution_high            2.8 
_reflns.number_obs                   5598 
_reflns.number_all                   ? 
_reflns.percent_possible_obs         91.0 
_reflns.pdbx_Rmerge_I_obs            ? 
_reflns.pdbx_Rsym_value              8.6000000 
_reflns.pdbx_netI_over_sigmaI        10.4 
_reflns.B_iso_Wilson_estimate        ? 
_reflns.pdbx_redundancy              3.1 
_reflns.R_free_details               ? 
_reflns.limit_h_max                  ? 
_reflns.limit_h_min                  ? 
_reflns.limit_k_max                  ? 
_reflns.limit_k_min                  ? 
_reflns.limit_l_max                  ? 
_reflns.limit_l_min                  ? 
_reflns.observed_criterion_F_max     ? 
_reflns.observed_criterion_F_min     ? 
_reflns.pdbx_diffrn_id               1 
_reflns.pdbx_ordinal                 1 
# 
_refine.entry_id                                 4FAP 
_refine.ls_number_reflns_obs                     4851 
_refine.ls_number_reflns_all                     ? 
_refine.pdbx_ls_sigma_I                          ? 
_refine.pdbx_ls_sigma_F                          0.0 
_refine.pdbx_data_cutoff_high_absF               ? 
_refine.pdbx_data_cutoff_low_absF                ? 
_refine.pdbx_data_cutoff_high_rms_absF           72314.66 
_refine.ls_d_res_low                             20.00 
_refine.ls_d_res_high                            2.80 
_refine.ls_percent_reflns_obs                    93.3 
_refine.ls_R_factor_obs                          ? 
_refine.ls_R_factor_all                          ? 
_refine.ls_R_factor_R_work                       0.1840000 
_refine.ls_R_factor_R_free                       0.2660000 
_refine.ls_R_factor_R_free_error                 0.012 
_refine.ls_R_factor_R_free_error_details         ? 
_refine.ls_percent_reflns_R_free                 9.9 
_refine.ls_number_reflns_R_free                  480 
_refine.ls_number_parameters                     ? 
_refine.ls_number_restraints                     ? 
_refine.occupancy_min                            ? 
_refine.occupancy_max                            ? 
_refine.B_iso_mean                               32.6 
_refine.aniso_B[1][1]                            19.13 
_refine.aniso_B[2][2]                            -5.90 
_refine.aniso_B[3][3]                            -13.2 
_refine.aniso_B[1][2]                            0.00 
_refine.aniso_B[1][3]                            0.00 
_refine.aniso_B[2][3]                            0.00 
_refine.solvent_model_details                    'FLAT MODEL' 
_refine.solvent_model_param_ksol                 0.271 
_refine.solvent_model_param_bsol                 11.96 
_refine.pdbx_ls_cross_valid_method               THROUGHOUT 
_refine.details                                  ? 
_refine.pdbx_starting_model                      2FAP 
_refine.pdbx_method_to_determine_struct          'MOLECULAR REPLACEMENT' 
_refine.pdbx_isotropic_thermal_model             RESTRAINED 
_refine.pdbx_stereochemistry_target_values       ? 
_refine.pdbx_stereochem_target_val_spec_case     ? 
_refine.pdbx_R_Free_selection_details            RANDOM 
_refine.pdbx_overall_ESU_R                       ? 
_refine.pdbx_overall_ESU_R_Free                  ? 
_refine.overall_SU_ML                            ? 
_refine.overall_SU_B                             ? 
_refine.ls_redundancy_reflns_obs                 ? 
_refine.B_iso_min                                ? 
_refine.B_iso_max                                ? 
_refine.pdbx_refine_id                           'X-RAY DIFFRACTION' 
_refine.pdbx_diffrn_id                           1 
_refine.pdbx_TLS_residual_ADP_flag               ? 
_refine.correlation_coeff_Fo_to_Fc               ? 
_refine.correlation_coeff_Fo_to_Fc_free          ? 
_refine.pdbx_solvent_vdw_probe_radii             ? 
_refine.pdbx_solvent_ion_probe_radii             ? 
_refine.pdbx_solvent_shrinkage_radii             ? 
_refine.pdbx_overall_phase_error                 ? 
_refine.overall_SU_R_Cruickshank_DPI             ? 
_refine.pdbx_overall_SU_R_free_Cruickshank_DPI   ? 
_refine.pdbx_overall_SU_R_Blow_DPI               ? 
_refine.pdbx_overall_SU_R_free_Blow_DPI          ? 
# 
_refine_analyze.entry_id                        4FAP 
_refine_analyze.Luzzati_coordinate_error_obs    0.28 
_refine_analyze.Luzzati_sigma_a_obs             0.35 
_refine_analyze.Luzzati_d_res_low_obs           5.00 
_refine_analyze.Luzzati_coordinate_error_free   0.43 
_refine_analyze.Luzzati_sigma_a_free            0.50 
_refine_analyze.Luzzati_d_res_low_free          ? 
_refine_analyze.number_disordered_residues      ? 
_refine_analyze.occupancy_sum_hydrogen          ? 
_refine_analyze.occupancy_sum_non_hydrogen      ? 
_refine_analyze.pdbx_Luzzati_d_res_high_obs     ? 
_refine_analyze.pdbx_refine_id                  'X-RAY DIFFRACTION' 
# 
_refine_hist.pdbx_refine_id                   'X-RAY DIFFRACTION' 
_refine_hist.cycle_id                         LAST 
_refine_hist.pdbx_number_atoms_protein        1628 
_refine_hist.pdbx_number_atoms_nucleic_acid   0 
_refine_hist.pdbx_number_atoms_ligand         69 
_refine_hist.number_atoms_solvent             0 
_refine_hist.number_atoms_total               1697 
_refine_hist.d_res_high                       2.80 
_refine_hist.d_res_low                        20.00 
# 
loop_
_refine_ls_restr.type 
_refine_ls_restr.dev_ideal 
_refine_ls_restr.dev_ideal_target 
_refine_ls_restr.weight 
_refine_ls_restr.number 
_refine_ls_restr.pdbx_refine_id 
_refine_ls_restr.pdbx_restraint_function 
c_bond_d                0.007 ?    ? ? 'X-RAY DIFFRACTION' ? 
c_bond_d_na             ?     ?    ? ? 'X-RAY DIFFRACTION' ? 
c_bond_d_prot           ?     ?    ? ? 'X-RAY DIFFRACTION' ? 
c_angle_d               ?     ?    ? ? 'X-RAY DIFFRACTION' ? 
c_angle_d_na            ?     ?    ? ? 'X-RAY DIFFRACTION' ? 
c_angle_d_prot          ?     ?    ? ? 'X-RAY DIFFRACTION' ? 
c_angle_deg             1.4   ?    ? ? 'X-RAY DIFFRACTION' ? 
c_angle_deg_na          ?     ?    ? ? 'X-RAY DIFFRACTION' ? 
c_angle_deg_prot        ?     ?    ? ? 'X-RAY DIFFRACTION' ? 
c_dihedral_angle_d      22.2  ?    ? ? 'X-RAY DIFFRACTION' ? 
c_dihedral_angle_d_na   ?     ?    ? ? 'X-RAY DIFFRACTION' ? 
c_dihedral_angle_d_prot ?     ?    ? ? 'X-RAY DIFFRACTION' ? 
c_improper_angle_d      0.93  ?    ? ? 'X-RAY DIFFRACTION' ? 
c_improper_angle_d_na   ?     ?    ? ? 'X-RAY DIFFRACTION' ? 
c_improper_angle_d_prot ?     ?    ? ? 'X-RAY DIFFRACTION' ? 
c_mcbond_it             8.15  1.50 ? ? 'X-RAY DIFFRACTION' ? 
c_mcangle_it            11.66 2.00 ? ? 'X-RAY DIFFRACTION' ? 
c_scbond_it             11.41 2.00 ? ? 'X-RAY DIFFRACTION' ? 
c_scangle_it            16.45 2.50 ? ? 'X-RAY DIFFRACTION' ? 
# 
_refine_ls_shell.pdbx_total_number_of_bins_used   6 
_refine_ls_shell.d_res_high                       2.80 
_refine_ls_shell.d_res_low                        2.97 
_refine_ls_shell.number_reflns_R_work             0 
_refine_ls_shell.R_factor_R_work                  0.2660000 
_refine_ls_shell.percent_reflns_obs               ? 
_refine_ls_shell.R_factor_R_free                  0.3230000 
_refine_ls_shell.R_factor_R_free_error            0.018 
_refine_ls_shell.percent_reflns_R_free            9.8 
_refine_ls_shell.number_reflns_R_free             324 
_refine_ls_shell.redundancy_reflns_obs            ? 
_refine_ls_shell.number_reflns_all                ? 
_refine_ls_shell.number_reflns_obs                ? 
_refine_ls_shell.pdbx_refine_id                   'X-RAY DIFFRACTION' 
_refine_ls_shell.R_factor_all                     ? 
# 
loop_
_pdbx_xplor_file.serial_no 
_pdbx_xplor_file.param_file 
_pdbx_xplor_file.topol_file 
_pdbx_xplor_file.pdbx_refine_id 
1 PROTEIN_REP.PARAM PROTEIN.TOP 'X-RAY DIFFRACTION' 
2 1703.PAR          1703.TOP    'X-RAY DIFFRACTION' 
3 WATER_REP.PARAM   WATER.TOP   'X-RAY DIFFRACTION' 
# 
_struct.entry_id                  4FAP 
_struct.title                     
'ATOMIC STRUCTURES OF THE RAPAMYCIN ANALOGS IN COMPLEX WITH BOTH HUMAN FKBP12 AND FRB DOMAIN OF FRAP' 
_struct.pdbx_model_details        ? 
_struct.pdbx_CASP_flag            ? 
_struct.pdbx_model_type_details   ? 
# 
_struct_keywords.entry_id        4FAP 
_struct_keywords.pdbx_keywords   'CELL CYCLE' 
_struct_keywords.text            'FKBP12, FRAP, RAPAMYCIN, COMPLEX, GENE THERAPY, CELL CYCLE' 
# 
loop_
_struct_asym.id 
_struct_asym.pdbx_blank_PDB_chainid_flag 
_struct_asym.pdbx_modified 
_struct_asym.entity_id 
_struct_asym.details 
A N N 1 ? 
B N N 2 ? 
C N N 3 ? 
# 
_struct_biol.id   1 
# 
loop_
_struct_conf.conf_type_id 
_struct_conf.id 
_struct_conf.pdbx_PDB_helix_id 
_struct_conf.beg_label_comp_id 
_struct_conf.beg_label_asym_id 
_struct_conf.beg_label_seq_id 
_struct_conf.pdbx_beg_PDB_ins_code 
_struct_conf.end_label_comp_id 
_struct_conf.end_label_asym_id 
_struct_conf.end_label_seq_id 
_struct_conf.pdbx_end_PDB_ins_code 
_struct_conf.beg_auth_comp_id 
_struct_conf.beg_auth_asym_id 
_struct_conf.beg_auth_seq_id 
_struct_conf.end_auth_comp_id 
_struct_conf.end_auth_asym_id 
_struct_conf.end_auth_seq_id 
_struct_conf.pdbx_PDB_helix_class 
_struct_conf.details 
_struct_conf.pdbx_PDB_helix_length 
HELX_P HELX_P1 1 SER A 39 ? ARG A 42 ? SER A 39  ARG A 42  1 ? 4  
HELX_P HELX_P2 2 ARG A 57 ? GLN A 65 ? ARG A 57  GLN A 65  1 ? 9  
HELX_P HELX_P3 3 PRO A 78 ? TYR A 80 ? PRO A 78  TYR A 80  5 ? 3  
HELX_P HELX_P4 4 TRP B 5  ? PHE B 21 ? TRP B 112 PHE B 128 1 ? 17 
HELX_P HELX_P5 5 VAL B 26 ? ARG B 42 ? VAL B 133 ARG B 149 1 ? 17 
HELX_P HELX_P6 6 LEU B 47 ? SER B 73 ? LEU B 154 SER B 180 1 ? 27 
HELX_P HELX_P7 7 VAL B 76 ? ARG B 92 ? VAL B 183 ARG B 199 1 ? 17 
# 
_struct_conf_type.id          HELX_P 
_struct_conf_type.criteria    ? 
_struct_conf_type.reference   ? 
# 
loop_
_struct_sheet.id 
_struct_sheet.type 
_struct_sheet.number_strands 
_struct_sheet.details 
A ? 5 ? 
B ? 2 ? 
# 
loop_
_struct_sheet_order.sheet_id 
_struct_sheet_order.range_id_1 
_struct_sheet_order.range_id_2 
_struct_sheet_order.offset 
_struct_sheet_order.sense 
A 1 2 ? anti-parallel 
A 2 3 ? anti-parallel 
A 3 4 ? anti-parallel 
A 4 5 ? anti-parallel 
B 1 2 ? anti-parallel 
# 
loop_
_struct_sheet_range.sheet_id 
_struct_sheet_range.id 
_struct_sheet_range.beg_label_comp_id 
_struct_sheet_range.beg_label_asym_id 
_struct_sheet_range.beg_label_seq_id 
_struct_sheet_range.pdbx_beg_PDB_ins_code 
_struct_sheet_range.end_label_comp_id 
_struct_sheet_range.end_label_asym_id 
_struct_sheet_range.end_label_seq_id 
_struct_sheet_range.pdbx_end_PDB_ins_code 
_struct_sheet_range.beg_auth_comp_id 
_struct_sheet_range.beg_auth_asym_id 
_struct_sheet_range.beg_auth_seq_id 
_struct_sheet_range.end_auth_comp_id 
_struct_sheet_range.end_auth_asym_id 
_struct_sheet_range.end_auth_seq_id 
A 1 PHE A 46 ? MET A 49  ? PHE A 46 MET A 49  
A 2 THR A 21 ? LEU A 30  ? THR A 21 LEU A 30  
A 3 LEU A 97 ? GLU A 107 ? LEU A 97 GLU A 107 
A 4 ARG A 71 ? ILE A 76  ? ARG A 71 ILE A 76  
A 5 VAL A 2  ? SER A 8   ? VAL A 2  SER A 8   
B 1 THR A 27 ? MET A 29  ? THR A 27 MET A 29  
B 2 LYS A 35 ? SER A 38  ? LYS A 35 SER A 38  
# 
loop_
_pdbx_struct_sheet_hbond.sheet_id 
_pdbx_struct_sheet_hbond.range_id_1 
_pdbx_struct_sheet_hbond.range_id_2 
_pdbx_struct_sheet_hbond.range_1_label_atom_id 
_pdbx_struct_sheet_hbond.range_1_label_comp_id 
_pdbx_struct_sheet_hbond.range_1_label_asym_id 
_pdbx_struct_sheet_hbond.range_1_label_seq_id 
_pdbx_struct_sheet_hbond.range_1_PDB_ins_code 
_pdbx_struct_sheet_hbond.range_1_auth_atom_id 
_pdbx_struct_sheet_hbond.range_1_auth_comp_id 
_pdbx_struct_sheet_hbond.range_1_auth_asym_id 
_pdbx_struct_sheet_hbond.range_1_auth_seq_id 
_pdbx_struct_sheet_hbond.range_2_label_atom_id 
_pdbx_struct_sheet_hbond.range_2_label_comp_id 
_pdbx_struct_sheet_hbond.range_2_label_asym_id 
_pdbx_struct_sheet_hbond.range_2_label_seq_id 
_pdbx_struct_sheet_hbond.range_2_PDB_ins_code 
_pdbx_struct_sheet_hbond.range_2_auth_atom_id 
_pdbx_struct_sheet_hbond.range_2_auth_comp_id 
_pdbx_struct_sheet_hbond.range_2_auth_asym_id 
_pdbx_struct_sheet_hbond.range_2_auth_seq_id 
A 1 2 O PHE A 46 ? O PHE A 46 N VAL A 24  ? N VAL A 24  
A 2 3 O THR A 21 ? O THR A 21 N GLU A 107 ? N GLU A 107 
A 3 4 O LEU A 97 ? O LEU A 97 N ILE A 76  ? N ILE A 76  
A 4 5 O ARG A 71 ? O ARG A 71 N SER A 8   ? N SER A 8   
B 1 2 O GLY A 28 ? O GLY A 28 N ASP A 37  ? N ASP A 37  
# 
_struct_site.id                   AC1 
_struct_site.pdbx_evidence_code   Software 
_struct_site.pdbx_auth_asym_id    A 
_struct_site.pdbx_auth_comp_id    ARD 
_struct_site.pdbx_auth_seq_id     402 
_struct_site.pdbx_auth_ins_code   ? 
_struct_site.pdbx_num_residues    19 
_struct_site.details              'BINDING SITE FOR RESIDUE ARD A 402' 
# 
loop_
_struct_site_gen.id 
_struct_site_gen.site_id 
_struct_site_gen.pdbx_num_res 
_struct_site_gen.label_comp_id 
_struct_site_gen.label_asym_id 
_struct_site_gen.label_seq_id 
_struct_site_gen.pdbx_auth_ins_code 
_struct_site_gen.auth_comp_id 
_struct_site_gen.auth_asym_id 
_struct_site_gen.auth_seq_id 
_struct_site_gen.label_atom_id 
_struct_site_gen.label_alt_id 
_struct_site_gen.symmetry 
_struct_site_gen.details 
1  AC1 19 TYR A 26 ? TYR A 26  . ? 1_555 ? 
2  AC1 19 PHE A 36 ? PHE A 36  . ? 1_555 ? 
3  AC1 19 ASP A 37 ? ASP A 37  . ? 1_555 ? 
4  AC1 19 ARG A 42 ? ARG A 42  . ? 1_555 ? 
5  AC1 19 PHE A 46 ? PHE A 46  . ? 1_555 ? 
6  AC1 19 GLN A 53 ? GLN A 53  . ? 1_555 ? 
7  AC1 19 GLU A 54 ? GLU A 54  . ? 1_555 ? 
8  AC1 19 VAL A 55 ? VAL A 55  . ? 1_555 ? 
9  AC1 19 ILE A 56 ? ILE A 56  . ? 1_555 ? 
10 AC1 19 TRP A 59 ? TRP A 59  . ? 1_555 ? 
11 AC1 19 TYR A 82 ? TYR A 82  . ? 1_555 ? 
12 AC1 19 ILE A 91 ? ILE A 91  . ? 1_555 ? 
13 AC1 19 PHE A 99 ? PHE A 99  . ? 1_555 ? 
14 AC1 19 LEU B 13 ? LEU B 120 . ? 1_555 ? 
15 AC1 19 SER B 17 ? SER B 124 . ? 1_555 ? 
16 AC1 19 PHE B 21 ? PHE B 128 . ? 1_555 ? 
17 AC1 19 THR B 80 ? THR B 187 . ? 1_555 ? 
18 AC1 19 TYR B 87 ? TYR B 194 . ? 1_555 ? 
19 AC1 19 PHE B 90 ? PHE B 197 . ? 1_555 ? 
# 
_atom_sites.entry_id                    4FAP 
_atom_sites.fract_transf_matrix[1][1]   -0.00890409 
_atom_sites.fract_transf_matrix[1][2]   0.01458343 
_atom_sites.fract_transf_matrix[1][3]   -0.01389912 
_atom_sites.fract_transf_matrix[2][1]   0.01340211 
_atom_sites.fract_transf_matrix[2][2]   0.01284139 
_atom_sites.fract_transf_matrix[2][3]   0.00488793 
_atom_sites.fract_transf_matrix[3][1]   0.00576021 
_atom_sites.fract_transf_matrix[3][2]   -0.00329226 
_atom_sites.fract_transf_matrix[3][3]   -0.00714448 
_atom_sites.fract_transf_vector[1]      -0.252842 
_atom_sites.fract_transf_vector[2]      0.473681 
_atom_sites.fract_transf_vector[3]      0.350265 
# 
loop_
_atom_type.symbol 
C 
N 
O 
S 
# 
loop_
_atom_site.group_PDB 
_atom_site.id 
_atom_site.type_symbol 
_atom_site.label_atom_id 
_atom_site.label_alt_id 
_atom_site.label_comp_id 
_atom_site.label_asym_id 
_atom_site.label_entity_id 
_atom_site.label_seq_id 
_atom_site.pdbx_PDB_ins_code 
_atom_site.Cartn_x 
_atom_site.Cartn_y 
_atom_site.Cartn_z 
_atom_site.occupancy 
_atom_site.B_iso_or_equiv 
_atom_site.pdbx_formal_charge 
_atom_site.auth_seq_id 
_atom_site.auth_comp_id 
_atom_site.auth_asym_id 
_atom_site.auth_atom_id 
_atom_site.pdbx_PDB_model_num 
ATOM   1    N N   . GLY A 1 1   ? 2.319   8.235   -21.539 1.00 62.34 ? 1   GLY A N   1 
ATOM   2    C CA  . GLY A 1 1   ? 2.702   8.147   -20.097 1.00 39.06 ? 1   GLY A CA  1 
ATOM   3    C C   . GLY A 1 1   ? 2.785   6.709   -19.633 1.00 37.88 ? 1   GLY A C   1 
ATOM   4    O O   . GLY A 1 1   ? 3.739   6.315   -18.949 1.00 34.00 ? 1   GLY A O   1 
ATOM   5    N N   . VAL A 1 2   ? 1.781   5.923   -20.018 1.00 12.60 ? 2   VAL A N   1 
ATOM   6    C CA  . VAL A 1 2   ? 1.710   4.511   -19.663 1.00 19.95 ? 2   VAL A CA  1 
ATOM   7    C C   . VAL A 1 2   ? 1.287   3.632   -20.853 1.00 16.11 ? 2   VAL A C   1 
ATOM   8    O O   . VAL A 1 2   ? 0.197   3.791   -21.396 1.00 20.71 ? 2   VAL A O   1 
ATOM   9    C CB  . VAL A 1 2   ? 0.733   4.306   -18.466 1.00 43.77 ? 2   VAL A CB  1 
ATOM   10   C CG1 . VAL A 1 2   ? -0.584  5.020   -18.727 1.00 36.42 ? 2   VAL A CG1 1 
ATOM   11   C CG2 . VAL A 1 2   ? 0.501   2.826   -18.224 1.00 32.22 ? 2   VAL A CG2 1 
ATOM   12   N N   . GLN A 1 3   ? 2.162   2.714   -21.261 1.00 26.67 ? 3   GLN A N   1 
ATOM   13   C CA  . GLN A 1 3   ? 1.873   1.798   -22.368 1.00 28.06 ? 3   GLN A CA  1 
ATOM   14   C C   . GLN A 1 3   ? 1.215   0.553   -21.796 1.00 27.53 ? 3   GLN A C   1 
ATOM   15   O O   . GLN A 1 3   ? 1.550   0.108   -20.705 1.00 23.60 ? 3   GLN A O   1 
ATOM   16   C CB  . GLN A 1 3   ? 3.156   1.374   -23.087 1.00 39.45 ? 3   GLN A CB  1 
ATOM   17   C CG  . GLN A 1 3   ? 4.084   2.519   -23.437 1.00 52.80 ? 3   GLN A CG  1 
ATOM   18   C CD  . GLN A 1 3   ? 3.478   3.482   -24.434 1.00 69.13 ? 3   GLN A CD  1 
ATOM   19   O OE1 . GLN A 1 3   ? 4.014   4.563   -24.668 1.00 75.39 ? 3   GLN A OE1 1 
ATOM   20   N NE2 . GLN A 1 3   ? 2.359   3.092   -25.035 1.00 63.63 ? 3   GLN A NE2 1 
ATOM   21   N N   . VAL A 1 4   ? 0.289   -0.026  -22.538 1.00 28.58 ? 4   VAL A N   1 
ATOM   22   C CA  . VAL A 1 4   ? -0.396  -1.209  -22.051 1.00 36.05 ? 4   VAL A CA  1 
ATOM   23   C C   . VAL A 1 4   ? -0.403  -2.324  -23.095 1.00 39.61 ? 4   VAL A C   1 
ATOM   24   O O   . VAL A 1 4   ? -1.110  -2.249  -24.096 1.00 39.78 ? 4   VAL A O   1 
ATOM   25   C CB  . VAL A 1 4   ? -1.845  -0.846  -21.640 1.00 32.58 ? 4   VAL A CB  1 
ATOM   26   C CG1 . VAL A 1 4   ? -2.530  -2.031  -20.981 1.00 26.48 ? 4   VAL A CG1 1 
ATOM   27   C CG2 . VAL A 1 4   ? -1.817  0.338   -20.691 1.00 25.51 ? 4   VAL A CG2 1 
ATOM   28   N N   . GLU A 1 5   ? 0.400   -3.355  -22.862 1.00 8.65  ? 5   GLU A N   1 
ATOM   29   C CA  . GLU A 1 5   ? 0.464   -4.486  -23.777 1.00 11.88 ? 5   GLU A CA  1 
ATOM   30   C C   . GLU A 1 5   ? -0.217  -5.694  -23.161 1.00 17.28 ? 5   GLU A C   1 
ATOM   31   O O   . GLU A 1 5   ? -0.017  -5.990  -21.995 1.00 11.97 ? 5   GLU A O   1 
ATOM   32   C CB  . GLU A 1 5   ? 1.913   -4.806  -24.106 1.00 4.95  ? 5   GLU A CB  1 
ATOM   33   C CG  . GLU A 1 5   ? 2.659   -3.577  -24.579 1.00 15.86 ? 5   GLU A CG  1 
ATOM   34   C CD  . GLU A 1 5   ? 4.097   -3.862  -24.922 1.00 25.54 ? 5   GLU A CD  1 
ATOM   35   O OE1 . GLU A 1 5   ? 4.314   -4.721  -25.802 1.00 18.40 ? 5   GLU A OE1 1 
ATOM   36   O OE2 . GLU A 1 5   ? 4.998   -3.234  -24.315 1.00 26.51 ? 5   GLU A OE2 1 
ATOM   37   N N   . THR A 1 6   ? -1.014  -6.394  -23.954 1.00 21.76 ? 6   THR A N   1 
ATOM   38   C CA  . THR A 1 6   ? -1.737  -7.552  -23.460 1.00 18.06 ? 6   THR A CA  1 
ATOM   39   C C   . THR A 1 6   ? -0.952  -8.866  -23.466 1.00 29.80 ? 6   THR A C   1 
ATOM   40   O O   . THR A 1 6   ? -0.342  -9.251  -24.463 1.00 23.87 ? 6   THR A O   1 
ATOM   41   C CB  . THR A 1 6   ? -3.043  -7.729  -24.259 1.00 15.00 ? 6   THR A CB  1 
ATOM   42   O OG1 . THR A 1 6   ? -3.749  -6.481  -24.264 1.00 15.81 ? 6   THR A OG1 1 
ATOM   43   C CG2 . THR A 1 6   ? -3.928  -8.811  -23.644 1.00 22.76 ? 6   THR A CG2 1 
ATOM   44   N N   . ILE A 1 7   ? -0.977  -9.543  -22.323 1.00 16.62 ? 7   ILE A N   1 
ATOM   45   C CA  . ILE A 1 7   ? -0.325  -10.830 -22.146 1.00 22.75 ? 7   ILE A CA  1 
ATOM   46   C C   . ILE A 1 7   ? -1.419  -11.879 -22.289 1.00 27.86 ? 7   ILE A C   1 
ATOM   47   O O   . ILE A 1 7   ? -1.248  -12.865 -22.990 1.00 33.04 ? 7   ILE A O   1 
ATOM   48   C CB  . ILE A 1 7   ? 0.328   -10.928 -20.749 1.00 9.70  ? 7   ILE A CB  1 
ATOM   49   C CG1 . ILE A 1 7   ? 1.446   -9.893  -20.638 1.00 7.16  ? 7   ILE A CG1 1 
ATOM   50   C CG2 . ILE A 1 7   ? 0.910   -12.310 -20.521 1.00 10.79 ? 7   ILE A CG2 1 
ATOM   51   C CD1 . ILE A 1 7   ? 2.131   -9.882  -19.293 1.00 3.72  ? 7   ILE A CD1 1 
ATOM   52   N N   . SER A 1 8   ? -2.546  -11.653 -21.623 1.00 28.88 ? 8   SER A N   1 
ATOM   53   C CA  . SER A 1 8   ? -3.703  -12.548 -21.695 1.00 34.51 ? 8   SER A CA  1 
ATOM   54   C C   . SER A 1 8   ? -4.988  -11.715 -21.766 1.00 36.68 ? 8   SER A C   1 
ATOM   55   O O   . SER A 1 8   ? -5.239  -10.844 -20.931 1.00 32.32 ? 8   SER A O   1 
ATOM   56   C CB  . SER A 1 8   ? -3.760  -13.482 -20.483 1.00 22.86 ? 8   SER A CB  1 
ATOM   57   O OG  . SER A 1 8   ? -2.851  -14.553 -20.627 1.00 35.49 ? 8   SER A OG  1 
ATOM   58   N N   . PRO A 1 9   ? -5.823  -11.974 -22.774 1.00 23.84 ? 9   PRO A N   1 
ATOM   59   C CA  . PRO A 1 9   ? -7.081  -11.246 -22.957 1.00 18.15 ? 9   PRO A CA  1 
ATOM   60   C C   . PRO A 1 9   ? -8.111  -11.361 -21.838 1.00 18.44 ? 9   PRO A C   1 
ATOM   61   O O   . PRO A 1 9   ? -8.171  -12.371 -21.124 1.00 21.82 ? 9   PRO A O   1 
ATOM   62   C CB  . PRO A 1 9   ? -7.605  -11.808 -24.277 1.00 11.34 ? 9   PRO A CB  1 
ATOM   63   C CG  . PRO A 1 9   ? -7.082  -13.194 -24.269 1.00 11.89 ? 9   PRO A CG  1 
ATOM   64   C CD  . PRO A 1 9   ? -5.658  -12.985 -23.831 1.00 15.08 ? 9   PRO A CD  1 
ATOM   65   N N   . GLY A 1 10  ? -8.914  -10.307 -21.701 1.00 39.22 ? 10  GLY A N   1 
ATOM   66   C CA  . GLY A 1 10  ? -9.976  -10.279 -20.711 1.00 40.89 ? 10  GLY A CA  1 
ATOM   67   C C   . GLY A 1 10  ? -11.286 -10.410 -21.467 1.00 53.17 ? 10  GLY A C   1 
ATOM   68   O O   . GLY A 1 10  ? -11.278 -10.533 -22.690 1.00 51.65 ? 10  GLY A O   1 
ATOM   69   N N   . ASP A 1 11  ? -12.414 -10.374 -20.767 1.00 40.65 ? 11  ASP A N   1 
ATOM   70   C CA  . ASP A 1 11  ? -13.703 -10.507 -21.435 1.00 44.90 ? 11  ASP A CA  1 
ATOM   71   C C   . ASP A 1 11  ? -14.070 -9.275  -22.278 1.00 38.32 ? 11  ASP A C   1 
ATOM   72   O O   . ASP A 1 11  ? -15.139 -9.212  -22.887 1.00 49.62 ? 11  ASP A O   1 
ATOM   73   C CB  . ASP A 1 11  ? -14.789 -10.809 -20.401 1.00 39.50 ? 11  ASP A CB  1 
ATOM   74   C CG  . ASP A 1 11  ? -15.166 -9.603  -19.565 1.00 44.56 ? 11  ASP A CG  1 
ATOM   75   O OD1 . ASP A 1 11  ? -14.829 -8.460  -19.945 1.00 39.83 ? 11  ASP A OD1 1 
ATOM   76   O OD2 . ASP A 1 11  ? -15.824 -9.806  -18.524 1.00 40.05 ? 11  ASP A OD2 1 
ATOM   77   N N   . GLY A 1 12  ? -13.174 -8.294  -22.299 1.00 32.73 ? 12  GLY A N   1 
ATOM   78   C CA  . GLY A 1 12  ? -13.385 -7.089  -23.083 1.00 44.01 ? 12  GLY A CA  1 
ATOM   79   C C   . GLY A 1 12  ? -14.608 -6.202  -22.890 1.00 50.65 ? 12  GLY A C   1 
ATOM   80   O O   . GLY A 1 12  ? -14.795 -5.256  -23.665 1.00 43.75 ? 12  GLY A O   1 
ATOM   81   N N   . ARG A 1 13  ? -15.436 -6.468  -21.881 1.00 68.36 ? 13  ARG A N   1 
ATOM   82   C CA  . ARG A 1 13  ? -16.624 -5.636  -21.662 1.00 82.40 ? 13  ARG A CA  1 
ATOM   83   C C   . ARG A 1 13  ? -16.748 -5.110  -20.230 1.00 68.06 ? 13  ARG A C   1 
ATOM   84   O O   . ARG A 1 13  ? -17.444 -4.124  -19.981 1.00 62.78 ? 13  ARG A O   1 
ATOM   85   C CB  . ARG A 1 13  ? -17.897 -6.414  -22.030 1.00 72.98 ? 13  ARG A CB  1 
ATOM   86   C CG  . ARG A 1 13  ? -18.303 -7.482  -21.019 1.00 81.50 ? 13  ARG A CG  1 
ATOM   87   C CD  . ARG A 1 13  ? -19.404 -8.404  -21.553 1.00 93.07 ? 13  ARG A CD  1 
ATOM   88   N NE  . ARG A 1 13  ? -18.885 -9.445  -22.442 1.00 96.40 ? 13  ARG A NE  1 
ATOM   89   C CZ  . ARG A 1 13  ? -18.517 -9.258  -23.708 1.00 96.40 ? 13  ARG A CZ  1 
ATOM   90   N NH1 . ARG A 1 13  ? -18.625 -8.061  -24.271 1.00 96.40 ? 13  ARG A NH1 1 
ATOM   91   N NH2 . ARG A 1 13  ? -18.052 -10.276 -24.424 1.00 86.47 ? 13  ARG A NH2 1 
ATOM   92   N N   . THR A 1 14  ? -16.063 -5.765  -19.299 1.00 72.57 ? 14  THR A N   1 
ATOM   93   C CA  . THR A 1 14  ? -16.104 -5.384  -17.889 1.00 72.37 ? 14  THR A CA  1 
ATOM   94   C C   . THR A 1 14  ? -14.966 -4.461  -17.460 1.00 66.44 ? 14  THR A C   1 
ATOM   95   O O   . THR A 1 14  ? -13.955 -4.911  -16.920 1.00 64.47 ? 14  THR A O   1 
ATOM   96   C CB  . THR A 1 14  ? -16.071 -6.628  -16.998 1.00 47.50 ? 14  THR A CB  1 
ATOM   97   O OG1 . THR A 1 14  ? -17.047 -7.566  -17.469 1.00 41.24 ? 14  THR A OG1 1 
ATOM   98   C CG2 . THR A 1 14  ? -16.365 -6.256  -15.547 1.00 46.95 ? 14  THR A CG2 1 
ATOM   99   N N   . PHE A 1 15  ? -15.143 -3.165  -17.688 1.00 73.08 ? 15  PHE A N   1 
ATOM   100  C CA  . PHE A 1 15  ? -14.136 -2.185  -17.317 1.00 76.16 ? 15  PHE A CA  1 
ATOM   101  C C   . PHE A 1 15  ? -14.461 -1.568  -15.960 1.00 84.14 ? 15  PHE A C   1 
ATOM   102  O O   . PHE A 1 15  ? -15.621 -1.288  -15.654 1.00 83.01 ? 15  PHE A O   1 
ATOM   103  C CB  . PHE A 1 15  ? -14.053 -1.106  -18.395 1.00 45.72 ? 15  PHE A CB  1 
ATOM   104  C CG  . PHE A 1 15  ? -13.695 -1.648  -19.742 1.00 46.56 ? 15  PHE A CG  1 
ATOM   105  C CD1 . PHE A 1 15  ? -12.398 -2.054  -20.014 1.00 40.51 ? 15  PHE A CD1 1 
ATOM   106  C CD2 . PHE A 1 15  ? -14.670 -1.815  -20.716 1.00 53.53 ? 15  PHE A CD2 1 
ATOM   107  C CE1 . PHE A 1 15  ? -12.073 -2.623  -21.236 1.00 49.61 ? 15  PHE A CE1 1 
ATOM   108  C CE2 . PHE A 1 15  ? -14.359 -2.383  -21.941 1.00 51.43 ? 15  PHE A CE2 1 
ATOM   109  C CZ  . PHE A 1 15  ? -13.055 -2.789  -22.202 1.00 54.42 ? 15  PHE A CZ  1 
ATOM   110  N N   . PRO A 1 16  ? -13.432 -1.358  -15.125 1.00 70.35 ? 16  PRO A N   1 
ATOM   111  C CA  . PRO A 1 16  ? -13.598 -0.778  -13.790 1.00 67.29 ? 16  PRO A CA  1 
ATOM   112  C C   . PRO A 1 16  ? -14.278 0.586   -13.811 1.00 76.82 ? 16  PRO A C   1 
ATOM   113  O O   . PRO A 1 16  ? -13.950 1.441   -14.634 1.00 69.28 ? 16  PRO A O   1 
ATOM   114  C CB  . PRO A 1 16  ? -12.163 -0.688  -13.273 1.00 32.91 ? 16  PRO A CB  1 
ATOM   115  C CG  . PRO A 1 16  ? -11.467 -1.809  -13.992 1.00 37.26 ? 16  PRO A CG  1 
ATOM   116  C CD  . PRO A 1 16  ? -12.012 -1.670  -15.383 1.00 36.54 ? 16  PRO A CD  1 
ATOM   117  N N   . LYS A 1 17  ? -15.235 0.776   -12.908 1.00 96.40 ? 17  LYS A N   1 
ATOM   118  C CA  . LYS A 1 17  ? -15.939 2.048   -12.795 1.00 96.40 ? 17  LYS A CA  1 
ATOM   119  C C   . LYS A 1 17  ? -15.414 2.701   -11.521 1.00 96.40 ? 17  LYS A C   1 
ATOM   120  O O   . LYS A 1 17  ? -14.998 2.009   -10.593 1.00 96.40 ? 17  LYS A O   1 
ATOM   121  C CB  . LYS A 1 17  ? -17.457 1.842   -12.667 1.00 90.84 ? 17  LYS A CB  1 
ATOM   122  C CG  . LYS A 1 17  ? -18.103 0.956   -13.725 1.00 96.40 ? 17  LYS A CG  1 
ATOM   123  C CD  . LYS A 1 17  ? -18.180 -0.489  -13.250 1.00 96.40 ? 17  LYS A CD  1 
ATOM   124  C CE  . LYS A 1 17  ? -18.855 -1.390  -14.270 1.00 96.40 ? 17  LYS A CE  1 
ATOM   125  N NZ  . LYS A 1 17  ? -18.863 -2.801  -13.805 1.00 96.40 ? 17  LYS A NZ  1 
ATOM   126  N N   . ARG A 1 18  ? -15.423 4.028   -11.475 1.00 96.40 ? 18  ARG A N   1 
ATOM   127  C CA  . ARG A 1 18  ? -14.952 4.743   -10.294 1.00 96.40 ? 18  ARG A CA  1 
ATOM   128  C C   . ARG A 1 18  ? -15.617 4.215   -9.024  1.00 96.40 ? 18  ARG A C   1 
ATOM   129  O O   . ARG A 1 18  ? -16.777 3.800   -9.043  1.00 96.40 ? 18  ARG A O   1 
ATOM   130  C CB  . ARG A 1 18  ? -15.253 6.230   -10.431 1.00 83.22 ? 18  ARG A CB  1 
ATOM   131  C CG  . ARG A 1 18  ? -14.030 7.102   -10.555 1.00 91.20 ? 18  ARG A CG  1 
ATOM   132  C CD  . ARG A 1 18  ? -13.199 6.737   -11.769 1.00 96.40 ? 18  ARG A CD  1 
ATOM   133  N NE  . ARG A 1 18  ? -12.065 7.646   -11.929 1.00 96.40 ? 18  ARG A NE  1 
ATOM   134  C CZ  . ARG A 1 18  ? -12.173 8.930   -12.261 1.00 96.40 ? 18  ARG A CZ  1 
ATOM   135  N NH1 . ARG A 1 18  ? -13.367 9.463   -12.476 1.00 96.40 ? 18  ARG A NH1 1 
ATOM   136  N NH2 . ARG A 1 18  ? -11.086 9.683   -12.363 1.00 96.40 ? 18  ARG A NH2 1 
ATOM   137  N N   . GLY A 1 19  ? -14.880 4.234   -7.919  1.00 96.40 ? 19  GLY A N   1 
ATOM   138  C CA  . GLY A 1 19  ? -15.437 3.763   -6.666  1.00 86.79 ? 19  GLY A CA  1 
ATOM   139  C C   . GLY A 1 19  ? -15.486 2.254   -6.547  1.00 92.43 ? 19  GLY A C   1 
ATOM   140  O O   . GLY A 1 19  ? -16.100 1.717   -5.625  1.00 78.81 ? 19  GLY A O   1 
ATOM   141  N N   . GLN A 1 20  ? -14.854 1.558   -7.486  1.00 61.57 ? 20  GLN A N   1 
ATOM   142  C CA  . GLN A 1 20  ? -14.826 0.105   -7.439  1.00 61.56 ? 20  GLN A CA  1 
ATOM   143  C C   . GLN A 1 20  ? -13.460 -0.375  -7.007  1.00 49.94 ? 20  GLN A C   1 
ATOM   144  O O   . GLN A 1 20  ? -12.443 0.260   -7.296  1.00 48.38 ? 20  GLN A O   1 
ATOM   145  C CB  . GLN A 1 20  ? -15.158 -0.501  -8.797  1.00 43.65 ? 20  GLN A CB  1 
ATOM   146  C CG  . GLN A 1 20  ? -16.586 -0.951  -8.925  1.00 44.76 ? 20  GLN A CG  1 
ATOM   147  C CD  . GLN A 1 20  ? -16.804 -1.808  -10.142 1.00 46.50 ? 20  GLN A CD  1 
ATOM   148  O OE1 . GLN A 1 20  ? -16.439 -1.428  -11.250 1.00 34.24 ? 20  GLN A OE1 1 
ATOM   149  N NE2 . GLN A 1 20  ? -17.405 -2.974  -9.946  1.00 47.40 ? 20  GLN A NE2 1 
ATOM   150  N N   . THR A 1 21  ? -13.446 -1.506  -6.312  1.00 32.90 ? 21  THR A N   1 
ATOM   151  C CA  . THR A 1 21  ? -12.211 -2.094  -5.831  1.00 35.93 ? 21  THR A CA  1 
ATOM   152  C C   . THR A 1 21  ? -11.654 -3.139  -6.774  1.00 32.65 ? 21  THR A C   1 
ATOM   153  O O   . THR A 1 21  ? -12.248 -4.206  -6.972  1.00 28.83 ? 21  THR A O   1 
ATOM   154  C CB  . THR A 1 21  ? -12.412 -2.730  -4.460  1.00 31.80 ? 21  THR A CB  1 
ATOM   155  O OG1 . THR A 1 21  ? -12.620 -1.690  -3.503  1.00 22.59 ? 21  THR A OG1 1 
ATOM   156  C CG2 . THR A 1 21  ? -11.193 -3.571  -4.057  1.00 19.85 ? 21  THR A CG2 1 
ATOM   157  N N   . CYS A 1 22  ? -10.506 -2.828  -7.360  1.00 30.02 ? 22  CYS A N   1 
ATOM   158  C CA  . CYS A 1 22  ? -9.867  -3.759  -8.261  1.00 27.40 ? 22  CYS A CA  1 
ATOM   159  C C   . CYS A 1 22  ? -9.031  -4.714  -7.433  1.00 30.51 ? 22  CYS A C   1 
ATOM   160  O O   . CYS A 1 22  ? -8.169  -4.296  -6.658  1.00 27.96 ? 22  CYS A O   1 
ATOM   161  C CB  . CYS A 1 22  ? -8.973  -3.020  -9.249  1.00 13.43 ? 22  CYS A CB  1 
ATOM   162  S SG  . CYS A 1 22  ? -9.836  -1.762  -10.174 1.00 16.14 ? 22  CYS A SG  1 
ATOM   163  N N   . VAL A 1 23  ? -9.317  -5.999  -7.573  1.00 16.57 ? 23  VAL A N   1 
ATOM   164  C CA  . VAL A 1 23  ? -8.552  -6.999  -6.865  1.00 15.40 ? 23  VAL A CA  1 
ATOM   165  C C   . VAL A 1 23  ? -7.545  -7.483  -7.905  1.00 15.25 ? 23  VAL A C   1 
ATOM   166  O O   . VAL A 1 23  ? -7.932  -7.898  -9.002  1.00 16.83 ? 23  VAL A O   1 
ATOM   167  C CB  . VAL A 1 23  ? -9.445  -8.128  -6.404  1.00 36.64 ? 23  VAL A CB  1 
ATOM   168  C CG1 . VAL A 1 23  ? -8.628  -9.133  -5.607  1.00 35.55 ? 23  VAL A CG1 1 
ATOM   169  C CG2 . VAL A 1 23  ? -10.579 -7.556  -5.568  1.00 36.19 ? 23  VAL A CG2 1 
ATOM   170  N N   . VAL A 1 24  ? -6.256  -7.414  -7.583  1.00 20.72 ? 24  VAL A N   1 
ATOM   171  C CA  . VAL A 1 24  ? -5.246  -7.798  -8.556  1.00 16.57 ? 24  VAL A CA  1 
ATOM   172  C C   . VAL A 1 24  ? -4.051  -8.554  -7.996  1.00 16.92 ? 24  VAL A C   1 
ATOM   173  O O   . VAL A 1 24  ? -3.905  -8.728  -6.775  1.00 17.55 ? 24  VAL A O   1 
ATOM   174  C CB  . VAL A 1 24  ? -4.695  -6.548  -9.275  1.00 15.40 ? 24  VAL A CB  1 
ATOM   175  C CG1 . VAL A 1 24  ? -5.818  -5.802  -9.969  1.00 14.51 ? 24  VAL A CG1 1 
ATOM   176  C CG2 . VAL A 1 24  ? -4.025  -5.628  -8.270  1.00 14.62 ? 24  VAL A CG2 1 
ATOM   177  N N   . HIS A 1 25  ? -3.214  -9.011  -8.925  1.00 15.24 ? 25  HIS A N   1 
ATOM   178  C CA  . HIS A 1 25  ? -1.970  -9.707  -8.628  1.00 17.74 ? 25  HIS A CA  1 
ATOM   179  C C   . HIS A 1 25  ? -0.973  -9.003  -9.547  1.00 20.49 ? 25  HIS A C   1 
ATOM   180  O O   . HIS A 1 25  ? -1.175  -8.948  -10.768 1.00 15.50 ? 25  HIS A O   1 
ATOM   181  C CB  . HIS A 1 25  ? -2.044  -11.194 -9.005  1.00 16.99 ? 25  HIS A CB  1 
ATOM   182  C CG  . HIS A 1 25  ? -2.123  -12.126 -7.831  1.00 19.21 ? 25  HIS A CG  1 
ATOM   183  N ND1 . HIS A 1 25  ? -1.263  -12.050 -6.754  1.00 17.95 ? 25  HIS A ND1 1 
ATOM   184  C CD2 . HIS A 1 25  ? -2.949  -13.171 -7.576  1.00 27.60 ? 25  HIS A CD2 1 
ATOM   185  C CE1 . HIS A 1 25  ? -1.557  -13.005 -5.889  1.00 25.97 ? 25  HIS A CE1 1 
ATOM   186  N NE2 . HIS A 1 25  ? -2.577  -13.700 -6.365  1.00 26.51 ? 25  HIS A NE2 1 
ATOM   187  N N   . TYR A 1 26  ? 0.090   -8.443  -8.977  1.00 6.51  ? 26  TYR A N   1 
ATOM   188  C CA  . TYR A 1 26  ? 1.087   -7.757  -9.793  1.00 4.32  ? 26  TYR A CA  1 
ATOM   189  C C   . TYR A 1 26  ? 2.502   -8.142  -9.393  1.00 5.16  ? 26  TYR A C   1 
ATOM   190  O O   . TYR A 1 26  ? 2.739   -8.750  -8.341  1.00 8.26  ? 26  TYR A O   1 
ATOM   191  C CB  . TYR A 1 26  ? 0.949   -6.240  -9.650  1.00 4.01  ? 26  TYR A CB  1 
ATOM   192  C CG  . TYR A 1 26  ? 1.402   -5.752  -8.290  1.00 7.01  ? 26  TYR A CG  1 
ATOM   193  C CD1 . TYR A 1 26  ? 2.748   -5.417  -8.043  1.00 6.58  ? 26  TYR A CD1 1 
ATOM   194  C CD2 . TYR A 1 26  ? 0.499   -5.700  -7.221  1.00 9.57  ? 26  TYR A CD2 1 
ATOM   195  C CE1 . TYR A 1 26  ? 3.173   -5.053  -6.769  1.00 6.05  ? 26  TYR A CE1 1 
ATOM   196  C CE2 . TYR A 1 26  ? 0.915   -5.337  -5.950  1.00 4.02  ? 26  TYR A CE2 1 
ATOM   197  C CZ  . TYR A 1 26  ? 2.244   -5.016  -5.731  1.00 11.29 ? 26  TYR A CZ  1 
ATOM   198  O OH  . TYR A 1 26  ? 2.607   -4.652  -4.463  1.00 5.51  ? 26  TYR A OH  1 
ATOM   199  N N   . THR A 1 27  ? 3.431   -7.763  -10.263 1.00 16.24 ? 27  THR A N   1 
ATOM   200  C CA  . THR A 1 27  ? 4.850   -7.971  -10.062 1.00 14.79 ? 27  THR A CA  1 
ATOM   201  C C   . THR A 1 27  ? 5.509   -6.749  -10.685 1.00 15.34 ? 27  THR A C   1 
ATOM   202  O O   . THR A 1 27  ? 5.543   -6.611  -11.906 1.00 15.29 ? 27  THR A O   1 
ATOM   203  C CB  . THR A 1 27  ? 5.355   -9.240  -10.768 1.00 8.88  ? 27  THR A CB  1 
ATOM   204  O OG1 . THR A 1 27  ? 4.718   -10.393 -10.197 1.00 5.53  ? 27  THR A OG1 1 
ATOM   205  C CG2 . THR A 1 27  ? 6.871   -9.368  -10.609 1.00 12.04 ? 27  THR A CG2 1 
ATOM   206  N N   . GLY A 1 28  ? 5.997   -5.844  -9.845  1.00 20.69 ? 28  GLY A N   1 
ATOM   207  C CA  . GLY A 1 28  ? 6.654   -4.658  -10.357 1.00 18.52 ? 28  GLY A CA  1 
ATOM   208  C C   . GLY A 1 28  ? 8.139   -4.895  -10.583 1.00 21.05 ? 28  GLY A C   1 
ATOM   209  O O   . GLY A 1 28  ? 8.808   -5.518  -9.757  1.00 21.62 ? 28  GLY A O   1 
ATOM   210  N N   . MET A 1 29  ? 8.660   -4.408  -11.704 1.00 18.36 ? 29  MET A N   1 
ATOM   211  C CA  . MET A 1 29  ? 10.075  -4.569  -12.029 1.00 14.90 ? 29  MET A CA  1 
ATOM   212  C C   . MET A 1 29  ? 10.626  -3.249  -12.534 1.00 13.91 ? 29  MET A C   1 
ATOM   213  O O   . MET A 1 29  ? 9.866   -2.374  -12.943 1.00 19.59 ? 29  MET A O   1 
ATOM   214  C CB  . MET A 1 29  ? 10.251  -5.611  -13.134 1.00 17.01 ? 29  MET A CB  1 
ATOM   215  C CG  . MET A 1 29  ? 9.455   -6.876  -12.931 1.00 31.24 ? 29  MET A CG  1 
ATOM   216  S SD  . MET A 1 29  ? 9.508   -7.956  -14.359 1.00 20.61 ? 29  MET A SD  1 
ATOM   217  C CE  . MET A 1 29  ? 7.867   -7.665  -15.040 1.00 31.87 ? 29  MET A CE  1 
ATOM   218  N N   . LEU A 1 30  ? 11.947  -3.105  -12.504 1.00 7.86  ? 30  LEU A N   1 
ATOM   219  C CA  . LEU A 1 30  ? 12.584  -1.894  -13.014 1.00 8.32  ? 30  LEU A CA  1 
ATOM   220  C C   . LEU A 1 30  ? 12.870  -2.161  -14.495 1.00 8.73  ? 30  LEU A C   1 
ATOM   221  O O   . LEU A 1 30  ? 12.932  -3.309  -14.919 1.00 4.87  ? 30  LEU A O   1 
ATOM   222  C CB  . LEU A 1 30  ? 13.905  -1.620  -12.293 1.00 9.29  ? 30  LEU A CB  1 
ATOM   223  C CG  . LEU A 1 30  ? 13.964  -1.370  -10.791 1.00 2.84  ? 30  LEU A CG  1 
ATOM   224  C CD1 . LEU A 1 30  ? 15.422  -1.482  -10.380 1.00 4.93  ? 30  LEU A CD1 1 
ATOM   225  C CD2 . LEU A 1 30  ? 13.385  -0.014  -10.420 1.00 4.88  ? 30  LEU A CD2 1 
ATOM   226  N N   . GLU A 1 31  ? 13.052  -1.102  -15.275 1.00 18.45 ? 31  GLU A N   1 
ATOM   227  C CA  . GLU A 1 31  ? 13.318  -1.216  -16.710 1.00 22.50 ? 31  GLU A CA  1 
ATOM   228  C C   . GLU A 1 31  ? 14.088  -2.475  -17.139 1.00 20.85 ? 31  GLU A C   1 
ATOM   229  O O   . GLU A 1 31  ? 13.762  -3.097  -18.158 1.00 25.18 ? 31  GLU A O   1 
ATOM   230  C CB  . GLU A 1 31  ? 14.058  0.043   -17.176 1.00 59.94 ? 31  GLU A CB  1 
ATOM   231  C CG  . GLU A 1 31  ? 14.395  0.094   -18.649 1.00 70.23 ? 31  GLU A CG  1 
ATOM   232  C CD  . GLU A 1 31  ? 14.896  1.462   -19.063 1.00 64.61 ? 31  GLU A CD  1 
ATOM   233  O OE1 . GLU A 1 31  ? 15.692  2.052   -18.300 1.00 73.63 ? 31  GLU A OE1 1 
ATOM   234  O OE2 . GLU A 1 31  ? 14.500  1.943   -20.147 1.00 69.51 ? 31  GLU A OE2 1 
ATOM   235  N N   . ASP A 1 32  ? 15.087  -2.862  -16.345 1.00 15.60 ? 32  ASP A N   1 
ATOM   236  C CA  . ASP A 1 32  ? 15.929  -4.025  -16.653 1.00 32.81 ? 32  ASP A CA  1 
ATOM   237  C C   . ASP A 1 32  ? 15.471  -5.397  -16.148 1.00 29.04 ? 32  ASP A C   1 
ATOM   238  O O   . ASP A 1 32  ? 16.243  -6.346  -16.188 1.00 26.49 ? 32  ASP A O   1 
ATOM   239  C CB  . ASP A 1 32  ? 17.340  -3.776  -16.136 1.00 35.10 ? 32  ASP A CB  1 
ATOM   240  C CG  . ASP A 1 32  ? 17.415  -3.792  -14.623 1.00 35.14 ? 32  ASP A CG  1 
ATOM   241  O OD1 . ASP A 1 32  ? 16.626  -4.516  -13.985 1.00 34.23 ? 32  ASP A OD1 1 
ATOM   242  O OD2 . ASP A 1 32  ? 18.277  -3.083  -14.066 1.00 48.97 ? 32  ASP A OD2 1 
ATOM   243  N N   . GLY A 1 33  ? 14.241  -5.513  -15.667 1.00 24.61 ? 33  GLY A N   1 
ATOM   244  C CA  . GLY A 1 33  ? 13.775  -6.799  -15.180 1.00 19.09 ? 33  GLY A CA  1 
ATOM   245  C C   . GLY A 1 33  ? 13.952  -7.060  -13.686 1.00 22.14 ? 33  GLY A C   1 
ATOM   246  O O   . GLY A 1 33  ? 13.416  -8.043  -13.155 1.00 22.46 ? 33  GLY A O   1 
ATOM   247  N N   . LYS A 1 34  ? 14.709  -6.203  -13.000 1.00 11.94 ? 34  LYS A N   1 
ATOM   248  C CA  . LYS A 1 34  ? 14.930  -6.363  -11.568 1.00 16.64 ? 34  LYS A CA  1 
ATOM   249  C C   . LYS A 1 34  ? 13.621  -6.234  -10.772 1.00 16.32 ? 34  LYS A C   1 
ATOM   250  O O   . LYS A 1 34  ? 12.999  -5.164  -10.723 1.00 11.11 ? 34  LYS A O   1 
ATOM   251  C CB  . LYS A 1 34  ? 15.930  -5.322  -11.065 1.00 44.58 ? 34  LYS A CB  1 
ATOM   252  C CG  . LYS A 1 34  ? 16.166  -5.405  -9.570  1.00 56.07 ? 34  LYS A CG  1 
ATOM   253  C CD  . LYS A 1 34  ? 17.131  -4.339  -9.088  1.00 76.93 ? 34  LYS A CD  1 
ATOM   254  C CE  . LYS A 1 34  ? 17.348  -4.448  -7.587  1.00 96.40 ? 34  LYS A CE  1 
ATOM   255  N NZ  . LYS A 1 34  ? 18.313  -3.436  -7.086  1.00 96.40 ? 34  LYS A NZ  1 
ATOM   256  N N   . LYS A 1 35  ? 13.214  -7.333  -10.143 1.00 31.99 ? 35  LYS A N   1 
ATOM   257  C CA  . LYS A 1 35  ? 11.996  -7.360  -9.349  1.00 29.95 ? 35  LYS A CA  1 
ATOM   258  C C   . LYS A 1 35  ? 12.178  -6.626  -8.033  1.00 36.83 ? 35  LYS A C   1 
ATOM   259  O O   . LYS A 1 35  ? 13.177  -6.818  -7.347  1.00 35.23 ? 35  LYS A O   1 
ATOM   260  C CB  . LYS A 1 35  ? 11.586  -8.804  -9.053  1.00 5.46  ? 35  LYS A CB  1 
ATOM   261  C CG  . LYS A 1 35  ? 10.329  -8.908  -8.202  1.00 12.69 ? 35  LYS A CG  1 
ATOM   262  C CD  . LYS A 1 35  ? 9.763   -10.319 -8.159  1.00 26.97 ? 35  LYS A CD  1 
ATOM   263  C CE  . LYS A 1 35  ? 10.629  -11.266 -7.347  1.00 39.66 ? 35  LYS A CE  1 
ATOM   264  N NZ  . LYS A 1 35  ? 10.009  -12.622 -7.256  1.00 32.26 ? 35  LYS A NZ  1 
ATOM   265  N N   . PHE A 1 36  ? 11.201  -5.792  -7.685  1.00 20.70 ? 36  PHE A N   1 
ATOM   266  C CA  . PHE A 1 36  ? 11.242  -5.044  -6.439  1.00 27.43 ? 36  PHE A CA  1 
ATOM   267  C C   . PHE A 1 36  ? 10.006  -5.284  -5.584  1.00 26.12 ? 36  PHE A C   1 
ATOM   268  O O   . PHE A 1 36  ? 9.898   -4.751  -4.478  1.00 24.09 ? 36  PHE A O   1 
ATOM   269  C CB  . PHE A 1 36  ? 11.406  -3.539  -6.703  1.00 15.23 ? 36  PHE A CB  1 
ATOM   270  C CG  . PHE A 1 36  ? 10.307  -2.915  -7.530  1.00 18.54 ? 36  PHE A CG  1 
ATOM   271  C CD1 . PHE A 1 36  ? 9.099   -2.561  -6.953  1.00 14.78 ? 36  PHE A CD1 1 
ATOM   272  C CD2 . PHE A 1 36  ? 10.512  -2.620  -8.875  1.00 17.48 ? 36  PHE A CD2 1 
ATOM   273  C CE1 . PHE A 1 36  ? 8.105   -1.910  -7.705  1.00 15.38 ? 36  PHE A CE1 1 
ATOM   274  C CE2 . PHE A 1 36  ? 9.523   -1.965  -9.643  1.00 15.62 ? 36  PHE A CE2 1 
ATOM   275  C CZ  . PHE A 1 36  ? 8.321   -1.609  -9.057  1.00 14.19 ? 36  PHE A CZ  1 
ATOM   276  N N   . ASP A 1 37  ? 9.081   -6.101  -6.086  1.00 7.24  ? 37  ASP A N   1 
ATOM   277  C CA  . ASP A 1 37  ? 7.842   -6.395  -5.363  1.00 13.00 ? 37  ASP A CA  1 
ATOM   278  C C   . ASP A 1 37  ? 6.893   -7.282  -6.174  1.00 7.51  ? 37  ASP A C   1 
ATOM   279  O O   . ASP A 1 37  ? 6.898   -7.270  -7.411  1.00 8.90  ? 37  ASP A O   1 
ATOM   280  C CB  . ASP A 1 37  ? 7.136   -5.076  -5.010  1.00 17.31 ? 37  ASP A CB  1 
ATOM   281  C CG  . ASP A 1 37  ? 5.998   -5.263  -4.038  1.00 11.67 ? 37  ASP A CG  1 
ATOM   282  O OD1 . ASP A 1 37  ? 5.900   -6.361  -3.448  1.00 13.71 ? 37  ASP A OD1 1 
ATOM   283  O OD2 . ASP A 1 37  ? 5.213   -4.311  -3.849  1.00 11.73 ? 37  ASP A OD2 1 
ATOM   284  N N   . SER A 1 38  ? 6.083   -8.061  -5.473  1.00 9.23  ? 38  SER A N   1 
ATOM   285  C CA  . SER A 1 38  ? 5.121   -8.923  -6.141  1.00 11.23 ? 38  SER A CA  1 
ATOM   286  C C   . SER A 1 38  ? 4.134   -9.554  -5.180  1.00 8.91  ? 38  SER A C   1 
ATOM   287  O O   . SER A 1 38  ? 4.527   -10.189 -4.204  1.00 9.88  ? 38  SER A O   1 
ATOM   288  C CB  . SER A 1 38  ? 5.821   -10.035 -6.915  1.00 16.47 ? 38  SER A CB  1 
ATOM   289  O OG  . SER A 1 38  ? 4.858   -10.941 -7.433  1.00 14.18 ? 38  SER A OG  1 
ATOM   290  N N   . SER A 1 39  ? 2.848   -9.382  -5.467  1.00 6.90  ? 39  SER A N   1 
ATOM   291  C CA  . SER A 1 39  ? 1.795   -9.957  -4.635  1.00 10.18 ? 39  SER A CA  1 
ATOM   292  C C   . SER A 1 39  ? 1.779   -11.477 -4.777  1.00 12.06 ? 39  SER A C   1 
ATOM   293  O O   . SER A 1 39  ? 1.470   -12.190 -3.825  1.00 12.03 ? 39  SER A O   1 
ATOM   294  C CB  . SER A 1 39  ? 0.435   -9.396  -5.045  1.00 10.70 ? 39  SER A CB  1 
ATOM   295  O OG  . SER A 1 39  ? 0.240   -9.555  -6.442  1.00 10.97 ? 39  SER A OG  1 
ATOM   296  N N   . ARG A 1 40  ? 2.105   -11.962 -5.971  1.00 34.06 ? 40  ARG A N   1 
ATOM   297  C CA  . ARG A 1 40  ? 2.125   -13.391 -6.224  1.00 37.36 ? 40  ARG A CA  1 
ATOM   298  C C   . ARG A 1 40  ? 3.074   -14.060 -5.256  1.00 38.35 ? 40  ARG A C   1 
ATOM   299  O O   . ARG A 1 40  ? 2.832   -15.189 -4.826  1.00 39.83 ? 40  ARG A O   1 
ATOM   300  C CB  . ARG A 1 40  ? 2.569   -13.686 -7.658  1.00 32.97 ? 40  ARG A CB  1 
ATOM   301  C CG  . ARG A 1 40  ? 1.593   -13.221 -8.724  1.00 39.93 ? 40  ARG A CG  1 
ATOM   302  C CD  . ARG A 1 40  ? 2.012   -13.710 -10.093 1.00 40.78 ? 40  ARG A CD  1 
ATOM   303  N NE  . ARG A 1 40  ? 1.232   -13.085 -11.158 1.00 33.59 ? 40  ARG A NE  1 
ATOM   304  C CZ  . ARG A 1 40  ? -0.064  -13.290 -11.374 1.00 32.98 ? 40  ARG A CZ  1 
ATOM   305  N NH1 . ARG A 1 40  ? -0.754  -14.123 -10.604 1.00 35.76 ? 40  ARG A NH1 1 
ATOM   306  N NH2 . ARG A 1 40  ? -0.668  -12.662 -12.374 1.00 29.77 ? 40  ARG A NH2 1 
ATOM   307  N N   . ASP A 1 41  ? 4.161   -13.366 -4.922  1.00 28.55 ? 41  ASP A N   1 
ATOM   308  C CA  . ASP A 1 41  ? 5.136   -13.898 -3.972  1.00 36.28 ? 41  ASP A CA  1 
ATOM   309  C C   . ASP A 1 41  ? 4.508   -14.037 -2.589  1.00 41.35 ? 41  ASP A C   1 
ATOM   310  O O   . ASP A 1 41  ? 4.674   -15.056 -1.927  1.00 42.68 ? 41  ASP A O   1 
ATOM   311  C CB  . ASP A 1 41  ? 6.359   -12.986 -3.878  1.00 50.95 ? 41  ASP A CB  1 
ATOM   312  C CG  . ASP A 1 41  ? 7.200   -13.022 -5.123  1.00 44.59 ? 41  ASP A CG  1 
ATOM   313  O OD1 . ASP A 1 41  ? 7.494   -14.143 -5.596  1.00 62.39 ? 41  ASP A OD1 1 
ATOM   314  O OD2 . ASP A 1 41  ? 7.574   -11.941 -5.628  1.00 57.98 ? 41  ASP A OD2 1 
ATOM   315  N N   . ARG A 1 42  ? 3.794   -13.003 -2.154  1.00 50.92 ? 42  ARG A N   1 
ATOM   316  C CA  . ARG A 1 42  ? 3.137   -13.019 -0.855  1.00 50.30 ? 42  ARG A CA  1 
ATOM   317  C C   . ARG A 1 42  ? 1.897   -13.901 -0.891  1.00 47.71 ? 42  ARG A C   1 
ATOM   318  O O   . ARG A 1 42  ? 1.297   -14.192 0.146   1.00 48.93 ? 42  ARG A O   1 
ATOM   319  C CB  . ARG A 1 42  ? 2.747   -11.603 -0.436  1.00 60.53 ? 42  ARG A CB  1 
ATOM   320  C CG  . ARG A 1 42  ? 3.907   -10.758 0.029   1.00 58.59 ? 42  ARG A CG  1 
ATOM   321  C CD  . ARG A 1 42  ? 3.410   -9.451  0.607   1.00 52.57 ? 42  ARG A CD  1 
ATOM   322  N NE  . ARG A 1 42  ? 2.754   -8.624  -0.400  1.00 48.45 ? 42  ARG A NE  1 
ATOM   323  C CZ  . ARG A 1 42  ? 3.369   -8.122  -1.468  1.00 40.87 ? 42  ARG A CZ  1 
ATOM   324  N NH1 . ARG A 1 42  ? 4.657   -8.368  -1.674  1.00 49.10 ? 42  ARG A NH1 1 
ATOM   325  N NH2 . ARG A 1 42  ? 2.695   -7.376  -2.332  1.00 50.20 ? 42  ARG A NH2 1 
ATOM   326  N N   . ASN A 1 43  ? 1.513   -14.313 -2.094  1.00 32.71 ? 43  ASN A N   1 
ATOM   327  C CA  . ASN A 1 43  ? 0.354   -15.168 -2.282  1.00 41.66 ? 43  ASN A CA  1 
ATOM   328  C C   . ASN A 1 43  ? -0.928  -14.521 -1.748  1.00 45.60 ? 43  ASN A C   1 
ATOM   329  O O   . ASN A 1 43  ? -1.860  -15.211 -1.347  1.00 40.39 ? 43  ASN A O   1 
ATOM   330  C CB  . ASN A 1 43  ? 0.601   -16.504 -1.588  1.00 56.05 ? 43  ASN A CB  1 
ATOM   331  C CG  . ASN A 1 43  ? 0.244   -17.679 -2.456  1.00 53.30 ? 43  ASN A CG  1 
ATOM   332  O OD1 . ASN A 1 43  ? 0.391   -18.829 -2.051  1.00 78.00 ? 43  ASN A OD1 1 
ATOM   333  N ND2 . ASN A 1 43  ? -0.229  -17.401 -3.663  1.00 48.01 ? 43  ASN A ND2 1 
ATOM   334  N N   . LYS A 1 44  ? -0.962  -13.190 -1.755  1.00 28.05 ? 44  LYS A N   1 
ATOM   335  C CA  . LYS A 1 44  ? -2.108  -12.408 -1.272  1.00 21.33 ? 44  LYS A CA  1 
ATOM   336  C C   . LYS A 1 44  ? -2.496  -11.330 -2.294  1.00 19.73 ? 44  LYS A C   1 
ATOM   337  O O   . LYS A 1 44  ? -1.747  -10.377 -2.517  1.00 18.74 ? 44  LYS A O   1 
ATOM   338  C CB  . LYS A 1 44  ? -1.748  -11.732 0.062   1.00 61.02 ? 44  LYS A CB  1 
ATOM   339  C CG  . LYS A 1 44  ? -2.815  -10.781 0.608   1.00 76.61 ? 44  LYS A CG  1 
ATOM   340  C CD  . LYS A 1 44  ? -2.264  -9.803  1.656   1.00 95.78 ? 44  LYS A CD  1 
ATOM   341  C CE  . LYS A 1 44  ? -1.811  -10.491 2.940   1.00 96.40 ? 44  LYS A CE  1 
ATOM   342  N NZ  . LYS A 1 44  ? -0.556  -11.269 2.777   1.00 96.40 ? 44  LYS A NZ  1 
ATOM   343  N N   . PRO A 1 45  ? -3.665  -11.471 -2.940  1.00 41.23 ? 45  PRO A N   1 
ATOM   344  C CA  . PRO A 1 45  ? -4.101  -10.476 -3.932  1.00 41.13 ? 45  PRO A CA  1 
ATOM   345  C C   . PRO A 1 45  ? -4.050  -9.031  -3.418  1.00 35.60 ? 45  PRO A C   1 
ATOM   346  O O   . PRO A 1 45  ? -4.077  -8.780  -2.217  1.00 33.43 ? 45  PRO A O   1 
ATOM   347  C CB  . PRO A 1 45  ? -5.520  -10.930 -4.267  1.00 29.32 ? 45  PRO A CB  1 
ATOM   348  C CG  . PRO A 1 45  ? -5.399  -12.433 -4.178  1.00 29.44 ? 45  PRO A CG  1 
ATOM   349  C CD  . PRO A 1 45  ? -4.577  -12.630 -2.915  1.00 37.45 ? 45  PRO A CD  1 
ATOM   350  N N   . PHE A 1 46  ? -3.972  -8.079  -4.332  1.00 13.32 ? 46  PHE A N   1 
ATOM   351  C CA  . PHE A 1 46  ? -3.904  -6.682  -3.939  1.00 12.21 ? 46  PHE A CA  1 
ATOM   352  C C   . PHE A 1 46  ? -5.189  -5.991  -4.314  1.00 16.72 ? 46  PHE A C   1 
ATOM   353  O O   . PHE A 1 46  ? -5.636  -6.088  -5.456  1.00 11.50 ? 46  PHE A O   1 
ATOM   354  C CB  . PHE A 1 46  ? -2.728  -5.985  -4.631  1.00 23.15 ? 46  PHE A CB  1 
ATOM   355  C CG  . PHE A 1 46  ? -2.606  -4.525  -4.300  1.00 24.27 ? 46  PHE A CG  1 
ATOM   356  C CD1 . PHE A 1 46  ? -2.059  -4.116  -3.090  1.00 27.35 ? 46  PHE A CD1 1 
ATOM   357  C CD2 . PHE A 1 46  ? -3.021  -3.556  -5.203  1.00 28.33 ? 46  PHE A CD2 1 
ATOM   358  C CE1 . PHE A 1 46  ? -1.926  -2.763  -2.785  1.00 23.98 ? 46  PHE A CE1 1 
ATOM   359  C CE2 . PHE A 1 46  ? -2.890  -2.198  -4.908  1.00 28.76 ? 46  PHE A CE2 1 
ATOM   360  C CZ  . PHE A 1 46  ? -2.341  -1.804  -3.697  1.00 27.60 ? 46  PHE A CZ  1 
ATOM   361  N N   . LYS A 1 47  ? -5.778  -5.294  -3.348  1.00 20.66 ? 47  LYS A N   1 
ATOM   362  C CA  . LYS A 1 47  ? -7.025  -4.581  -3.563  1.00 19.54 ? 47  LYS A CA  1 
ATOM   363  C C   . LYS A 1 47  ? -6.818  -3.078  -3.428  1.00 20.32 ? 47  LYS A C   1 
ATOM   364  O O   . LYS A 1 47  ? -5.990  -2.634  -2.639  1.00 20.84 ? 47  LYS A O   1 
ATOM   365  C CB  . LYS A 1 47  ? -8.057  -5.024  -2.535  1.00 5.84  ? 47  LYS A CB  1 
ATOM   366  C CG  . LYS A 1 47  ? -8.488  -6.474  -2.605  1.00 7.49  ? 47  LYS A CG  1 
ATOM   367  C CD  . LYS A 1 47  ? -9.477  -6.749  -1.472  1.00 16.89 ? 47  LYS A CD  1 
ATOM   368  C CE  . LYS A 1 47  ? -10.331 -7.985  -1.711  1.00 25.09 ? 47  LYS A CE  1 
ATOM   369  N NZ  . LYS A 1 47  ? -9.523  -9.236  -1.789  1.00 30.46 ? 47  LYS A NZ  1 
ATOM   370  N N   . PHE A 1 48  ? -7.570  -2.300  -4.203  1.00 42.85 ? 48  PHE A N   1 
ATOM   371  C CA  . PHE A 1 48  ? -7.488  -0.843  -4.147  1.00 45.74 ? 48  PHE A CA  1 
ATOM   372  C C   . PHE A 1 48  ? -8.651  -0.231  -4.908  1.00 46.12 ? 48  PHE A C   1 
ATOM   373  O O   . PHE A 1 48  ? -9.345  -0.928  -5.642  1.00 48.14 ? 48  PHE A O   1 
ATOM   374  C CB  . PHE A 1 48  ? -6.169  -0.339  -4.724  1.00 21.36 ? 48  PHE A CB  1 
ATOM   375  C CG  . PHE A 1 48  ? -6.162  -0.214  -6.209  1.00 24.77 ? 48  PHE A CG  1 
ATOM   376  C CD1 . PHE A 1 48  ? -6.159  -1.344  -7.019  1.00 24.30 ? 48  PHE A CD1 1 
ATOM   377  C CD2 . PHE A 1 48  ? -6.149  1.041   -6.805  1.00 27.85 ? 48  PHE A CD2 1 
ATOM   378  C CE1 . PHE A 1 48  ? -6.141  -1.225  -8.414  1.00 19.51 ? 48  PHE A CE1 1 
ATOM   379  C CE2 . PHE A 1 48  ? -6.131  1.176   -8.189  1.00 27.04 ? 48  PHE A CE2 1 
ATOM   380  C CZ  . PHE A 1 48  ? -6.127  0.040   -9.000  1.00 24.24 ? 48  PHE A CZ  1 
ATOM   381  N N   . MET A 1 49  ? -8.855  1.071   -4.743  1.00 16.78 ? 49  MET A N   1 
ATOM   382  C CA  . MET A 1 49  ? -9.968  1.747   -5.393  1.00 18.89 ? 49  MET A CA  1 
ATOM   383  C C   . MET A 1 49  ? -9.505  2.787   -6.406  1.00 19.80 ? 49  MET A C   1 
ATOM   384  O O   . MET A 1 49  ? -8.633  3.615   -6.112  1.00 17.67 ? 49  MET A O   1 
ATOM   385  C CB  . MET A 1 49  ? -10.838 2.405   -4.331  1.00 69.79 ? 49  MET A CB  1 
ATOM   386  C CG  . MET A 1 49  ? -12.243 2.720   -4.781  1.00 81.35 ? 49  MET A CG  1 
ATOM   387  S SD  . MET A 1 49  ? -13.223 3.390   -3.420  1.00 82.59 ? 49  MET A SD  1 
ATOM   388  C CE  . MET A 1 49  ? -13.439 1.926   -2.397  1.00 72.22 ? 49  MET A CE  1 
ATOM   389  N N   . LEU A 1 50  ? -10.090 2.745   -7.601  1.00 27.47 ? 50  LEU A N   1 
ATOM   390  C CA  . LEU A 1 50  ? -9.744  3.685   -8.661  1.00 37.79 ? 50  LEU A CA  1 
ATOM   391  C C   . LEU A 1 50  ? -10.283 5.102   -8.447  1.00 33.52 ? 50  LEU A C   1 
ATOM   392  O O   . LEU A 1 50  ? -11.290 5.300   -7.772  1.00 35.58 ? 50  LEU A O   1 
ATOM   393  C CB  . LEU A 1 50  ? -10.253 3.169   -10.001 1.00 47.80 ? 50  LEU A CB  1 
ATOM   394  C CG  . LEU A 1 50  ? -9.385  2.135   -10.706 1.00 62.30 ? 50  LEU A CG  1 
ATOM   395  C CD1 . LEU A 1 50  ? -10.070 1.696   -11.983 1.00 45.97 ? 50  LEU A CD1 1 
ATOM   396  C CD2 . LEU A 1 50  ? -8.026  2.739   -11.011 1.00 56.26 ? 50  LEU A CD2 1 
ATOM   397  N N   . GLY A 1 51  ? -9.600  6.083   -9.034  1.00 55.13 ? 51  GLY A N   1 
ATOM   398  C CA  . GLY A 1 51  ? -10.029 7.466   -8.928  1.00 68.16 ? 51  GLY A CA  1 
ATOM   399  C C   . GLY A 1 51  ? -9.832  8.113   -7.575  1.00 74.17 ? 51  GLY A C   1 
ATOM   400  O O   . GLY A 1 51  ? -10.075 9.308   -7.417  1.00 80.32 ? 51  GLY A O   1 
ATOM   401  N N   . LYS A 1 52  ? -9.394  7.331   -6.595  1.00 52.93 ? 52  LYS A N   1 
ATOM   402  C CA  . LYS A 1 52  ? -9.169  7.855   -5.253  1.00 61.27 ? 52  LYS A CA  1 
ATOM   403  C C   . LYS A 1 52  ? -7.725  8.318   -5.082  1.00 56.13 ? 52  LYS A C   1 
ATOM   404  O O   . LYS A 1 52  ? -7.344  8.764   -4.007  1.00 55.05 ? 52  LYS A O   1 
ATOM   405  C CB  . LYS A 1 52  ? -9.484  6.788   -4.200  1.00 80.96 ? 52  LYS A CB  1 
ATOM   406  C CG  . LYS A 1 52  ? -10.861 6.158   -4.327  1.00 92.33 ? 52  LYS A CG  1 
ATOM   407  C CD  . LYS A 1 52  ? -11.975 7.151   -4.035  1.00 96.40 ? 52  LYS A CD  1 
ATOM   408  C CE  . LYS A 1 52  ? -13.348 6.504   -4.203  1.00 96.40 ? 52  LYS A CE  1 
ATOM   409  N NZ  . LYS A 1 52  ? -14.475 7.422   -3.869  1.00 96.40 ? 52  LYS A NZ  1 
ATOM   410  N N   . GLN A 1 53  ? -6.926  8.199   -6.138  1.00 48.09 ? 53  GLN A N   1 
ATOM   411  C CA  . GLN A 1 53  ? -5.525  8.607   -6.089  1.00 55.55 ? 53  GLN A CA  1 
ATOM   412  C C   . GLN A 1 53  ? -4.739  7.812   -5.041  1.00 45.64 ? 53  GLN A C   1 
ATOM   413  O O   . GLN A 1 53  ? -3.765  8.309   -4.471  1.00 46.66 ? 53  GLN A O   1 
ATOM   414  C CB  . GLN A 1 53  ? -5.415  10.115  -5.791  1.00 32.71 ? 53  GLN A CB  1 
ATOM   415  C CG  . GLN A 1 53  ? -5.595  11.054  -6.992  1.00 39.59 ? 53  GLN A CG  1 
ATOM   416  C CD  . GLN A 1 53  ? -6.848  10.766  -7.800  1.00 61.76 ? 53  GLN A CD  1 
ATOM   417  O OE1 . GLN A 1 53  ? -6.937  9.748   -8.490  1.00 70.47 ? 53  GLN A OE1 1 
ATOM   418  N NE2 . GLN A 1 53  ? -7.827  11.660  -7.717  1.00 61.90 ? 53  GLN A NE2 1 
ATOM   419  N N   . GLU A 1 54  ? -5.170  6.579   -4.789  1.00 23.88 ? 54  GLU A N   1 
ATOM   420  C CA  . GLU A 1 54  ? -4.499  5.713   -3.822  1.00 27.53 ? 54  GLU A CA  1 
ATOM   421  C C   . GLU A 1 54  ? -3.187  5.179   -4.391  1.00 23.24 ? 54  GLU A C   1 
ATOM   422  O O   . GLU A 1 54  ? -2.225  4.959   -3.662  1.00 24.45 ? 54  GLU A O   1 
ATOM   423  C CB  . GLU A 1 54  ? -5.386  4.517   -3.453  1.00 20.91 ? 54  GLU A CB  1 
ATOM   424  C CG  . GLU A 1 54  ? -6.610  4.842   -2.628  1.00 26.38 ? 54  GLU A CG  1 
ATOM   425  C CD  . GLU A 1 54  ? -7.324  3.594   -2.125  1.00 22.88 ? 54  GLU A CD  1 
ATOM   426  O OE1 . GLU A 1 54  ? -6.851  2.466   -2.405  1.00 16.52 ? 54  GLU A OE1 1 
ATOM   427  O OE2 . GLU A 1 54  ? -8.362  3.745   -1.446  1.00 28.50 ? 54  GLU A OE2 1 
ATOM   428  N N   . VAL A 1 55  ? -3.159  4.973   -5.702  1.00 22.63 ? 55  VAL A N   1 
ATOM   429  C CA  . VAL A 1 55  ? -1.989  4.446   -6.375  1.00 20.03 ? 55  VAL A CA  1 
ATOM   430  C C   . VAL A 1 55  ? -1.486  5.410   -7.441  1.00 20.37 ? 55  VAL A C   1 
ATOM   431  O O   . VAL A 1 55  ? -2.242  6.254   -7.906  1.00 21.18 ? 55  VAL A O   1 
ATOM   432  C CB  . VAL A 1 55  ? -2.337  3.130   -7.027  1.00 7.31  ? 55  VAL A CB  1 
ATOM   433  C CG1 . VAL A 1 55  ? -2.884  2.181   -5.978  1.00 4.00  ? 55  VAL A CG1 1 
ATOM   434  C CG2 . VAL A 1 55  ? -3.370  3.362   -8.128  1.00 4.00  ? 55  VAL A CG2 1 
ATOM   435  N N   . ILE A 1 56  ? -0.216  5.271   -7.827  1.00 16.30 ? 56  ILE A N   1 
ATOM   436  C CA  . ILE A 1 56  ? 0.414   6.142   -8.833  1.00 14.94 ? 56  ILE A CA  1 
ATOM   437  C C   . ILE A 1 56  ? -0.406  6.321   -10.109 1.00 23.12 ? 56  ILE A C   1 
ATOM   438  O O   . ILE A 1 56  ? -1.212  5.473   -10.454 1.00 16.02 ? 56  ILE A O   1 
ATOM   439  C CB  . ILE A 1 56  ? 1.812   5.615   -9.233  1.00 6.13  ? 56  ILE A CB  1 
ATOM   440  C CG1 . ILE A 1 56  ? 1.703   4.172   -9.704  1.00 3.78  ? 56  ILE A CG1 1 
ATOM   441  C CG2 . ILE A 1 56  ? 2.759   5.692   -8.055  1.00 4.59  ? 56  ILE A CG2 1 
ATOM   442  C CD1 . ILE A 1 56  ? 3.023   3.609   -10.143 1.00 2.68  ? 56  ILE A CD1 1 
ATOM   443  N N   . ARG A 1 57  ? -0.173  7.419   -10.818 1.00 30.02 ? 57  ARG A N   1 
ATOM   444  C CA  . ARG A 1 57  ? -0.916  7.716   -12.037 1.00 28.94 ? 57  ARG A CA  1 
ATOM   445  C C   . ARG A 1 57  ? -0.857  6.650   -13.137 1.00 26.58 ? 57  ARG A C   1 
ATOM   446  O O   . ARG A 1 57  ? -1.864  6.401   -13.818 1.00 30.74 ? 57  ARG A O   1 
ATOM   447  C CB  . ARG A 1 57  ? -0.455  9.053   -12.613 1.00 53.33 ? 57  ARG A CB  1 
ATOM   448  C CG  . ARG A 1 57  ? -1.351  9.578   -13.708 1.00 59.95 ? 57  ARG A CG  1 
ATOM   449  C CD  . ARG A 1 57  ? -0.834  10.891  -14.234 1.00 65.43 ? 57  ARG A CD  1 
ATOM   450  N NE  . ARG A 1 57  ? -1.728  11.468  -15.230 1.00 76.11 ? 57  ARG A NE  1 
ATOM   451  C CZ  . ARG A 1 57  ? -1.497  12.617  -15.857 1.00 84.26 ? 57  ARG A CZ  1 
ATOM   452  N NH1 . ARG A 1 57  ? -0.396  13.308  -15.590 1.00 70.13 ? 57  ARG A NH1 1 
ATOM   453  N NH2 . ARG A 1 57  ? -2.365  13.073  -16.751 1.00 85.28 ? 57  ARG A NH2 1 
ATOM   454  N N   . GLY A 1 58  ? 0.315   6.038   -13.324 1.00 31.41 ? 58  GLY A N   1 
ATOM   455  C CA  . GLY A 1 58  ? 0.463   5.006   -14.340 1.00 37.27 ? 58  GLY A CA  1 
ATOM   456  C C   . GLY A 1 58  ? -0.555  3.885   -14.189 1.00 38.27 ? 58  GLY A C   1 
ATOM   457  O O   . GLY A 1 58  ? -1.081  3.381   -15.180 1.00 33.09 ? 58  GLY A O   1 
ATOM   458  N N   . TRP A 1 59  ? -0.822  3.500   -12.941 1.00 15.25 ? 59  TRP A N   1 
ATOM   459  C CA  . TRP A 1 59  ? -1.782  2.452   -12.606 1.00 16.54 ? 59  TRP A CA  1 
ATOM   460  C C   . TRP A 1 59  ? -3.202  2.962   -12.742 1.00 11.23 ? 59  TRP A C   1 
ATOM   461  O O   . TRP A 1 59  ? -4.083  2.248   -13.223 1.00 13.13 ? 59  TRP A O   1 
ATOM   462  C CB  . TRP A 1 59  ? -1.591  1.986   -11.162 1.00 14.64 ? 59  TRP A CB  1 
ATOM   463  C CG  . TRP A 1 59  ? -0.657  0.827   -10.979 1.00 15.06 ? 59  TRP A CG  1 
ATOM   464  C CD1 . TRP A 1 59  ? 0.654   0.765   -11.340 1.00 18.32 ? 59  TRP A CD1 1 
ATOM   465  C CD2 . TRP A 1 59  ? -0.964  -0.433  -10.356 1.00 14.26 ? 59  TRP A CD2 1 
ATOM   466  N NE1 . TRP A 1 59  ? 1.185   -0.450  -10.983 1.00 17.80 ? 59  TRP A NE1 1 
ATOM   467  C CE2 . TRP A 1 59  ? 0.217   -1.205  -10.376 1.00 15.59 ? 59  TRP A CE2 1 
ATOM   468  C CE3 . TRP A 1 59  ? -2.121  -0.980  -9.780  1.00 11.85 ? 59  TRP A CE3 1 
ATOM   469  C CZ2 . TRP A 1 59  ? 0.277   -2.507  -9.840  1.00 13.60 ? 59  TRP A CZ2 1 
ATOM   470  C CZ3 . TRP A 1 59  ? -2.060  -2.278  -9.243  1.00 12.19 ? 59  TRP A CZ3 1 
ATOM   471  C CH2 . TRP A 1 59  ? -0.865  -3.022  -9.279  1.00 12.79 ? 59  TRP A CH2 1 
ATOM   472  N N   . GLU A 1 60  ? -3.429  4.195   -12.300 1.00 10.60 ? 60  GLU A N   1 
ATOM   473  C CA  . GLU A 1 60  ? -4.752  4.796   -12.366 1.00 8.84  ? 60  GLU A CA  1 
ATOM   474  C C   . GLU A 1 60  ? -5.221  4.736   -13.816 1.00 11.49 ? 60  GLU A C   1 
ATOM   475  O O   . GLU A 1 60  ? -6.269  4.177   -14.119 1.00 8.47  ? 60  GLU A O   1 
ATOM   476  C CB  . GLU A 1 60  ? -4.695  6.246   -11.887 1.00 34.39 ? 60  GLU A CB  1 
ATOM   477  C CG  . GLU A 1 60  ? -6.019  6.779   -11.378 1.00 49.65 ? 60  GLU A CG  1 
ATOM   478  C CD  . GLU A 1 60  ? -6.234  6.487   -9.910  1.00 38.19 ? 60  GLU A CD  1 
ATOM   479  O OE1 . GLU A 1 60  ? -5.495  7.046   -9.075  1.00 38.04 ? 60  GLU A OE1 1 
ATOM   480  O OE2 . GLU A 1 60  ? -7.136  5.697   -9.585  1.00 43.50 ? 60  GLU A OE2 1 
ATOM   481  N N   . GLU A 1 61  ? -4.434  5.297   -14.722 1.00 28.21 ? 61  GLU A N   1 
ATOM   482  C CA  . GLU A 1 61  ? -4.810  5.277   -16.124 1.00 30.07 ? 61  GLU A CA  1 
ATOM   483  C C   . GLU A 1 61  ? -4.697  3.881   -16.721 1.00 31.71 ? 61  GLU A C   1 
ATOM   484  O O   . GLU A 1 61  ? -5.598  3.428   -17.420 1.00 26.82 ? 61  GLU A O   1 
ATOM   485  C CB  . GLU A 1 61  ? -3.947  6.252   -16.911 1.00 25.67 ? 61  GLU A CB  1 
ATOM   486  C CG  . GLU A 1 61  ? -4.310  7.695   -16.689 1.00 40.61 ? 61  GLU A CG  1 
ATOM   487  C CD  . GLU A 1 61  ? -3.347  8.623   -17.381 1.00 49.25 ? 61  GLU A CD  1 
ATOM   488  O OE1 . GLU A 1 61  ? -2.985  8.339   -18.546 1.00 35.93 ? 61  GLU A OE1 1 
ATOM   489  O OE2 . GLU A 1 61  ? -2.954  9.636   -16.766 1.00 49.55 ? 61  GLU A OE2 1 
ATOM   490  N N   . GLY A 1 62  ? -3.589  3.202   -16.434 1.00 35.06 ? 62  GLY A N   1 
ATOM   491  C CA  . GLY A 1 62  ? -3.362  1.864   -16.955 1.00 34.78 ? 62  GLY A CA  1 
ATOM   492  C C   . GLY A 1 62  ? -4.429  0.825   -16.654 1.00 31.92 ? 62  GLY A C   1 
ATOM   493  O O   . GLY A 1 62  ? -5.017  0.252   -17.578 1.00 32.18 ? 62  GLY A O   1 
ATOM   494  N N   . VAL A 1 63  ? -4.682  0.576   -15.369 1.00 39.76 ? 63  VAL A N   1 
ATOM   495  C CA  . VAL A 1 63  ? -5.668  -0.419  -14.937 1.00 38.69 ? 63  VAL A CA  1 
ATOM   496  C C   . VAL A 1 63  ? -7.100  -0.092  -15.384 1.00 38.81 ? 63  VAL A C   1 
ATOM   497  O O   . VAL A 1 63  ? -7.927  -0.991  -15.579 1.00 41.09 ? 63  VAL A O   1 
ATOM   498  C CB  . VAL A 1 63  ? -5.634  -0.583  -13.392 1.00 16.80 ? 63  VAL A CB  1 
ATOM   499  C CG1 . VAL A 1 63  ? -6.668  -1.609  -12.938 1.00 16.56 ? 63  VAL A CG1 1 
ATOM   500  C CG2 . VAL A 1 63  ? -4.244  -1.011  -12.953 1.00 15.02 ? 63  VAL A CG2 1 
ATOM   501  N N   . ALA A 1 64  ? -7.382  1.197   -15.552 1.00 52.42 ? 64  ALA A N   1 
ATOM   502  C CA  . ALA A 1 64  ? -8.701  1.655   -15.972 1.00 64.70 ? 64  ALA A CA  1 
ATOM   503  C C   . ALA A 1 64  ? -9.066  1.152   -17.368 1.00 62.02 ? 64  ALA A C   1 
ATOM   504  O O   . ALA A 1 64  ? -10.244 1.076   -17.719 1.00 57.86 ? 64  ALA A O   1 
ATOM   505  C CB  . ALA A 1 64  ? -8.743  3.167   -15.939 1.00 2.00  ? 64  ALA A CB  1 
ATOM   506  N N   . GLN A 1 65  ? -8.050  0.810   -18.154 1.00 34.15 ? 65  GLN A N   1 
ATOM   507  C CA  . GLN A 1 65  ? -8.240  0.311   -19.517 1.00 42.67 ? 65  GLN A CA  1 
ATOM   508  C C   . GLN A 1 65  ? -8.352  -1.211  -19.585 1.00 44.17 ? 65  GLN A C   1 
ATOM   509  O O   . GLN A 1 65  ? -8.654  -1.773  -20.634 1.00 39.15 ? 65  GLN A O   1 
ATOM   510  C CB  . GLN A 1 65  ? -7.075  0.761   -20.390 1.00 26.42 ? 65  GLN A CB  1 
ATOM   511  C CG  . GLN A 1 65  ? -6.906  2.253   -20.434 1.00 40.27 ? 65  GLN A CG  1 
ATOM   512  C CD  . GLN A 1 65  ? -5.664  2.652   -21.184 1.00 50.54 ? 65  GLN A CD  1 
ATOM   513  O OE1 . GLN A 1 65  ? -5.418  2.165   -22.289 1.00 42.23 ? 65  GLN A OE1 1 
ATOM   514  N NE2 . GLN A 1 65  ? -4.870  3.542   -20.594 1.00 45.76 ? 65  GLN A NE2 1 
ATOM   515  N N   . MET A 1 66  ? -8.095  -1.869  -18.462 1.00 31.62 ? 66  MET A N   1 
ATOM   516  C CA  . MET A 1 66  ? -8.156  -3.318  -18.398 1.00 29.13 ? 66  MET A CA  1 
ATOM   517  C C   . MET A 1 66  ? -9.570  -3.811  -18.082 1.00 30.77 ? 66  MET A C   1 
ATOM   518  O O   . MET A 1 66  ? -10.320 -3.167  -17.346 1.00 31.48 ? 66  MET A O   1 
ATOM   519  C CB  . MET A 1 66  ? -7.171  -3.821  -17.338 1.00 29.42 ? 66  MET A CB  1 
ATOM   520  C CG  . MET A 1 66  ? -5.709  -3.480  -17.628 1.00 29.79 ? 66  MET A CG  1 
ATOM   521  S SD  . MET A 1 66  ? -4.534  -4.012  -16.332 1.00 28.18 ? 66  MET A SD  1 
ATOM   522  C CE  . MET A 1 66  ? -4.825  -5.800  -16.335 1.00 27.54 ? 66  MET A CE  1 
ATOM   523  N N   . SER A 1 67  ? -9.941  -4.949  -18.653 1.00 22.75 ? 67  SER A N   1 
ATOM   524  C CA  . SER A 1 67  ? -11.254 -5.520  -18.399 1.00 25.61 ? 67  SER A CA  1 
ATOM   525  C C   . SER A 1 67  ? -11.016 -6.727  -17.490 1.00 26.40 ? 67  SER A C   1 
ATOM   526  O O   . SER A 1 67  ? -9.897  -7.232  -17.404 1.00 19.39 ? 67  SER A O   1 
ATOM   527  C CB  . SER A 1 67  ? -11.918 -5.952  -19.711 1.00 30.86 ? 67  SER A CB  1 
ATOM   528  O OG  . SER A 1 67  ? -11.349 -7.150  -20.212 1.00 26.63 ? 67  SER A OG  1 
ATOM   529  N N   . VAL A 1 68  ? -12.053 -7.197  -16.812 1.00 16.21 ? 68  VAL A N   1 
ATOM   530  C CA  . VAL A 1 68  ? -11.877 -8.328  -15.912 1.00 17.31 ? 68  VAL A CA  1 
ATOM   531  C C   . VAL A 1 68  ? -11.327 -9.570  -16.593 1.00 23.29 ? 68  VAL A C   1 
ATOM   532  O O   . VAL A 1 68  ? -11.825 -9.989  -17.630 1.00 17.40 ? 68  VAL A O   1 
ATOM   533  C CB  . VAL A 1 68  ? -13.183 -8.701  -15.218 1.00 20.39 ? 68  VAL A CB  1 
ATOM   534  C CG1 . VAL A 1 68  ? -12.973 -9.942  -14.374 1.00 16.72 ? 68  VAL A CG1 1 
ATOM   535  C CG2 . VAL A 1 68  ? -13.648 -7.546  -14.358 1.00 21.02 ? 68  VAL A CG2 1 
ATOM   536  N N   . GLY A 1 69  ? -10.299 -10.153 -15.987 1.00 19.97 ? 69  GLY A N   1 
ATOM   537  C CA  . GLY A 1 69  ? -9.682  -11.347 -16.526 1.00 26.39 ? 69  GLY A CA  1 
ATOM   538  C C   . GLY A 1 69  ? -8.442  -11.049 -17.344 1.00 16.43 ? 69  GLY A C   1 
ATOM   539  O O   . GLY A 1 69  ? -7.620  -11.929 -17.598 1.00 19.16 ? 69  GLY A O   1 
ATOM   540  N N   . GLN A 1 70  ? -8.289  -9.806  -17.764 1.00 28.07 ? 70  GLN A N   1 
ATOM   541  C CA  . GLN A 1 70  ? -7.137  -9.457  -18.575 1.00 25.71 ? 70  GLN A CA  1 
ATOM   542  C C   . GLN A 1 70  ? -5.852  -9.354  -17.767 1.00 29.34 ? 70  GLN A C   1 
ATOM   543  O O   . GLN A 1 70  ? -5.876  -8.967  -16.603 1.00 26.74 ? 70  GLN A O   1 
ATOM   544  C CB  . GLN A 1 70  ? -7.400  -8.138  -19.296 1.00 17.59 ? 70  GLN A CB  1 
ATOM   545  C CG  . GLN A 1 70  ? -6.232  -7.619  -20.094 1.00 21.36 ? 70  GLN A CG  1 
ATOM   546  C CD  . GLN A 1 70  ? -6.534  -6.275  -20.692 1.00 22.80 ? 70  GLN A CD  1 
ATOM   547  O OE1 . GLN A 1 70  ? -7.529  -5.647  -20.335 1.00 23.05 ? 70  GLN A OE1 1 
ATOM   548  N NE2 . GLN A 1 70  ? -5.677  -5.811  -21.597 1.00 18.36 ? 70  GLN A NE2 1 
ATOM   549  N N   . ARG A 1 71  ? -4.739  -9.724  -18.394 1.00 28.23 ? 71  ARG A N   1 
ATOM   550  C CA  . ARG A 1 71  ? -3.413  -9.645  -17.782 1.00 28.93 ? 71  ARG A CA  1 
ATOM   551  C C   . ARG A 1 71  ? -2.544  -8.851  -18.755 1.00 29.00 ? 71  ARG A C   1 
ATOM   552  O O   . ARG A 1 71  ? -2.368  -9.247  -19.904 1.00 26.37 ? 71  ARG A O   1 
ATOM   553  C CB  . ARG A 1 71  ? -2.817  -11.034 -17.573 1.00 35.73 ? 71  ARG A CB  1 
ATOM   554  C CG  . ARG A 1 71  ? -1.389  -11.004 -17.076 1.00 39.65 ? 71  ARG A CG  1 
ATOM   555  C CD  . ARG A 1 71  ? -0.896  -12.393 -16.749 1.00 35.98 ? 71  ARG A CD  1 
ATOM   556  N NE  . ARG A 1 71  ? 0.486   -12.392 -16.287 1.00 38.22 ? 71  ARG A NE  1 
ATOM   557  C CZ  . ARG A 1 71  ? 1.072   -13.409 -15.660 1.00 42.91 ? 71  ARG A CZ  1 
ATOM   558  N NH1 . ARG A 1 71  ? 0.398   -14.524 -15.398 1.00 40.85 ? 71  ARG A NH1 1 
ATOM   559  N NH2 . ARG A 1 71  ? 2.338   -13.308 -15.282 1.00 34.13 ? 71  ARG A NH2 1 
ATOM   560  N N   . ALA A 1 72  ? -1.995  -7.734  -18.297 1.00 29.92 ? 72  ALA A N   1 
ATOM   561  C CA  . ALA A 1 72  ? -1.199  -6.896  -19.173 1.00 34.37 ? 72  ALA A CA  1 
ATOM   562  C C   . ALA A 1 72  ? 0.125   -6.459  -18.591 1.00 32.82 ? 72  ALA A C   1 
ATOM   563  O O   . ALA A 1 72  ? 0.374   -6.597  -17.394 1.00 30.74 ? 72  ALA A O   1 
ATOM   564  C CB  . ALA A 1 72  ? -2.007  -5.659  -19.566 1.00 3.58  ? 72  ALA A CB  1 
ATOM   565  N N   . LYS A 1 73  ? 0.959   -5.917  -19.472 1.00 14.67 ? 73  LYS A N   1 
ATOM   566  C CA  . LYS A 1 73  ? 2.268   -5.395  -19.122 1.00 18.16 ? 73  LYS A CA  1 
ATOM   567  C C   . LYS A 1 73  ? 2.152   -3.879  -19.167 1.00 17.68 ? 73  LYS A C   1 
ATOM   568  O O   . LYS A 1 73  ? 1.858   -3.310  -20.216 1.00 18.55 ? 73  LYS A O   1 
ATOM   569  C CB  . LYS A 1 73  ? 3.310   -5.839  -20.143 1.00 33.04 ? 73  LYS A CB  1 
ATOM   570  C CG  . LYS A 1 73  ? 4.667   -5.195  -19.923 1.00 34.75 ? 73  LYS A CG  1 
ATOM   571  C CD  . LYS A 1 73  ? 5.650   -5.564  -21.004 1.00 43.60 ? 73  LYS A CD  1 
ATOM   572  C CE  . LYS A 1 73  ? 7.002   -4.958  -20.710 1.00 53.24 ? 73  LYS A CE  1 
ATOM   573  N NZ  . LYS A 1 73  ? 7.984   -5.244  -21.785 1.00 62.34 ? 73  LYS A NZ  1 
ATOM   574  N N   . LEU A 1 74  ? 2.374   -3.226  -18.032 1.00 15.72 ? 74  LEU A N   1 
ATOM   575  C CA  . LEU A 1 74  ? 2.293   -1.773  -17.965 1.00 17.03 ? 74  LEU A CA  1 
ATOM   576  C C   . LEU A 1 74  ? 3.682   -1.144  -17.925 1.00 19.81 ? 74  LEU A C   1 
ATOM   577  O O   . LEU A 1 74  ? 4.484   -1.422  -17.015 1.00 15.04 ? 74  LEU A O   1 
ATOM   578  C CB  . LEU A 1 74  ? 1.500   -1.350  -16.722 1.00 7.70  ? 74  LEU A CB  1 
ATOM   579  C CG  . LEU A 1 74  ? -0.012  -1.117  -16.833 1.00 8.84  ? 74  LEU A CG  1 
ATOM   580  C CD1 . LEU A 1 74  ? -0.693  -2.298  -17.504 1.00 12.60 ? 74  LEU A CD1 1 
ATOM   581  C CD2 . LEU A 1 74  ? -0.577  -0.894  -15.447 1.00 9.77  ? 74  LEU A CD2 1 
ATOM   582  N N   . THR A 1 75  ? 3.980   -0.308  -18.918 1.00 12.90 ? 75  THR A N   1 
ATOM   583  C CA  . THR A 1 75  ? 5.274   0.371   -18.956 1.00 10.28 ? 75  THR A CA  1 
ATOM   584  C C   . THR A 1 75  ? 4.980   1.810   -18.612 1.00 11.76 ? 75  THR A C   1 
ATOM   585  O O   . THR A 1 75  ? 4.406   2.547   -19.413 1.00 13.48 ? 75  THR A O   1 
ATOM   586  C CB  . THR A 1 75  ? 5.915   0.294   -20.325 1.00 12.27 ? 75  THR A CB  1 
ATOM   587  O OG1 . THR A 1 75  ? 5.965   -1.076  -20.741 1.00 9.64  ? 75  THR A OG1 1 
ATOM   588  C CG2 . THR A 1 75  ? 7.321   0.846   -20.263 1.00 11.25 ? 75  THR A CG2 1 
ATOM   589  N N   . ILE A 1 76  ? 5.369   2.195   -17.404 1.00 21.41 ? 76  ILE A N   1 
ATOM   590  C CA  . ILE A 1 76  ? 5.092   3.522   -16.901 1.00 18.90 ? 76  ILE A CA  1 
ATOM   591  C C   . ILE A 1 76  ? 6.293   4.450   -16.881 1.00 18.18 ? 76  ILE A C   1 
ATOM   592  O O   . ILE A 1 76  ? 7.336   4.115   -16.316 1.00 22.38 ? 76  ILE A O   1 
ATOM   593  C CB  . ILE A 1 76  ? 4.516   3.411   -15.490 1.00 13.29 ? 76  ILE A CB  1 
ATOM   594  C CG1 . ILE A 1 76  ? 3.293   2.494   -15.519 1.00 11.80 ? 76  ILE A CG1 1 
ATOM   595  C CG2 . ILE A 1 76  ? 4.135   4.784   -14.965 1.00 11.69 ? 76  ILE A CG2 1 
ATOM   596  C CD1 . ILE A 1 76  ? 2.760   2.114   -14.157 1.00 10.24 ? 76  ILE A CD1 1 
ATOM   597  N N   . SER A 1 77  ? 6.138   5.618   -17.508 1.00 17.43 ? 77  SER A N   1 
ATOM   598  C CA  . SER A 1 77  ? 7.202   6.615   -17.541 1.00 26.68 ? 77  SER A CA  1 
ATOM   599  C C   . SER A 1 77  ? 7.343   7.156   -16.126 1.00 24.35 ? 77  SER A C   1 
ATOM   600  O O   . SER A 1 77  ? 6.396   7.114   -15.347 1.00 17.13 ? 77  SER A O   1 
ATOM   601  C CB  . SER A 1 77  ? 6.844   7.755   -18.499 1.00 56.68 ? 77  SER A CB  1 
ATOM   602  O OG  . SER A 1 77  ? 5.635   8.391   -18.122 1.00 54.90 ? 77  SER A OG  1 
ATOM   603  N N   . PRO A 1 78  ? 8.526   7.666   -15.770 1.00 54.90 ? 78  PRO A N   1 
ATOM   604  C CA  . PRO A 1 78  ? 8.726   8.203   -14.421 1.00 55.26 ? 78  PRO A CA  1 
ATOM   605  C C   . PRO A 1 78  ? 7.677   9.251   -14.059 1.00 52.53 ? 78  PRO A C   1 
ATOM   606  O O   . PRO A 1 78  ? 7.332   9.417   -12.889 1.00 50.61 ? 78  PRO A O   1 
ATOM   607  C CB  . PRO A 1 78  ? 10.134  8.793   -14.488 1.00 2.43  ? 78  PRO A CB  1 
ATOM   608  C CG  . PRO A 1 78  ? 10.817  7.919   -15.492 1.00 8.16  ? 78  PRO A CG  1 
ATOM   609  C CD  . PRO A 1 78  ? 9.760   7.762   -16.565 1.00 14.40 ? 78  PRO A CD  1 
ATOM   610  N N   . ASP A 1 79  ? 7.178   9.956   -15.074 1.00 14.69 ? 79  ASP A N   1 
ATOM   611  C CA  . ASP A 1 79  ? 6.165   10.994  -14.878 1.00 27.52 ? 79  ASP A CA  1 
ATOM   612  C C   . ASP A 1 79  ? 4.911   10.431  -14.226 1.00 21.08 ? 79  ASP A C   1 
ATOM   613  O O   . ASP A 1 79  ? 4.269   11.101  -13.424 1.00 16.24 ? 79  ASP A O   1 
ATOM   614  C CB  . ASP A 1 79  ? 5.787   11.631  -16.217 1.00 76.49 ? 79  ASP A CB  1 
ATOM   615  C CG  . ASP A 1 79  ? 6.824   12.607  -16.710 1.00 90.91 ? 79  ASP A CG  1 
ATOM   616  O OD1 . ASP A 1 79  ? 7.801   12.857  -15.975 1.00 90.86 ? 79  ASP A OD1 1 
ATOM   617  O OD2 . ASP A 1 79  ? 6.659   13.129  -17.830 1.00 96.40 ? 79  ASP A OD2 1 
ATOM   618  N N   . TYR A 1 80  ? 4.570   9.199   -14.588 1.00 19.19 ? 80  TYR A N   1 
ATOM   619  C CA  . TYR A 1 80  ? 3.399   8.529   -14.055 1.00 20.21 ? 80  TYR A CA  1 
ATOM   620  C C   . TYR A 1 80  ? 3.756   7.595   -12.913 1.00 12.34 ? 80  TYR A C   1 
ATOM   621  O O   . TYR A 1 80  ? 2.888   6.914   -12.375 1.00 11.42 ? 80  TYR A O   1 
ATOM   622  C CB  . TYR A 1 80  ? 2.709   7.749   -15.161 1.00 29.27 ? 80  TYR A CB  1 
ATOM   623  C CG  . TYR A 1 80  ? 1.951   8.629   -16.115 1.00 41.45 ? 80  TYR A CG  1 
ATOM   624  C CD1 . TYR A 1 80  ? 2.554   9.739   -16.707 1.00 49.11 ? 80  TYR A CD1 1 
ATOM   625  C CD2 . TYR A 1 80  ? 0.620   8.360   -16.427 1.00 35.15 ? 80  TYR A CD2 1 
ATOM   626  C CE1 . TYR A 1 80  ? 1.845   10.559  -17.584 1.00 46.95 ? 80  TYR A CE1 1 
ATOM   627  C CE2 . TYR A 1 80  ? -0.094  9.171   -17.302 1.00 35.69 ? 80  TYR A CE2 1 
ATOM   628  C CZ  . TYR A 1 80  ? 0.522   10.264  -17.873 1.00 48.89 ? 80  TYR A CZ  1 
ATOM   629  O OH  . TYR A 1 80  ? -0.197  11.053  -18.732 1.00 45.97 ? 80  TYR A OH  1 
ATOM   630  N N   . ALA A 1 81  ? 5.031   7.570   -12.545 1.00 22.97 ? 81  ALA A N   1 
ATOM   631  C CA  . ALA A 1 81  ? 5.490   6.724   -11.453 1.00 26.22 ? 81  ALA A CA  1 
ATOM   632  C C   . ALA A 1 81  ? 6.015   7.584   -10.306 1.00 25.75 ? 81  ALA A C   1 
ATOM   633  O O   . ALA A 1 81  ? 5.260   8.361   -9.720  1.00 22.03 ? 81  ALA A O   1 
ATOM   634  C CB  . ALA A 1 81  ? 6.579   5.761   -11.940 1.00 22.43 ? 81  ALA A CB  1 
ATOM   635  N N   . TYR A 1 82  ? 7.308   7.474   -10.001 1.00 41.44 ? 82  TYR A N   1 
ATOM   636  C CA  . TYR A 1 82  ? 7.880   8.233   -8.888  1.00 44.05 ? 82  TYR A CA  1 
ATOM   637  C C   . TYR A 1 82  ? 8.779   9.440   -9.184  1.00 48.24 ? 82  TYR A C   1 
ATOM   638  O O   . TYR A 1 82  ? 9.526   9.889   -8.314  1.00 49.68 ? 82  TYR A O   1 
ATOM   639  C CB  . TYR A 1 82  ? 8.587   7.256   -7.947  1.00 52.75 ? 82  TYR A CB  1 
ATOM   640  C CG  . TYR A 1 82  ? 7.614   6.251   -7.387  1.00 54.01 ? 82  TYR A CG  1 
ATOM   641  C CD1 . TYR A 1 82  ? 6.461   6.673   -6.729  1.00 56.28 ? 82  TYR A CD1 1 
ATOM   642  C CD2 . TYR A 1 82  ? 7.793   4.891   -7.586  1.00 48.41 ? 82  TYR A CD2 1 
ATOM   643  C CE1 . TYR A 1 82  ? 5.505   5.770   -6.292  1.00 50.77 ? 82  TYR A CE1 1 
ATOM   644  C CE2 . TYR A 1 82  ? 6.836   3.970   -7.150  1.00 44.33 ? 82  TYR A CE2 1 
ATOM   645  C CZ  . TYR A 1 82  ? 5.693   4.419   -6.506  1.00 50.94 ? 82  TYR A CZ  1 
ATOM   646  O OH  . TYR A 1 82  ? 4.727   3.525   -6.097  1.00 47.64 ? 82  TYR A OH  1 
ATOM   647  N N   . GLY A 1 83  ? 8.690   9.966   -10.401 1.00 16.96 ? 83  GLY A N   1 
ATOM   648  C CA  . GLY A 1 83  ? 9.468   11.132  -10.783 1.00 26.24 ? 83  GLY A CA  1 
ATOM   649  C C   . GLY A 1 83  ? 10.940  11.175  -10.406 1.00 31.59 ? 83  GLY A C   1 
ATOM   650  O O   . GLY A 1 83  ? 11.605  10.144  -10.290 1.00 26.36 ? 83  GLY A O   1 
ATOM   651  N N   . ALA A 1 84  ? 11.443  12.390  -10.218 1.00 41.44 ? 84  ALA A N   1 
ATOM   652  C CA  . ALA A 1 84  ? 12.841  12.610  -9.879  1.00 43.85 ? 84  ALA A CA  1 
ATOM   653  C C   . ALA A 1 84  ? 13.157  12.127  -8.478  1.00 43.58 ? 84  ALA A C   1 
ATOM   654  O O   . ALA A 1 84  ? 14.306  11.812  -8.153  1.00 40.94 ? 84  ALA A O   1 
ATOM   655  C CB  . ALA A 1 84  ? 13.167  14.088  -10.001 1.00 67.24 ? 84  ALA A CB  1 
ATOM   656  N N   . THR A 1 85  ? 12.128  12.072  -7.648  1.00 32.13 ? 85  THR A N   1 
ATOM   657  C CA  . THR A 1 85  ? 12.289  11.638  -6.273  1.00 41.34 ? 85  THR A CA  1 
ATOM   658  C C   . THR A 1 85  ? 12.506  10.137  -6.165  1.00 37.87 ? 85  THR A C   1 
ATOM   659  O O   . THR A 1 85  ? 13.389  9.675   -5.445  1.00 31.19 ? 85  THR A O   1 
ATOM   660  C CB  . THR A 1 85  ? 11.052  11.973  -5.456  1.00 48.61 ? 85  THR A CB  1 
ATOM   661  O OG1 . THR A 1 85  ? 10.587  13.278  -5.814  1.00 50.83 ? 85  THR A OG1 1 
ATOM   662  C CG2 . THR A 1 85  ? 11.378  11.934  -3.973  1.00 39.61 ? 85  THR A CG2 1 
ATOM   663  N N   . GLY A 1 86  ? 11.695  9.375   -6.888  1.00 27.53 ? 86  GLY A N   1 
ATOM   664  C CA  . GLY A 1 86  ? 11.805  7.934   -6.811  1.00 18.23 ? 86  GLY A CA  1 
ATOM   665  C C   . GLY A 1 86  ? 11.324  7.599   -5.417  1.00 26.23 ? 86  GLY A C   1 
ATOM   666  O O   . GLY A 1 86  ? 10.647  8.423   -4.788  1.00 27.73 ? 86  GLY A O   1 
ATOM   667  N N   . HIS A 1 87  ? 11.651  6.404   -4.934  1.00 27.04 ? 87  HIS A N   1 
ATOM   668  C CA  . HIS A 1 87  ? 11.262  6.009   -3.587  1.00 30.09 ? 87  HIS A CA  1 
ATOM   669  C C   . HIS A 1 87  ? 12.497  5.489   -2.860  1.00 31.10 ? 87  HIS A C   1 
ATOM   670  O O   . HIS A 1 87  ? 12.891  4.335   -3.012  1.00 23.49 ? 87  HIS A O   1 
ATOM   671  C CB  . HIS A 1 87  ? 10.175  4.938   -3.620  1.00 36.32 ? 87  HIS A CB  1 
ATOM   672  C CG  . HIS A 1 87  ? 9.407   4.834   -2.340  1.00 37.43 ? 87  HIS A CG  1 
ATOM   673  N ND1 . HIS A 1 87  ? 8.699   5.893   -1.815  1.00 52.81 ? 87  HIS A ND1 1 
ATOM   674  C CD2 . HIS A 1 87  ? 9.273   3.815   -1.459  1.00 40.26 ? 87  HIS A CD2 1 
ATOM   675  C CE1 . HIS A 1 87  ? 8.164   5.533   -0.663  1.00 45.99 ? 87  HIS A CE1 1 
ATOM   676  N NE2 . HIS A 1 87  ? 8.497   4.276   -0.423  1.00 49.66 ? 87  HIS A NE2 1 
ATOM   677  N N   . PRO A 1 88  ? 13.121  6.352   -2.052  1.00 56.82 ? 88  PRO A N   1 
ATOM   678  C CA  . PRO A 1 88  ? 14.324  6.068   -1.268  1.00 52.91 ? 88  PRO A CA  1 
ATOM   679  C C   . PRO A 1 88  ? 14.566  4.602   -0.915  1.00 37.48 ? 88  PRO A C   1 
ATOM   680  O O   . PRO A 1 88  ? 13.756  3.970   -0.237  1.00 55.10 ? 88  PRO A O   1 
ATOM   681  C CB  . PRO A 1 88  ? 14.125  6.940   -0.040  1.00 44.62 ? 88  PRO A CB  1 
ATOM   682  C CG  . PRO A 1 88  ? 13.521  8.168   -0.641  1.00 40.28 ? 88  PRO A CG  1 
ATOM   683  C CD  . PRO A 1 88  ? 12.491  7.607   -1.601  1.00 43.11 ? 88  PRO A CD  1 
ATOM   684  N N   . GLY A 1 89  ? 15.690  4.069   -1.385  1.00 22.88 ? 89  GLY A N   1 
ATOM   685  C CA  . GLY A 1 89  ? 16.034  2.690   -1.096  1.00 17.22 ? 89  GLY A CA  1 
ATOM   686  C C   . GLY A 1 89  ? 15.281  1.632   -1.879  1.00 20.19 ? 89  GLY A C   1 
ATOM   687  O O   . GLY A 1 89  ? 15.596  0.457   -1.753  1.00 16.40 ? 89  GLY A O   1 
ATOM   688  N N   . ILE A 1 90  ? 14.290  2.020   -2.679  1.00 39.36 ? 90  ILE A N   1 
ATOM   689  C CA  . ILE A 1 90  ? 13.539  1.040   -3.461  1.00 46.32 ? 90  ILE A CA  1 
ATOM   690  C C   . ILE A 1 90  ? 13.525  1.378   -4.953  1.00 39.67 ? 90  ILE A C   1 
ATOM   691  O O   . ILE A 1 90  ? 14.034  0.618   -5.773  1.00 41.12 ? 90  ILE A O   1 
ATOM   692  C CB  . ILE A 1 90  ? 12.076  0.928   -2.966  1.00 22.00 ? 90  ILE A CB  1 
ATOM   693  C CG1 . ILE A 1 90  ? 12.048  0.775   -1.447  1.00 23.75 ? 90  ILE A CG1 1 
ATOM   694  C CG2 . ILE A 1 90  ? 11.393  -0.302  -3.597  1.00 12.61 ? 90  ILE A CG2 1 
ATOM   695  C CD1 . ILE A 1 90  ? 10.658  0.635   -0.888  1.00 30.61 ? 90  ILE A CD1 1 
ATOM   696  N N   . ILE A 1 91  ? 12.939  2.523   -5.289  1.00 18.15 ? 91  ILE A N   1 
ATOM   697  C CA  . ILE A 1 91  ? 12.829  3.004   -6.668  1.00 25.88 ? 91  ILE A CA  1 
ATOM   698  C C   . ILE A 1 91  ? 13.723  4.225   -6.843  1.00 27.93 ? 91  ILE A C   1 
ATOM   699  O O   . ILE A 1 91  ? 13.561  5.211   -6.132  1.00 17.86 ? 91  ILE A O   1 
ATOM   700  C CB  . ILE A 1 91  ? 11.396  3.462   -6.995  1.00 13.05 ? 91  ILE A CB  1 
ATOM   701  C CG1 . ILE A 1 91  ? 10.384  2.484   -6.405  1.00 11.51 ? 91  ILE A CG1 1 
ATOM   702  C CG2 . ILE A 1 91  ? 11.220  3.575   -8.488  1.00 11.54 ? 91  ILE A CG2 1 
ATOM   703  C CD1 . ILE A 1 91  ? 10.540  1.087   -6.908  1.00 4.05  ? 91  ILE A CD1 1 
ATOM   704  N N   . PRO A 1 92  ? 14.665  4.181   -7.801  1.00 30.46 ? 92  PRO A N   1 
ATOM   705  C CA  . PRO A 1 92  ? 15.602  5.283   -8.089  1.00 27.28 ? 92  PRO A CA  1 
ATOM   706  C C   . PRO A 1 92  ? 14.908  6.460   -8.766  1.00 30.61 ? 92  PRO A C   1 
ATOM   707  O O   . PRO A 1 92  ? 13.724  6.393   -9.084  1.00 23.72 ? 92  PRO A O   1 
ATOM   708  C CB  . PRO A 1 92  ? 16.623  4.646   -9.028  1.00 11.45 ? 92  PRO A CB  1 
ATOM   709  C CG  . PRO A 1 92  ? 16.471  3.166   -8.787  1.00 21.43 ? 92  PRO A CG  1 
ATOM   710  C CD  . PRO A 1 92  ? 14.989  3.002   -8.618  1.00 16.06 ? 92  PRO A CD  1 
ATOM   711  N N   . PRO A 1 93  ? 15.634  7.563   -8.983  1.00 50.19 ? 93  PRO A N   1 
ATOM   712  C CA  . PRO A 1 93  ? 15.001  8.708   -9.641  1.00 53.53 ? 93  PRO A CA  1 
ATOM   713  C C   . PRO A 1 93  ? 14.915  8.474   -11.148 1.00 35.83 ? 93  PRO A C   1 
ATOM   714  O O   . PRO A 1 93  ? 15.751  7.781   -11.727 1.00 52.58 ? 93  PRO A O   1 
ATOM   715  C CB  . PRO A 1 93  ? 15.938  9.870   -9.302  1.00 24.35 ? 93  PRO A CB  1 
ATOM   716  C CG  . PRO A 1 93  ? 16.603  9.432   -8.034  1.00 26.56 ? 93  PRO A CG  1 
ATOM   717  C CD  . PRO A 1 93  ? 16.870  7.974   -8.302  1.00 21.53 ? 93  PRO A CD  1 
ATOM   718  N N   . HIS A 1 94  ? 13.899  9.044   -11.779 1.00 29.78 ? 94  HIS A N   1 
ATOM   719  C CA  . HIS A 1 94  ? 13.722  8.911   -13.220 1.00 38.52 ? 94  HIS A CA  1 
ATOM   720  C C   . HIS A 1 94  ? 13.640  7.461   -13.659 1.00 45.40 ? 94  HIS A C   1 
ATOM   721  O O   . HIS A 1 94  ? 14.112  7.104   -14.737 1.00 38.95 ? 94  HIS A O   1 
ATOM   722  C CB  . HIS A 1 94  ? 14.884  9.582   -13.931 1.00 40.61 ? 94  HIS A CB  1 
ATOM   723  C CG  . HIS A 1 94  ? 15.267  10.892  -13.330 1.00 34.85 ? 94  HIS A CG  1 
ATOM   724  N ND1 . HIS A 1 94  ? 14.363  11.915  -13.146 1.00 36.28 ? 94  HIS A ND1 1 
ATOM   725  C CD2 . HIS A 1 94  ? 16.448  11.338  -12.845 1.00 34.46 ? 94  HIS A CD2 1 
ATOM   726  C CE1 . HIS A 1 94  ? 14.971  12.936  -12.572 1.00 40.88 ? 94  HIS A CE1 1 
ATOM   727  N NE2 . HIS A 1 94  ? 16.237  12.612  -12.377 1.00 33.58 ? 94  HIS A NE2 1 
ATOM   728  N N   . ALA A 1 95  ? 13.028  6.627   -12.833 1.00 28.66 ? 95  ALA A N   1 
ATOM   729  C CA  . ALA A 1 95  ? 12.918  5.214   -13.149 1.00 26.76 ? 95  ALA A CA  1 
ATOM   730  C C   . ALA A 1 95  ? 11.683  4.867   -13.972 1.00 28.31 ? 95  ALA A C   1 
ATOM   731  O O   . ALA A 1 95  ? 10.581  5.307   -13.650 1.00 24.13 ? 95  ALA A O   1 
ATOM   732  C CB  . ALA A 1 95  ? 12.918  4.396   -11.845 1.00 20.31 ? 95  ALA A CB  1 
ATOM   733  N N   . THR A 1 96  ? 11.859  4.109   -15.052 1.00 34.25 ? 96  THR A N   1 
ATOM   734  C CA  . THR A 1 96  ? 10.698  3.669   -15.821 1.00 28.62 ? 96  THR A CA  1 
ATOM   735  C C   . THR A 1 96  ? 10.377  2.369   -15.101 1.00 34.78 ? 96  THR A C   1 
ATOM   736  O O   . THR A 1 96  ? 11.288  1.590   -14.796 1.00 30.75 ? 96  THR A O   1 
ATOM   737  C CB  . THR A 1 96  ? 11.017  3.342   -17.302 1.00 24.43 ? 96  THR A CB  1 
ATOM   738  O OG1 . THR A 1 96  ? 11.138  4.551   -18.063 1.00 23.14 ? 96  THR A OG1 1 
ATOM   739  C CG2 . THR A 1 96  ? 9.906   2.511   -17.904 1.00 20.87 ? 96  THR A CG2 1 
ATOM   740  N N   . LEU A 1 97  ? 9.107   2.140   -14.800 1.00 8.53  ? 97  LEU A N   1 
ATOM   741  C CA  . LEU A 1 97  ? 8.730   0.923   -14.100 1.00 10.65 ? 97  LEU A CA  1 
ATOM   742  C C   . LEU A 1 97  ? 7.925   0.031   -15.014 1.00 5.25  ? 97  LEU A C   1 
ATOM   743  O O   . LEU A 1 97  ? 7.215   0.509   -15.896 1.00 8.49  ? 97  LEU A O   1 
ATOM   744  C CB  . LEU A 1 97  ? 7.888   1.249   -12.868 1.00 8.50  ? 97  LEU A CB  1 
ATOM   745  C CG  . LEU A 1 97  ? 8.411   2.292   -11.884 1.00 13.18 ? 97  LEU A CG  1 
ATOM   746  C CD1 . LEU A 1 97  ? 7.461   2.370   -10.700 1.00 10.31 ? 97  LEU A CD1 1 
ATOM   747  C CD2 . LEU A 1 97  ? 9.821   1.925   -11.434 1.00 10.69 ? 97  LEU A CD2 1 
ATOM   748  N N   . VAL A 1 98  ? 8.022   -1.270  -14.803 1.00 13.31 ? 98  VAL A N   1 
ATOM   749  C CA  . VAL A 1 98  ? 7.264   -2.201  -15.618 1.00 7.72  ? 98  VAL A CA  1 
ATOM   750  C C   . VAL A 1 98  ? 6.506   -3.098  -14.675 1.00 10.24 ? 98  VAL A C   1 
ATOM   751  O O   . VAL A 1 98  ? 7.119   -3.773  -13.859 1.00 9.75  ? 98  VAL A O   1 
ATOM   752  C CB  . VAL A 1 98  ? 8.197   -3.057  -16.509 1.00 28.35 ? 98  VAL A CB  1 
ATOM   753  C CG1 . VAL A 1 98  ? 7.587   -4.417  -16.755 1.00 23.70 ? 98  VAL A CG1 1 
ATOM   754  C CG2 . VAL A 1 98  ? 8.415   -2.355  -17.835 1.00 27.36 ? 98  VAL A CG2 1 
ATOM   755  N N   . PHE A 1 99  ? 5.180   -3.095  -14.770 1.00 15.91 ? 99  PHE A N   1 
ATOM   756  C CA  . PHE A 1 99  ? 4.357   -3.941  -13.914 1.00 18.09 ? 99  PHE A CA  1 
ATOM   757  C C   . PHE A 1 99  ? 3.615   -5.003  -14.709 1.00 18.75 ? 99  PHE A C   1 
ATOM   758  O O   . PHE A 1 99  ? 3.058   -4.730  -15.776 1.00 22.95 ? 99  PHE A O   1 
ATOM   759  C CB  . PHE A 1 99  ? 3.309   -3.126  -13.154 1.00 2.00  ? 99  PHE A CB  1 
ATOM   760  C CG  . PHE A 1 99  ? 3.859   -2.309  -12.021 1.00 2.00  ? 99  PHE A CG  1 
ATOM   761  C CD1 . PHE A 1 99  ? 4.487   -1.090  -12.258 1.00 6.62  ? 99  PHE A CD1 1 
ATOM   762  C CD2 . PHE A 1 99  ? 3.744   -2.757  -10.713 1.00 2.69  ? 99  PHE A CD2 1 
ATOM   763  C CE1 . PHE A 1 99  ? 4.990   -0.331  -11.198 1.00 11.07 ? 99  PHE A CE1 1 
ATOM   764  C CE2 . PHE A 1 99  ? 4.247   -2.004  -9.653  1.00 3.57  ? 99  PHE A CE2 1 
ATOM   765  C CZ  . PHE A 1 99  ? 4.867   -0.796  -9.894  1.00 4.87  ? 99  PHE A CZ  1 
ATOM   766  N N   . ASP A 1 100 ? 3.619   -6.221  -14.183 1.00 32.06 ? 100 ASP A N   1 
ATOM   767  C CA  . ASP A 1 100 ? 2.900   -7.323  -14.802 1.00 32.65 ? 100 ASP A CA  1 
ATOM   768  C C   . ASP A 1 100 ? 1.660   -7.406  -13.932 1.00 33.22 ? 100 ASP A C   1 
ATOM   769  O O   . ASP A 1 100 ? 1.714   -7.923  -12.817 1.00 33.85 ? 100 ASP A O   1 
ATOM   770  C CB  . ASP A 1 100 ? 3.699   -8.617  -14.690 1.00 10.81 ? 100 ASP A CB  1 
ATOM   771  C CG  . ASP A 1 100 ? 2.927   -9.818  -15.196 1.00 21.85 ? 100 ASP A CG  1 
ATOM   772  O OD1 . ASP A 1 100 ? 1.683   -9.737  -15.273 1.00 17.52 ? 100 ASP A OD1 1 
ATOM   773  O OD2 . ASP A 1 100 ? 3.559   -10.849 -15.501 1.00 26.26 ? 100 ASP A OD2 1 
ATOM   774  N N   . VAL A 1 101 ? 0.543   -6.896  -14.430 1.00 9.41  ? 101 VAL A N   1 
ATOM   775  C CA  . VAL A 1 101 ? -0.678  -6.887  -13.634 1.00 12.20 ? 101 VAL A CA  1 
ATOM   776  C C   . VAL A 1 101 ? -1.845  -7.689  -14.195 1.00 15.87 ? 101 VAL A C   1 
ATOM   777  O O   . VAL A 1 101 ? -2.161  -7.594  -15.377 1.00 19.35 ? 101 VAL A O   1 
ATOM   778  C CB  . VAL A 1 101 ? -1.134  -5.397  -13.340 1.00 26.50 ? 101 VAL A CB  1 
ATOM   779  C CG1 . VAL A 1 101 ? -0.787  -4.484  -14.515 1.00 17.94 ? 101 VAL A CG1 1 
ATOM   780  C CG2 . VAL A 1 101 ? -2.633  -5.339  -13.065 1.00 19.80 ? 101 VAL A CG2 1 
ATOM   781  N N   . GLU A 1 102 ? -2.466  -8.493  -13.330 1.00 28.11 ? 102 GLU A N   1 
ATOM   782  C CA  . GLU A 1 102 ? -3.628  -9.301  -13.703 1.00 29.23 ? 102 GLU A CA  1 
ATOM   783  C C   . GLU A 1 102 ? -4.857  -8.811  -12.935 1.00 33.33 ? 102 GLU A C   1 
ATOM   784  O O   . GLU A 1 102 ? -4.877  -8.814  -11.700 1.00 28.99 ? 102 GLU A O   1 
ATOM   785  C CB  . GLU A 1 102 ? -3.413  -10.786 -13.384 1.00 33.10 ? 102 GLU A CB  1 
ATOM   786  C CG  . GLU A 1 102 ? -4.470  -11.681 -14.033 1.00 36.27 ? 102 GLU A CG  1 
ATOM   787  C CD  . GLU A 1 102 ? -4.351  -13.158 -13.670 1.00 42.47 ? 102 GLU A CD  1 
ATOM   788  O OE1 . GLU A 1 102 ? -3.235  -13.616 -13.353 1.00 39.52 ? 102 GLU A OE1 1 
ATOM   789  O OE2 . GLU A 1 102 ? -5.379  -13.871 -13.720 1.00 41.40 ? 102 GLU A OE2 1 
ATOM   790  N N   . LEU A 1 103 ? -5.873  -8.371  -13.667 1.00 46.86 ? 103 LEU A N   1 
ATOM   791  C CA  . LEU A 1 103 ? -7.100  -7.901  -13.044 1.00 49.00 ? 103 LEU A CA  1 
ATOM   792  C C   . LEU A 1 103 ? -7.960  -9.139  -12.816 1.00 47.97 ? 103 LEU A C   1 
ATOM   793  O O   . LEU A 1 103 ? -8.518  -9.692  -13.754 1.00 51.39 ? 103 LEU A O   1 
ATOM   794  C CB  . LEU A 1 103 ? -7.798  -6.901  -13.969 1.00 18.84 ? 103 LEU A CB  1 
ATOM   795  C CG  . LEU A 1 103 ? -9.151  -6.355  -13.521 1.00 18.82 ? 103 LEU A CG  1 
ATOM   796  C CD1 . LEU A 1 103 ? -9.108  -5.959  -12.048 1.00 25.09 ? 103 LEU A CD1 1 
ATOM   797  C CD2 . LEU A 1 103 ? -9.513  -5.171  -14.395 1.00 25.79 ? 103 LEU A CD2 1 
ATOM   798  N N   . LEU A 1 104 ? -8.051  -9.578  -11.568 1.00 40.41 ? 104 LEU A N   1 
ATOM   799  C CA  . LEU A 1 104 ? -8.804  -10.784 -11.221 1.00 48.41 ? 104 LEU A CA  1 
ATOM   800  C C   . LEU A 1 104 ? -10.318 -10.608 -11.118 1.00 54.33 ? 104 LEU A C   1 
ATOM   801  O O   . LEU A 1 104 ? -11.086 -11.360 -11.728 1.00 49.36 ? 104 LEU A O   1 
ATOM   802  C CB  . LEU A 1 104 ? -8.271  -11.354 -9.903  1.00 19.93 ? 104 LEU A CB  1 
ATOM   803  C CG  . LEU A 1 104 ? -6.765  -11.616 -9.877  1.00 17.40 ? 104 LEU A CG  1 
ATOM   804  C CD1 . LEU A 1 104 ? -6.324  -11.989 -8.479  1.00 19.83 ? 104 LEU A CD1 1 
ATOM   805  C CD2 . LEU A 1 104 ? -6.436  -12.717 -10.859 1.00 14.01 ? 104 LEU A CD2 1 
ATOM   806  N N   . LYS A 1 105 ? -10.745 -9.634  -10.326 1.00 56.97 ? 105 LYS A N   1 
ATOM   807  C CA  . LYS A 1 105 ? -12.164 -9.371  -10.162 1.00 65.72 ? 105 LYS A CA  1 
ATOM   808  C C   . LYS A 1 105 ? -12.456 -7.952  -9.707  1.00 64.67 ? 105 LYS A C   1 
ATOM   809  O O   . LYS A 1 105 ? -11.555 -7.147  -9.477  1.00 57.43 ? 105 LYS A O   1 
ATOM   810  C CB  . LYS A 1 105 ? -12.777 -10.363 -9.172  1.00 51.24 ? 105 LYS A CB  1 
ATOM   811  C CG  . LYS A 1 105 ? -12.156 -10.386 -7.785  1.00 48.76 ? 105 LYS A CG  1 
ATOM   812  C CD  . LYS A 1 105 ? -12.928 -11.349 -6.878  1.00 50.85 ? 105 LYS A CD  1 
ATOM   813  C CE  . LYS A 1 105 ? -12.410 -11.353 -5.441  1.00 72.07 ? 105 LYS A CE  1 
ATOM   814  N NZ  . LYS A 1 105 ? -11.045 -11.934 -5.298  1.00 81.40 ? 105 LYS A NZ  1 
ATOM   815  N N   . LEU A 1 106 ? -13.738 -7.650  -9.600  1.00 46.38 ? 106 LEU A N   1 
ATOM   816  C CA  . LEU A 1 106 ? -14.186 -6.347  -9.157  1.00 49.15 ? 106 LEU A CA  1 
ATOM   817  C C   . LEU A 1 106 ? -15.195 -6.581  -8.048  1.00 56.18 ? 106 LEU A C   1 
ATOM   818  O O   . LEU A 1 106 ? -16.076 -7.435  -8.169  1.00 58.64 ? 106 LEU A O   1 
ATOM   819  C CB  . LEU A 1 106 ? -14.840 -5.594  -10.313 1.00 15.86 ? 106 LEU A CB  1 
ATOM   820  C CG  . LEU A 1 106 ? -13.882 -5.105  -11.400 1.00 23.33 ? 106 LEU A CG  1 
ATOM   821  C CD1 . LEU A 1 106 ? -14.657 -4.546  -12.575 1.00 18.04 ? 106 LEU A CD1 1 
ATOM   822  C CD2 . LEU A 1 106 ? -12.970 -4.025  -10.813 1.00 11.99 ? 106 LEU A CD2 1 
ATOM   823  N N   . GLU A 1 107 ? -15.045 -5.846  -6.955  1.00 36.23 ? 107 GLU A N   1 
ATOM   824  C CA  . GLU A 1 107 ? -15.962 -5.965  -5.830  1.00 40.59 ? 107 GLU A CA  1 
ATOM   825  C C   . GLU A 1 107 ? -16.310 -4.580  -5.279  1.00 45.90 ? 107 GLU A C   1 
ATOM   826  O O   . GLU A 1 107 ? -16.138 -3.593  -6.030  1.00 38.96 ? 107 GLU A O   1 
ATOM   827  C CB  . GLU A 1 107 ? -15.371 -6.875  -4.738  1.00 73.07 ? 107 GLU A CB  1 
ATOM   828  C CG  . GLU A 1 107 ? -13.954 -6.548  -4.294  1.00 65.23 ? 107 GLU A CG  1 
ATOM   829  C CD  . GLU A 1 107 ? -13.424 -7.533  -3.258  1.00 74.73 ? 107 GLU A CD  1 
ATOM   830  O OE1 . GLU A 1 107 ? -13.315 -8.736  -3.574  1.00 72.30 ? 107 GLU A OE1 1 
ATOM   831  O OE2 . GLU A 1 107 ? -13.116 -7.107  -2.123  1.00 83.08 ? 107 GLU A OE2 1 
ATOM   832  O OXT . GLU A 1 107 ? -16.780 -4.493  -4.123  1.00 81.34 ? 107 GLU A OXT 1 
ATOM   833  N N   . VAL B 2 1   ? -10.910 14.736  25.790  1.00 52.16 ? 108 VAL B N   1 
ATOM   834  C CA  . VAL B 2 1   ? -10.987 14.182  24.402  1.00 44.33 ? 108 VAL B CA  1 
ATOM   835  C C   . VAL B 2 1   ? -11.437 12.725  24.436  1.00 34.70 ? 108 VAL B C   1 
ATOM   836  O O   . VAL B 2 1   ? -10.803 11.885  25.068  1.00 37.88 ? 108 VAL B O   1 
ATOM   837  C CB  . VAL B 2 1   ? -9.604  14.254  23.681  1.00 51.75 ? 108 VAL B CB  1 
ATOM   838  C CG1 . VAL B 2 1   ? -9.699  13.646  22.285  1.00 39.24 ? 108 VAL B CG1 1 
ATOM   839  C CG2 . VAL B 2 1   ? -9.134  15.698  23.590  1.00 77.86 ? 108 VAL B CG2 1 
ATOM   840  N N   . ALA B 2 2   ? -12.536 12.426  23.759  1.00 42.23 ? 109 ALA B N   1 
ATOM   841  C CA  . ALA B 2 2   ? -13.036 11.062  23.719  1.00 45.19 ? 109 ALA B CA  1 
ATOM   842  C C   . ALA B 2 2   ? -13.117 10.569  22.274  1.00 42.30 ? 109 ALA B C   1 
ATOM   843  O O   . ALA B 2 2   ? -13.837 11.133  21.444  1.00 37.61 ? 109 ALA B O   1 
ATOM   844  C CB  . ALA B 2 2   ? -14.406 10.988  24.381  1.00 47.40 ? 109 ALA B CB  1 
ATOM   845  N N   . ILE B 2 3   ? -12.361 9.520   21.973  1.00 45.02 ? 110 ILE B N   1 
ATOM   846  C CA  . ILE B 2 3   ? -12.363 8.953   20.638  1.00 43.94 ? 110 ILE B CA  1 
ATOM   847  C C   . ILE B 2 3   ? -12.055 7.467   20.710  1.00 39.99 ? 110 ILE B C   1 
ATOM   848  O O   . ILE B 2 3   ? -11.195 7.038   21.479  1.00 44.31 ? 110 ILE B O   1 
ATOM   849  C CB  . ILE B 2 3   ? -11.337 9.637   19.750  1.00 27.45 ? 110 ILE B CB  1 
ATOM   850  C CG1 . ILE B 2 3   ? -11.454 9.096   18.329  1.00 30.58 ? 110 ILE B CG1 1 
ATOM   851  C CG2 . ILE B 2 3   ? -9.944  9.413   20.300  1.00 30.99 ? 110 ILE B CG2 1 
ATOM   852  C CD1 . ILE B 2 3   ? -10.542 9.794   17.333  1.00 32.80 ? 110 ILE B CD1 1 
ATOM   853  N N   . LEU B 2 4   ? -12.770 6.687   19.907  1.00 31.64 ? 111 LEU B N   1 
ATOM   854  C CA  . LEU B 2 4   ? -12.602 5.245   19.882  1.00 35.02 ? 111 LEU B CA  1 
ATOM   855  C C   . LEU B 2 4   ? -11.301 4.837   19.223  1.00 37.64 ? 111 LEU B C   1 
ATOM   856  O O   . LEU B 2 4   ? -10.868 5.447   18.251  1.00 33.07 ? 111 LEU B O   1 
ATOM   857  C CB  . LEU B 2 4   ? -13.753 4.600   19.124  1.00 2.00  ? 111 LEU B CB  1 
ATOM   858  C CG  . LEU B 2 4   ? -15.176 4.826   19.622  1.00 8.79  ? 111 LEU B CG  1 
ATOM   859  C CD1 . LEU B 2 4   ? -16.108 4.101   18.690  1.00 15.18 ? 111 LEU B CD1 1 
ATOM   860  C CD2 . LEU B 2 4   ? -15.340 4.317   21.050  1.00 4.50  ? 111 LEU B CD2 1 
ATOM   861  N N   . TRP B 2 5   ? -10.697 3.779   19.750  1.00 42.48 ? 112 TRP B N   1 
ATOM   862  C CA  . TRP B 2 5   ? -9.438  3.255   19.233  1.00 40.61 ? 112 TRP B CA  1 
ATOM   863  C C   . TRP B 2 5   ? -9.501  2.920   17.752  1.00 43.55 ? 112 TRP B C   1 
ATOM   864  O O   . TRP B 2 5   ? -8.494  2.992   17.048  1.00 40.32 ? 112 TRP B O   1 
ATOM   865  C CB  . TRP B 2 5   ? -9.042  2.019   20.031  1.00 16.14 ? 112 TRP B CB  1 
ATOM   866  C CG  . TRP B 2 5   ? -8.394  2.359   21.325  1.00 15.51 ? 112 TRP B CG  1 
ATOM   867  C CD1 . TRP B 2 5   ? -8.361  3.581   21.926  1.00 20.55 ? 112 TRP B CD1 1 
ATOM   868  C CD2 . TRP B 2 5   ? -7.636  1.479   22.158  1.00 21.24 ? 112 TRP B CD2 1 
ATOM   869  N NE1 . TRP B 2 5   ? -7.623  3.521   23.080  1.00 19.09 ? 112 TRP B NE1 1 
ATOM   870  C CE2 . TRP B 2 5   ? -7.165  2.241   23.246  1.00 18.82 ? 112 TRP B CE2 1 
ATOM   871  C CE3 . TRP B 2 5   ? -7.305  0.121   22.088  1.00 18.54 ? 112 TRP B CE3 1 
ATOM   872  C CZ2 . TRP B 2 5   ? -6.379  1.693   24.258  1.00 17.11 ? 112 TRP B CZ2 1 
ATOM   873  C CZ3 . TRP B 2 5   ? -6.525  -0.425  23.092  1.00 23.25 ? 112 TRP B CZ3 1 
ATOM   874  C CH2 . TRP B 2 5   ? -6.070  0.362   24.165  1.00 25.10 ? 112 TRP B CH2 1 
ATOM   875  N N   . HIS B 2 6   ? -10.691 2.549   17.289  1.00 23.80 ? 113 HIS B N   1 
ATOM   876  C CA  . HIS B 2 6   ? -10.916 2.216   15.885  1.00 30.62 ? 113 HIS B CA  1 
ATOM   877  C C   . HIS B 2 6   ? -10.715 3.479   15.033  1.00 31.75 ? 113 HIS B C   1 
ATOM   878  O O   . HIS B 2 6   ? -9.981  3.459   14.045  1.00 23.08 ? 113 HIS B O   1 
ATOM   879  C CB  . HIS B 2 6   ? -12.341 1.665   15.698  1.00 50.68 ? 113 HIS B CB  1 
ATOM   880  C CG  . HIS B 2 6   ? -12.726 0.635   16.718  1.00 56.87 ? 113 HIS B CG  1 
ATOM   881  N ND1 . HIS B 2 6   ? -12.835 0.922   18.064  1.00 41.54 ? 113 HIS B ND1 1 
ATOM   882  C CD2 . HIS B 2 6   ? -13.005 -0.687  16.595  1.00 48.93 ? 113 HIS B CD2 1 
ATOM   883  C CE1 . HIS B 2 6   ? -13.162 -0.177  18.724  1.00 44.67 ? 113 HIS B CE1 1 
ATOM   884  N NE2 . HIS B 2 6   ? -13.270 -1.167  17.856  1.00 53.37 ? 113 HIS B NE2 1 
ATOM   885  N N   . GLU B 2 7   ? -11.352 4.581   15.424  1.00 23.27 ? 114 GLU B N   1 
ATOM   886  C CA  . GLU B 2 7   ? -11.225 5.823   14.676  1.00 22.39 ? 114 GLU B CA  1 
ATOM   887  C C   . GLU B 2 7   ? -9.849  6.428   14.854  1.00 21.02 ? 114 GLU B C   1 
ATOM   888  O O   . GLU B 2 7   ? -9.253  6.936   13.905  1.00 22.64 ? 114 GLU B O   1 
ATOM   889  C CB  . GLU B 2 7   ? -12.270 6.837   15.119  1.00 54.66 ? 114 GLU B CB  1 
ATOM   890  C CG  . GLU B 2 7   ? -13.687 6.454   14.778  1.00 79.15 ? 114 GLU B CG  1 
ATOM   891  C CD  . GLU B 2 7   ? -14.642 7.602   14.992  1.00 83.78 ? 114 GLU B CD  1 
ATOM   892  O OE1 . GLU B 2 7   ? -14.178 8.690   15.395  1.00 71.10 ? 114 GLU B OE1 1 
ATOM   893  O OE2 . GLU B 2 7   ? -15.852 7.421   14.754  1.00 77.35 ? 114 GLU B OE2 1 
ATOM   894  N N   . MET B 2 8   ? -9.340  6.380   16.074  1.00 23.37 ? 115 MET B N   1 
ATOM   895  C CA  . MET B 2 8   ? -8.021  6.928   16.352  1.00 24.24 ? 115 MET B CA  1 
ATOM   896  C C   . MET B 2 8   ? -6.947  6.306   15.453  1.00 18.54 ? 115 MET B C   1 
ATOM   897  O O   . MET B 2 8   ? -6.019  6.995   15.025  1.00 19.75 ? 115 MET B O   1 
ATOM   898  C CB  . MET B 2 8   ? -7.669  6.680   17.804  1.00 44.26 ? 115 MET B CB  1 
ATOM   899  C CG  . MET B 2 8   ? -6.298  7.129   18.179  1.00 59.28 ? 115 MET B CG  1 
ATOM   900  S SD  . MET B 2 8   ? -5.952  6.518   19.809  1.00 70.37 ? 115 MET B SD  1 
ATOM   901  C CE  . MET B 2 8   ? -7.200  7.412   20.743  1.00 51.98 ? 115 MET B CE  1 
ATOM   902  N N   . TRP B 2 9   ? -7.077  5.010   15.164  1.00 10.54 ? 116 TRP B N   1 
ATOM   903  C CA  . TRP B 2 9   ? -6.110  4.317   14.320  1.00 15.01 ? 116 TRP B CA  1 
ATOM   904  C C   . TRP B 2 9   ? -6.361  4.448   12.817  1.00 14.55 ? 116 TRP B C   1 
ATOM   905  O O   . TRP B 2 9   ? -5.411  4.582   12.037  1.00 9.21  ? 116 TRP B O   1 
ATOM   906  C CB  . TRP B 2 9   ? -6.035  2.833   14.695  1.00 22.43 ? 116 TRP B CB  1 
ATOM   907  C CG  . TRP B 2 9   ? -5.056  2.553   15.785  1.00 22.75 ? 116 TRP B CG  1 
ATOM   908  C CD1 . TRP B 2 9   ? -5.334  2.299   17.100  1.00 24.19 ? 116 TRP B CD1 1 
ATOM   909  C CD2 . TRP B 2 9   ? -3.631  2.533   15.664  1.00 23.03 ? 116 TRP B CD2 1 
ATOM   910  N NE1 . TRP B 2 9   ? -4.168  2.122   17.807  1.00 26.40 ? 116 TRP B NE1 1 
ATOM   911  C CE2 . TRP B 2 9   ? -3.106  2.262   16.951  1.00 21.86 ? 116 TRP B CE2 1 
ATOM   912  C CE3 . TRP B 2 9   ? -2.743  2.723   14.595  1.00 29.92 ? 116 TRP B CE3 1 
ATOM   913  C CZ2 . TRP B 2 9   ? -1.724  2.173   17.197  1.00 28.24 ? 116 TRP B CZ2 1 
ATOM   914  C CZ3 . TRP B 2 9   ? -1.373  2.638   14.840  1.00 28.23 ? 116 TRP B CZ3 1 
ATOM   915  C CH2 . TRP B 2 9   ? -0.878  2.363   16.134  1.00 26.20 ? 116 TRP B CH2 1 
ATOM   916  N N   . HIS B 2 10  ? -7.625  4.391   12.403  1.00 15.78 ? 117 HIS B N   1 
ATOM   917  C CA  . HIS B 2 10  ? -7.942  4.523   10.983  1.00 20.37 ? 117 HIS B CA  1 
ATOM   918  C C   . HIS B 2 10  ? -7.391  5.859   10.527  1.00 21.21 ? 117 HIS B C   1 
ATOM   919  O O   . HIS B 2 10  ? -6.654  5.953   9.549   1.00 19.55 ? 117 HIS B O   1 
ATOM   920  C CB  . HIS B 2 10  ? -9.454  4.492   10.764  1.00 28.40 ? 117 HIS B CB  1 
ATOM   921  C CG  . HIS B 2 10  ? -9.875  4.876   9.378   1.00 28.68 ? 117 HIS B CG  1 
ATOM   922  N ND1 . HIS B 2 10  ? -9.776  6.166   8.900   1.00 35.24 ? 117 HIS B ND1 1 
ATOM   923  C CD2 . HIS B 2 10  ? -10.395 4.140   8.369   1.00 30.18 ? 117 HIS B CD2 1 
ATOM   924  C CE1 . HIS B 2 10  ? -10.218 6.207   7.655   1.00 35.18 ? 117 HIS B CE1 1 
ATOM   925  N NE2 . HIS B 2 10  ? -10.599 4.990   7.308   1.00 29.15 ? 117 HIS B NE2 1 
ATOM   926  N N   . GLU B 2 11  ? -7.736  6.892   11.275  1.00 17.90 ? 118 GLU B N   1 
ATOM   927  C CA  . GLU B 2 11  ? -7.296  8.232   10.967  1.00 20.50 ? 118 GLU B CA  1 
ATOM   928  C C   . GLU B 2 11  ? -5.772  8.366   11.062  1.00 18.97 ? 118 GLU B C   1 
ATOM   929  O O   . GLU B 2 11  ? -5.142  8.941   10.174  1.00 20.15 ? 118 GLU B O   1 
ATOM   930  C CB  . GLU B 2 11  ? -7.984  9.207   11.920  1.00 53.85 ? 118 GLU B CB  1 
ATOM   931  C CG  . GLU B 2 11  ? -7.793  10.662  11.593  1.00 77.22 ? 118 GLU B CG  1 
ATOM   932  C CD  . GLU B 2 11  ? -8.644  11.539  12.483  1.00 87.08 ? 118 GLU B CD  1 
ATOM   933  O OE1 . GLU B 2 11  ? -8.565  11.377  13.720  1.00 71.58 ? 118 GLU B OE1 1 
ATOM   934  O OE2 . GLU B 2 11  ? -9.391  12.386  11.950  1.00 85.44 ? 118 GLU B OE2 1 
ATOM   935  N N   . GLY B 2 12  ? -5.181  7.830   12.127  1.00 23.13 ? 119 GLY B N   1 
ATOM   936  C CA  . GLY B 2 12  ? -3.738  7.927   12.296  1.00 30.01 ? 119 GLY B CA  1 
ATOM   937  C C   . GLY B 2 12  ? -2.887  7.263   11.221  1.00 26.22 ? 119 GLY B C   1 
ATOM   938  O O   . GLY B 2 12  ? -1.950  7.870   10.699  1.00 26.48 ? 119 GLY B O   1 
ATOM   939  N N   . LEU B 2 13  ? -3.202  6.010   10.898  1.00 19.85 ? 120 LEU B N   1 
ATOM   940  C CA  . LEU B 2 13  ? -2.469  5.260   9.892   1.00 23.55 ? 120 LEU B CA  1 
ATOM   941  C C   . LEU B 2 13  ? -2.550  5.913   8.525   1.00 20.35 ? 120 LEU B C   1 
ATOM   942  O O   . LEU B 2 13  ? -1.657  5.749   7.699   1.00 21.77 ? 120 LEU B O   1 
ATOM   943  C CB  . LEU B 2 13  ? -3.020  3.846   9.808   1.00 12.45 ? 120 LEU B CB  1 
ATOM   944  C CG  . LEU B 2 13  ? -2.714  2.943   10.996  1.00 12.85 ? 120 LEU B CG  1 
ATOM   945  C CD1 . LEU B 2 13  ? -3.385  1.601   10.784  1.00 13.92 ? 120 LEU B CD1 1 
ATOM   946  C CD2 . LEU B 2 13  ? -1.207  2.761   11.133  1.00 16.50 ? 120 LEU B CD2 1 
ATOM   947  N N   . GLU B 2 14  ? -3.633  6.639   8.274   1.00 2.00  ? 121 GLU B N   1 
ATOM   948  C CA  . GLU B 2 14  ? -3.810  7.307   6.998   1.00 8.40  ? 121 GLU B CA  1 
ATOM   949  C C   . GLU B 2 14  ? -2.843  8.494   6.950   1.00 12.22 ? 121 GLU B C   1 
ATOM   950  O O   . GLU B 2 14  ? -2.144  8.702   5.951   1.00 11.95 ? 121 GLU B O   1 
ATOM   951  C CB  . GLU B 2 14  ? -5.254  7.778   6.867   1.00 75.38 ? 121 GLU B CB  1 
ATOM   952  C CG  . GLU B 2 14  ? -5.680  8.098   5.461   1.00 82.00 ? 121 GLU B CG  1 
ATOM   953  C CD  . GLU B 2 14  ? -7.181  8.191   5.338   1.00 87.70 ? 121 GLU B CD  1 
ATOM   954  O OE1 . GLU B 2 14  ? -7.772  9.098   5.959   1.00 94.16 ? 121 GLU B OE1 1 
ATOM   955  O OE2 . GLU B 2 14  ? -7.772  7.349   4.630   1.00 90.43 ? 121 GLU B OE2 1 
ATOM   956  N N   . GLU B 2 15  ? -2.795  9.261   8.040   1.00 17.01 ? 122 GLU B N   1 
ATOM   957  C CA  . GLU B 2 15  ? -1.908  10.420  8.139   1.00 25.55 ? 122 GLU B CA  1 
ATOM   958  C C   . GLU B 2 15  ? -0.456  9.956   8.081   1.00 21.58 ? 122 GLU B C   1 
ATOM   959  O O   . GLU B 2 15  ? 0.365   10.527  7.365   1.00 16.36 ? 122 GLU B O   1 
ATOM   960  C CB  . GLU B 2 15  ? -2.159  11.165  9.448   1.00 57.69 ? 122 GLU B CB  1 
ATOM   961  C CG  . GLU B 2 15  ? -1.479  12.513  9.526   1.00 76.39 ? 122 GLU B CG  1 
ATOM   962  C CD  . GLU B 2 15  ? -1.694  13.334  8.269   1.00 85.56 ? 122 GLU B CD  1 
ATOM   963  O OE1 . GLU B 2 15  ? -2.784  13.230  7.662   1.00 82.31 ? 122 GLU B OE1 1 
ATOM   964  O OE2 . GLU B 2 15  ? -0.777  14.090  7.889   1.00 85.05 ? 122 GLU B OE2 1 
ATOM   965  N N   . ALA B 2 16  ? -0.138  8.911   8.837   1.00 9.90  ? 123 ALA B N   1 
ATOM   966  C CA  . ALA B 2 16  ? 1.212   8.382   8.828   1.00 8.72  ? 123 ALA B CA  1 
ATOM   967  C C   . ALA B 2 16  ? 1.646   8.018   7.397   1.00 13.92 ? 123 ALA B C   1 
ATOM   968  O O   . ALA B 2 16  ? 2.642   8.543   6.903   1.00 13.31 ? 123 ALA B O   1 
ATOM   969  C CB  . ALA B 2 16  ? 1.303   7.166   9.739   1.00 24.73 ? 123 ALA B CB  1 
ATOM   970  N N   . SER B 2 17  ? 0.893   7.141   6.733   1.00 16.19 ? 124 SER B N   1 
ATOM   971  C CA  . SER B 2 17  ? 1.231   6.711   5.371   1.00 15.26 ? 124 SER B CA  1 
ATOM   972  C C   . SER B 2 17  ? 1.372   7.848   4.371   1.00 20.11 ? 124 SER B C   1 
ATOM   973  O O   . SER B 2 17  ? 2.192   7.770   3.465   1.00 20.36 ? 124 SER B O   1 
ATOM   974  C CB  . SER B 2 17  ? 0.208   5.697   4.835   1.00 8.51  ? 124 SER B CB  1 
ATOM   975  O OG  . SER B 2 17  ? -1.085  6.253   4.738   1.00 13.29 ? 124 SER B OG  1 
ATOM   976  N N   . ARG B 2 18  ? 0.578   8.903   4.530   1.00 6.33  ? 125 ARG B N   1 
ATOM   977  C CA  . ARG B 2 18  ? 0.652   10.035  3.622   1.00 9.15  ? 125 ARG B CA  1 
ATOM   978  C C   . ARG B 2 18  ? 2.001   10.756  3.775   1.00 13.80 ? 125 ARG B C   1 
ATOM   979  O O   . ARG B 2 18  ? 2.643   11.080  2.781   1.00 13.57 ? 125 ARG B O   1 
ATOM   980  C CB  . ARG B 2 18  ? -0.501  10.998  3.888   1.00 32.37 ? 125 ARG B CB  1 
ATOM   981  C CG  . ARG B 2 18  ? -0.751  11.980  2.753   1.00 53.06 ? 125 ARG B CG  1 
ATOM   982  C CD  . ARG B 2 18  ? -1.188  13.323  3.292   1.00 62.09 ? 125 ARG B CD  1 
ATOM   983  N NE  . ARG B 2 18  ? -0.124  13.914  4.096   1.00 77.66 ? 125 ARG B NE  1 
ATOM   984  C CZ  . ARG B 2 18  ? -0.268  14.993  4.857   1.00 86.28 ? 125 ARG B CZ  1 
ATOM   985  N NH1 . ARG B 2 18  ? -1.443  15.602  4.926   1.00 90.49 ? 125 ARG B NH1 1 
ATOM   986  N NH2 . ARG B 2 18  ? 0.764   15.455  5.553   1.00 83.75 ? 125 ARG B NH2 1 
ATOM   987  N N   . LEU B 2 19  ? 2.433   10.996  5.014   1.00 11.03 ? 126 LEU B N   1 
ATOM   988  C CA  . LEU B 2 19  ? 3.712   11.668  5.273   1.00 12.26 ? 126 LEU B CA  1 
ATOM   989  C C   . LEU B 2 19  ? 4.904   10.853  4.784   1.00 15.90 ? 126 LEU B C   1 
ATOM   990  O O   . LEU B 2 19  ? 5.889   11.413  4.311   1.00 12.39 ? 126 LEU B O   1 
ATOM   991  C CB  . LEU B 2 19  ? 3.897   11.934  6.765   1.00 4.98  ? 126 LEU B CB  1 
ATOM   992  C CG  . LEU B 2 19  ? 2.930   12.906  7.441   1.00 14.85 ? 126 LEU B CG  1 
ATOM   993  C CD1 . LEU B 2 19  ? 2.993   12.740  8.955   1.00 19.09 ? 126 LEU B CD1 1 
ATOM   994  C CD2 . LEU B 2 19  ? 3.280   14.322  7.033   1.00 11.94 ? 126 LEU B CD2 1 
ATOM   995  N N   . TYR B 2 20  ? 4.837   9.530   4.910   1.00 5.62  ? 127 TYR B N   1 
ATOM   996  C CA  . TYR B 2 20  ? 5.940   8.696   4.452   1.00 7.42  ? 127 TYR B CA  1 
ATOM   997  C C   . TYR B 2 20  ? 5.914   8.474   2.936   1.00 10.55 ? 127 TYR B C   1 
ATOM   998  O O   . TYR B 2 20  ? 6.849   8.862   2.243   1.00 10.35 ? 127 TYR B O   1 
ATOM   999  C CB  . TYR B 2 20  ? 5.955   7.349   5.178   1.00 12.13 ? 127 TYR B CB  1 
ATOM   1000 C CG  . TYR B 2 20  ? 7.080   6.456   4.709   1.00 9.23  ? 127 TYR B CG  1 
ATOM   1001 C CD1 . TYR B 2 20  ? 8.395   6.922   4.653   1.00 18.92 ? 127 TYR B CD1 1 
ATOM   1002 C CD2 . TYR B 2 20  ? 6.831   5.155   4.291   1.00 18.25 ? 127 TYR B CD2 1 
ATOM   1003 C CE1 . TYR B 2 20  ? 9.426   6.111   4.186   1.00 24.06 ? 127 TYR B CE1 1 
ATOM   1004 C CE2 . TYR B 2 20  ? 7.854   4.335   3.825   1.00 21.08 ? 127 TYR B CE2 1 
ATOM   1005 C CZ  . TYR B 2 20  ? 9.146   4.814   3.771   1.00 26.67 ? 127 TYR B CZ  1 
ATOM   1006 O OH  . TYR B 2 20  ? 10.147  3.993   3.289   1.00 21.53 ? 127 TYR B OH  1 
ATOM   1007 N N   . PHE B 2 21  ? 4.857   7.856   2.420   1.00 13.98 ? 128 PHE B N   1 
ATOM   1008 C CA  . PHE B 2 21  ? 4.749   7.605   0.983   1.00 19.62 ? 128 PHE B CA  1 
ATOM   1009 C C   . PHE B 2 21  ? 4.543   8.876   0.148   1.00 21.54 ? 128 PHE B C   1 
ATOM   1010 O O   . PHE B 2 21  ? 5.175   9.058   -0.888  1.00 25.14 ? 128 PHE B O   1 
ATOM   1011 C CB  . PHE B 2 21  ? 3.606   6.628   0.708   1.00 11.16 ? 128 PHE B CB  1 
ATOM   1012 C CG  . PHE B 2 21  ? 3.842   5.254   1.268   1.00 16.34 ? 128 PHE B CG  1 
ATOM   1013 C CD1 . PHE B 2 21  ? 4.728   4.377   0.646   1.00 14.17 ? 128 PHE B CD1 1 
ATOM   1014 C CD2 . PHE B 2 21  ? 3.193   4.838   2.430   1.00 21.18 ? 128 PHE B CD2 1 
ATOM   1015 C CE1 . PHE B 2 21  ? 4.966   3.108   1.172   1.00 16.02 ? 128 PHE B CE1 1 
ATOM   1016 C CE2 . PHE B 2 21  ? 3.423   3.575   2.965   1.00 10.78 ? 128 PHE B CE2 1 
ATOM   1017 C CZ  . PHE B 2 21  ? 4.310   2.708   2.337   1.00 15.27 ? 128 PHE B CZ  1 
ATOM   1018 N N   . GLY B 2 22  ? 3.666   9.756   0.607   1.00 3.32  ? 129 GLY B N   1 
ATOM   1019 C CA  . GLY B 2 22  ? 3.393   10.973  -0.125  1.00 14.71 ? 129 GLY B CA  1 
ATOM   1020 C C   . GLY B 2 22  ? 4.475   12.029  -0.046  1.00 24.74 ? 129 GLY B C   1 
ATOM   1021 O O   . GLY B 2 22  ? 4.834   12.617  -1.066  1.00 14.64 ? 129 GLY B O   1 
ATOM   1022 N N   . GLU B 2 23  ? 5.003   12.278  1.148   1.00 27.58 ? 130 GLU B N   1 
ATOM   1023 C CA  . GLU B 2 23  ? 6.032   13.305  1.318   1.00 17.62 ? 130 GLU B CA  1 
ATOM   1024 C C   . GLU B 2 23  ? 7.449   12.798  1.585   1.00 20.19 ? 130 GLU B C   1 
ATOM   1025 O O   . GLU B 2 23  ? 8.362   13.598  1.760   1.00 21.00 ? 130 GLU B O   1 
ATOM   1026 C CB  . GLU B 2 23  ? 5.645   14.249  2.457   1.00 48.30 ? 130 GLU B CB  1 
ATOM   1027 C CG  . GLU B 2 23  ? 4.418   15.102  2.215   1.00 60.20 ? 130 GLU B CG  1 
ATOM   1028 C CD  . GLU B 2 23  ? 4.039   15.913  3.445   1.00 87.05 ? 130 GLU B CD  1 
ATOM   1029 O OE1 . GLU B 2 23  ? 4.905   16.642  3.974   1.00 82.62 ? 130 GLU B OE1 1 
ATOM   1030 O OE2 . GLU B 2 23  ? 2.874   15.820  3.886   1.00 95.81 ? 130 GLU B OE2 1 
ATOM   1031 N N   . ARG B 2 24  ? 7.641   11.485  1.624   1.00 20.85 ? 131 ARG B N   1 
ATOM   1032 C CA  . ARG B 2 24  ? 8.967   10.929  1.884   1.00 30.95 ? 131 ARG B CA  1 
ATOM   1033 C C   . ARG B 2 24  ? 9.471   11.388  3.238   1.00 37.83 ? 131 ARG B C   1 
ATOM   1034 O O   . ARG B 2 24  ? 10.677  11.449  3.473   1.00 29.48 ? 131 ARG B O   1 
ATOM   1035 C CB  . ARG B 2 24  ? 9.971   11.384  0.826   1.00 40.40 ? 131 ARG B CB  1 
ATOM   1036 C CG  . ARG B 2 24  ? 10.000  10.578  -0.445  1.00 44.66 ? 131 ARG B CG  1 
ATOM   1037 C CD  . ARG B 2 24  ? 8.825   10.860  -1.346  1.00 46.74 ? 131 ARG B CD  1 
ATOM   1038 N NE  . ARG B 2 24  ? 9.101   10.322  -2.672  1.00 54.25 ? 131 ARG B NE  1 
ATOM   1039 C CZ  . ARG B 2 24  ? 8.213   10.224  -3.654  1.00 55.24 ? 131 ARG B CZ  1 
ATOM   1040 N NH1 . ARG B 2 24  ? 6.961   10.629  -3.470  1.00 44.41 ? 131 ARG B NH1 1 
ATOM   1041 N NH2 . ARG B 2 24  ? 8.583   9.712   -4.821  1.00 49.88 ? 131 ARG B NH2 1 
ATOM   1042 N N   . ASN B 2 25  ? 8.554   11.718  4.131   1.00 43.76 ? 132 ASN B N   1 
ATOM   1043 C CA  . ASN B 2 25  ? 8.962   12.181  5.440   1.00 40.79 ? 132 ASN B CA  1 
ATOM   1044 C C   . ASN B 2 25  ? 8.861   11.088  6.501   1.00 39.08 ? 132 ASN B C   1 
ATOM   1045 O O   . ASN B 2 25  ? 7.839   10.947  7.169   1.00 39.36 ? 132 ASN B O   1 
ATOM   1046 C CB  . ASN B 2 25  ? 8.133   13.409  5.832   1.00 23.57 ? 132 ASN B CB  1 
ATOM   1047 C CG  . ASN B 2 25  ? 8.528   13.969  7.190   1.00 18.00 ? 132 ASN B CG  1 
ATOM   1048 O OD1 . ASN B 2 25  ? 9.618   13.690  7.697   1.00 19.64 ? 132 ASN B OD1 1 
ATOM   1049 N ND2 . ASN B 2 25  ? 7.645   14.772  7.780   1.00 21.86 ? 132 ASN B ND2 1 
ATOM   1050 N N   . VAL B 2 26  ? 9.936   10.317  6.650   1.00 23.22 ? 133 VAL B N   1 
ATOM   1051 C CA  . VAL B 2 26  ? 9.982   9.233   7.627   1.00 31.05 ? 133 VAL B CA  1 
ATOM   1052 C C   . VAL B 2 26  ? 9.865   9.785   9.039   1.00 33.15 ? 133 VAL B C   1 
ATOM   1053 O O   . VAL B 2 26  ? 9.423   9.095   9.959   1.00 28.74 ? 133 VAL B O   1 
ATOM   1054 C CB  . VAL B 2 26  ? 11.303  8.463   7.543   1.00 12.45 ? 133 VAL B CB  1 
ATOM   1055 C CG1 . VAL B 2 26  ? 11.222  7.192   8.388   1.00 12.83 ? 133 VAL B CG1 1 
ATOM   1056 C CG2 . VAL B 2 26  ? 11.628  8.170   6.089   1.00 18.07 ? 133 VAL B CG2 1 
ATOM   1057 N N   . LYS B 2 27  ? 10.268  11.040  9.200   1.00 47.20 ? 134 LYS B N   1 
ATOM   1058 C CA  . LYS B 2 27  ? 10.229  11.712  10.494  1.00 47.62 ? 134 LYS B CA  1 
ATOM   1059 C C   . LYS B 2 27  ? 8.794   11.959  10.991  1.00 43.25 ? 134 LYS B C   1 
ATOM   1060 O O   . LYS B 2 27  ? 8.443   11.545  12.095  1.00 42.60 ? 134 LYS B O   1 
ATOM   1061 C CB  . LYS B 2 27  ? 11.014  13.028  10.393  1.00 24.73 ? 134 LYS B CB  1 
ATOM   1062 C CG  . LYS B 2 27  ? 10.994  13.899  11.624  1.00 48.26 ? 134 LYS B CG  1 
ATOM   1063 C CD  . LYS B 2 27  ? 11.837  15.151  11.396  1.00 60.90 ? 134 LYS B CD  1 
ATOM   1064 C CE  . LYS B 2 27  ? 11.618  16.190  12.492  1.00 64.47 ? 134 LYS B CE  1 
ATOM   1065 N NZ  . LYS B 2 27  ? 10.229  16.740  12.485  1.00 46.33 ? 134 LYS B NZ  1 
ATOM   1066 N N   . GLY B 2 28  ? 7.970   12.616  10.171  1.00 18.67 ? 135 GLY B N   1 
ATOM   1067 C CA  . GLY B 2 28  ? 6.588   12.907  10.548  1.00 23.14 ? 135 GLY B CA  1 
ATOM   1068 C C   . GLY B 2 28  ? 5.730   11.671  10.755  1.00 23.83 ? 135 GLY B C   1 
ATOM   1069 O O   . GLY B 2 28  ? 4.694   11.697  11.423  1.00 23.47 ? 135 GLY B O   1 
ATOM   1070 N N   . MET B 2 29  ? 6.178   10.576  10.166  1.00 19.94 ? 136 MET B N   1 
ATOM   1071 C CA  . MET B 2 29  ? 5.488   9.310   10.275  1.00 27.32 ? 136 MET B CA  1 
ATOM   1072 C C   . MET B 2 29  ? 5.628   8.780   11.697  1.00 23.22 ? 136 MET B C   1 
ATOM   1073 O O   . MET B 2 29  ? 4.654   8.291   12.279  1.00 26.48 ? 136 MET B O   1 
ATOM   1074 C CB  . MET B 2 29  ? 6.102   8.320   9.300   1.00 19.48 ? 136 MET B CB  1 
ATOM   1075 C CG  . MET B 2 29  ? 5.428   6.988   9.255   1.00 16.31 ? 136 MET B CG  1 
ATOM   1076 S SD  . MET B 2 29  ? 6.455   5.886   8.294   1.00 20.72 ? 136 MET B SD  1 
ATOM   1077 C CE  . MET B 2 29  ? 7.253   4.940   9.597   1.00 26.87 ? 136 MET B CE  1 
ATOM   1078 N N   . PHE B 2 30  ? 6.844   8.872   12.248  1.00 14.03 ? 137 PHE B N   1 
ATOM   1079 C CA  . PHE B 2 30  ? 7.108   8.392   13.605  1.00 14.17 ? 137 PHE B CA  1 
ATOM   1080 C C   . PHE B 2 30  ? 6.471   9.313   14.625  1.00 10.62 ? 137 PHE B C   1 
ATOM   1081 O O   . PHE B 2 30  ? 6.054   8.865   15.687  1.00 15.69 ? 137 PHE B O   1 
ATOM   1082 C CB  . PHE B 2 30  ? 8.610   8.321   13.905  1.00 5.68  ? 137 PHE B CB  1 
ATOM   1083 C CG  . PHE B 2 30  ? 9.356   7.248   13.149  1.00 12.88 ? 137 PHE B CG  1 
ATOM   1084 C CD1 . PHE B 2 30  ? 8.883   5.946   13.098  1.00 21.44 ? 137 PHE B CD1 1 
ATOM   1085 C CD2 . PHE B 2 30  ? 10.580  7.538   12.544  1.00 16.61 ? 137 PHE B CD2 1 
ATOM   1086 C CE1 . PHE B 2 30  ? 9.618   4.952   12.458  1.00 18.99 ? 137 PHE B CE1 1 
ATOM   1087 C CE2 . PHE B 2 30  ? 11.318  6.551   11.906  1.00 14.67 ? 137 PHE B CE2 1 
ATOM   1088 C CZ  . PHE B 2 30  ? 10.839  5.259   11.861  1.00 15.62 ? 137 PHE B CZ  1 
ATOM   1089 N N   . GLU B 2 31  ? 6.406   10.601  14.316  1.00 17.82 ? 138 GLU B N   1 
ATOM   1090 C CA  . GLU B 2 31  ? 5.810   11.546  15.254  1.00 14.64 ? 138 GLU B CA  1 
ATOM   1091 C C   . GLU B 2 31  ? 4.331   11.246  15.419  1.00 16.26 ? 138 GLU B C   1 
ATOM   1092 O O   . GLU B 2 31  ? 3.774   11.366  16.512  1.00 17.49 ? 138 GLU B O   1 
ATOM   1093 C CB  . GLU B 2 31  ? 5.963   12.982  14.762  1.00 40.96 ? 138 GLU B CB  1 
ATOM   1094 C CG  . GLU B 2 31  ? 7.386   13.446  14.574  1.00 49.89 ? 138 GLU B CG  1 
ATOM   1095 C CD  . GLU B 2 31  ? 7.451   14.925  14.283  1.00 63.51 ? 138 GLU B CD  1 
ATOM   1096 O OE1 . GLU B 2 31  ? 6.413   15.601  14.451  1.00 56.19 ? 138 GLU B OE1 1 
ATOM   1097 O OE2 . GLU B 2 31  ? 8.533   15.413  13.894  1.00 54.78 ? 138 GLU B OE2 1 
ATOM   1098 N N   . VAL B 2 32  ? 3.697   10.863  14.318  1.00 22.60 ? 139 VAL B N   1 
ATOM   1099 C CA  . VAL B 2 32  ? 2.283   10.539  14.337  1.00 20.69 ? 139 VAL B CA  1 
ATOM   1100 C C   . VAL B 2 32  ? 2.046   9.171   14.958  1.00 23.38 ? 139 VAL B C   1 
ATOM   1101 O O   . VAL B 2 32  ? 1.210   9.037   15.852  1.00 19.82 ? 139 VAL B O   1 
ATOM   1102 C CB  . VAL B 2 32  ? 1.687   10.529  12.914  1.00 6.07  ? 139 VAL B CB  1 
ATOM   1103 C CG1 . VAL B 2 32  ? 0.259   10.066  12.966  1.00 7.81  ? 139 VAL B CG1 1 
ATOM   1104 C CG2 . VAL B 2 32  ? 1.781   11.908  12.291  1.00 6.07  ? 139 VAL B CG2 1 
ATOM   1105 N N   . LEU B 2 33  ? 2.788   8.165   14.486  1.00 9.73  ? 140 LEU B N   1 
ATOM   1106 C CA  . LEU B 2 33  ? 2.639   6.789   14.967  1.00 10.82 ? 140 LEU B CA  1 
ATOM   1107 C C   . LEU B 2 33  ? 2.960   6.580   16.447  1.00 11.62 ? 140 LEU B C   1 
ATOM   1108 O O   . LEU B 2 33  ? 2.191   5.944   17.171  1.00 11.01 ? 140 LEU B O   1 
ATOM   1109 C CB  . LEU B 2 33  ? 3.482   5.818   14.114  1.00 15.82 ? 140 LEU B CB  1 
ATOM   1110 C CG  . LEU B 2 33  ? 3.027   5.504   12.670  1.00 17.03 ? 140 LEU B CG  1 
ATOM   1111 C CD1 . LEU B 2 33  ? 3.886   4.382   12.101  1.00 18.10 ? 140 LEU B CD1 1 
ATOM   1112 C CD2 . LEU B 2 33  ? 1.563   5.084   12.643  1.00 23.49 ? 140 LEU B CD2 1 
ATOM   1113 N N   . GLU B 2 34  ? 4.086   7.129   16.892  1.00 20.97 ? 141 GLU B N   1 
ATOM   1114 C CA  . GLU B 2 34  ? 4.536   7.002   18.278  1.00 26.83 ? 141 GLU B CA  1 
ATOM   1115 C C   . GLU B 2 34  ? 3.419   7.093   19.340  1.00 25.27 ? 141 GLU B C   1 
ATOM   1116 O O   . GLU B 2 34  ? 3.079   6.095   19.966  1.00 20.34 ? 141 GLU B O   1 
ATOM   1117 C CB  . GLU B 2 34  ? 5.635   8.036   18.545  1.00 59.80 ? 141 GLU B CB  1 
ATOM   1118 C CG  . GLU B 2 34  ? 6.282   7.943   19.904  1.00 85.65 ? 141 GLU B CG  1 
ATOM   1119 C CD  . GLU B 2 34  ? 7.472   8.871   20.033  1.00 96.40 ? 141 GLU B CD  1 
ATOM   1120 O OE1 . GLU B 2 34  ? 8.516   8.581   19.409  1.00 96.40 ? 141 GLU B OE1 1 
ATOM   1121 O OE2 . GLU B 2 34  ? 7.361   9.893   20.749  1.00 96.40 ? 141 GLU B OE2 1 
ATOM   1122 N N   . PRO B 2 35  ? 2.818   8.278   19.542  1.00 21.98 ? 142 PRO B N   1 
ATOM   1123 C CA  . PRO B 2 35  ? 1.759   8.375   20.550  1.00 28.61 ? 142 PRO B CA  1 
ATOM   1124 C C   . PRO B 2 35  ? 0.647   7.322   20.485  1.00 25.48 ? 142 PRO B C   1 
ATOM   1125 O O   . PRO B 2 35  ? 0.054   6.987   21.509  1.00 22.57 ? 142 PRO B O   1 
ATOM   1126 C CB  . PRO B 2 35  ? 1.218   9.790   20.345  1.00 13.70 ? 142 PRO B CB  1 
ATOM   1127 C CG  . PRO B 2 35  ? 1.483   10.055  18.900  1.00 16.59 ? 142 PRO B CG  1 
ATOM   1128 C CD  . PRO B 2 35  ? 2.889   9.520   18.754  1.00 10.80 ? 142 PRO B CD  1 
ATOM   1129 N N   . LEU B 2 36  ? 0.360   6.808   19.292  1.00 17.09 ? 143 LEU B N   1 
ATOM   1130 C CA  . LEU B 2 36  ? -0.697  5.811   19.133  1.00 18.24 ? 143 LEU B CA  1 
ATOM   1131 C C   . LEU B 2 36  ? -0.318  4.498   19.801  1.00 18.85 ? 143 LEU B C   1 
ATOM   1132 O O   . LEU B 2 36  ? -1.124  3.871   20.494  1.00 18.32 ? 143 LEU B O   1 
ATOM   1133 C CB  . LEU B 2 36  ? -0.986  5.590   17.645  1.00 12.30 ? 143 LEU B CB  1 
ATOM   1134 C CG  . LEU B 2 36  ? -1.673  6.793   16.998  1.00 17.56 ? 143 LEU B CG  1 
ATOM   1135 C CD1 . LEU B 2 36  ? -1.854  6.618   15.500  1.00 16.70 ? 143 LEU B CD1 1 
ATOM   1136 C CD2 . LEU B 2 36  ? -3.000  6.958   17.678  1.00 24.14 ? 143 LEU B CD2 1 
ATOM   1137 N N   . HIS B 2 37  ? 0.920   4.083   19.588  1.00 11.76 ? 144 HIS B N   1 
ATOM   1138 C CA  . HIS B 2 37  ? 1.426   2.857   20.183  1.00 11.71 ? 144 HIS B CA  1 
ATOM   1139 C C   . HIS B 2 37  ? 1.538   2.998   21.700  1.00 12.32 ? 144 HIS B C   1 
ATOM   1140 O O   . HIS B 2 37  ? 1.245   2.066   22.437  1.00 16.70 ? 144 HIS B O   1 
ATOM   1141 C CB  . HIS B 2 37  ? 2.791   2.524   19.585  1.00 7.21  ? 144 HIS B CB  1 
ATOM   1142 C CG  . HIS B 2 37  ? 2.715   1.900   18.230  1.00 11.76 ? 144 HIS B CG  1 
ATOM   1143 N ND1 . HIS B 2 37  ? 2.165   0.653   18.017  1.00 7.56  ? 144 HIS B ND1 1 
ATOM   1144 C CD2 . HIS B 2 37  ? 3.145   2.335   17.022  1.00 11.19 ? 144 HIS B CD2 1 
ATOM   1145 C CE1 . HIS B 2 37  ? 2.266   0.345   16.736  1.00 8.84  ? 144 HIS B CE1 1 
ATOM   1146 N NE2 . HIS B 2 37  ? 2.856   1.348   16.111  1.00 9.65  ? 144 HIS B NE2 1 
ATOM   1147 N N   . ALA B 2 38  ? 1.961   4.171   22.158  1.00 22.06 ? 145 ALA B N   1 
ATOM   1148 C CA  . ALA B 2 38  ? 2.116   4.434   23.582  1.00 26.51 ? 145 ALA B CA  1 
ATOM   1149 C C   . ALA B 2 38  ? 0.802   4.283   24.332  1.00 21.04 ? 145 ALA B C   1 
ATOM   1150 O O   . ALA B 2 38  ? 0.756   3.750   25.446  1.00 23.27 ? 145 ALA B O   1 
ATOM   1151 C CB  . ALA B 2 38  ? 2.652   5.821   23.789  1.00 12.97 ? 145 ALA B CB  1 
ATOM   1152 N N   . MET B 2 39  ? -0.268  4.762   23.723  1.00 19.43 ? 146 MET B N   1 
ATOM   1153 C CA  . MET B 2 39  ? -1.573  4.679   24.345  1.00 25.68 ? 146 MET B CA  1 
ATOM   1154 C C   . MET B 2 39  ? -1.958  3.205   24.535  1.00 29.90 ? 146 MET B C   1 
ATOM   1155 O O   . MET B 2 39  ? -2.463  2.808   25.584  1.00 34.97 ? 146 MET B O   1 
ATOM   1156 C CB  . MET B 2 39  ? -2.578  5.395   23.459  1.00 39.39 ? 146 MET B CB  1 
ATOM   1157 C CG  . MET B 2 39  ? -3.880  5.704   24.120  1.00 62.67 ? 146 MET B CG  1 
ATOM   1158 S SD  . MET B 2 39  ? -4.989  6.179   22.826  1.00 76.28 ? 146 MET B SD  1 
ATOM   1159 C CE  . MET B 2 39  ? -5.060  4.612   21.918  1.00 80.61 ? 146 MET B CE  1 
ATOM   1160 N N   . MET B 2 40  ? -1.707  2.397   23.512  1.00 27.79 ? 147 MET B N   1 
ATOM   1161 C CA  . MET B 2 40  ? -2.016  0.969   23.567  1.00 28.33 ? 147 MET B CA  1 
ATOM   1162 C C   . MET B 2 40  ? -1.319  0.349   24.770  1.00 40.29 ? 147 MET B C   1 
ATOM   1163 O O   . MET B 2 40  ? -1.863  -0.520  25.448  1.00 32.37 ? 147 MET B O   1 
ATOM   1164 C CB  . MET B 2 40  ? -1.522  0.264   22.297  1.00 38.54 ? 147 MET B CB  1 
ATOM   1165 C CG  . MET B 2 40  ? -2.044  0.831   20.993  1.00 34.22 ? 147 MET B CG  1 
ATOM   1166 S SD  . MET B 2 40  ? -3.755  0.436   20.749  1.00 38.57 ? 147 MET B SD  1 
ATOM   1167 C CE  . MET B 2 40  ? -3.628  -1.113  19.961  1.00 37.83 ? 147 MET B CE  1 
ATOM   1168 N N   . GLU B 2 41  ? -0.097  0.804   25.006  1.00 39.82 ? 148 GLU B N   1 
ATOM   1169 C CA  . GLU B 2 41  ? 0.735   0.326   26.098  1.00 53.68 ? 148 GLU B CA  1 
ATOM   1170 C C   . GLU B 2 41  ? -0.024  0.462   27.408  1.00 43.77 ? 148 GLU B C   1 
ATOM   1171 O O   . GLU B 2 41  ? 0.039   -0.414  28.273  1.00 44.11 ? 148 GLU B O   1 
ATOM   1172 C CB  . GLU B 2 41  ? 2.012   1.160   26.139  1.00 64.09 ? 148 GLU B CB  1 
ATOM   1173 C CG  . GLU B 2 41  ? 3.192   0.518   26.818  1.00 70.95 ? 148 GLU B CG  1 
ATOM   1174 C CD  . GLU B 2 41  ? 4.419   1.408   26.757  1.00 79.44 ? 148 GLU B CD  1 
ATOM   1175 O OE1 . GLU B 2 41  ? 4.798   1.829   25.641  1.00 64.08 ? 148 GLU B OE1 1 
ATOM   1176 O OE2 . GLU B 2 41  ? 5.002   1.689   27.825  1.00 79.85 ? 148 GLU B OE2 1 
ATOM   1177 N N   . ARG B 2 42  ? -0.752  1.569   27.529  1.00 21.58 ? 149 ARG B N   1 
ATOM   1178 C CA  . ARG B 2 42  ? -1.534  1.875   28.723  1.00 39.23 ? 149 ARG B CA  1 
ATOM   1179 C C   . ARG B 2 42  ? -2.621  0.850   29.004  1.00 38.77 ? 149 ARG B C   1 
ATOM   1180 O O   . ARG B 2 42  ? -3.104  0.750   30.124  1.00 37.15 ? 149 ARG B O   1 
ATOM   1181 C CB  . ARG B 2 42  ? -2.164  3.264   28.594  1.00 85.70 ? 149 ARG B CB  1 
ATOM   1182 C CG  . ARG B 2 42  ? -1.149  4.387   28.409  1.00 96.13 ? 149 ARG B CG  1 
ATOM   1183 C CD  . ARG B 2 42  ? -0.363  4.670   29.688  1.00 96.13 ? 149 ARG B CD  1 
ATOM   1184 N NE  . ARG B 2 42  ? 1.084   4.681   29.469  1.00 96.13 ? 149 ARG B NE  1 
ATOM   1185 C CZ  . ARG B 2 42  ? 1.853   3.595   29.458  1.00 96.13 ? 149 ARG B CZ  1 
ATOM   1186 N NH1 . ARG B 2 42  ? 1.322   2.396   29.656  1.00 88.38 ? 149 ARG B NH1 1 
ATOM   1187 N NH2 . ARG B 2 42  ? 3.161   3.704   29.253  1.00 89.38 ? 149 ARG B NH2 1 
ATOM   1188 N N   . GLY B 2 43  ? -3.009  0.093   27.985  1.00 37.29 ? 150 GLY B N   1 
ATOM   1189 C CA  . GLY B 2 43  ? -4.043  -0.908  28.171  1.00 21.36 ? 150 GLY B CA  1 
ATOM   1190 C C   . GLY B 2 43  ? -5.457  -0.383  27.975  1.00 24.48 ? 150 GLY B C   1 
ATOM   1191 O O   . GLY B 2 43  ? -5.707  0.815   28.133  1.00 18.50 ? 150 GLY B O   1 
ATOM   1192 N N   . PRO B 2 44  ? -6.408  -1.261  27.622  1.00 56.36 ? 151 PRO B N   1 
ATOM   1193 C CA  . PRO B 2 44  ? -7.805  -0.877  27.407  1.00 52.87 ? 151 PRO B CA  1 
ATOM   1194 C C   . PRO B 2 44  ? -8.583  -0.748  28.720  1.00 51.10 ? 151 PRO B C   1 
ATOM   1195 O O   . PRO B 2 44  ? -8.368  -1.520  29.659  1.00 55.50 ? 151 PRO B O   1 
ATOM   1196 C CB  . PRO B 2 44  ? -8.329  -1.999  26.511  1.00 24.24 ? 151 PRO B CB  1 
ATOM   1197 C CG  . PRO B 2 44  ? -7.598  -3.182  27.021  1.00 24.44 ? 151 PRO B CG  1 
ATOM   1198 C CD  . PRO B 2 44  ? -6.186  -2.670  27.247  1.00 31.37 ? 151 PRO B CD  1 
ATOM   1199 N N   . GLN B 2 45  ? -9.482  0.233   28.776  1.00 54.10 ? 152 GLN B N   1 
ATOM   1200 C CA  . GLN B 2 45  ? -10.289 0.482   29.965  1.00 69.49 ? 152 GLN B CA  1 
ATOM   1201 C C   . GLN B 2 45  ? -11.779 0.400   29.664  1.00 64.78 ? 152 GLN B C   1 
ATOM   1202 O O   . GLN B 2 45  ? -12.609 0.668   30.525  1.00 63.85 ? 152 GLN B O   1 
ATOM   1203 C CB  . GLN B 2 45  ? -9.985  1.870   30.533  1.00 78.57 ? 152 GLN B CB  1 
ATOM   1204 C CG  . GLN B 2 45  ? -8.556  2.094   30.982  1.00 92.07 ? 152 GLN B CG  1 
ATOM   1205 C CD  . GLN B 2 45  ? -8.352  3.490   31.538  1.00 88.69 ? 152 GLN B CD  1 
ATOM   1206 O OE1 . GLN B 2 45  ? -8.718  4.478   30.902  1.00 72.84 ? 152 GLN B OE1 1 
ATOM   1207 N NE2 . GLN B 2 45  ? -7.763  3.579   32.724  1.00 70.74 ? 152 GLN B NE2 1 
ATOM   1208 N N   . THR B 2 46  ? -12.120 0.043   28.436  1.00 18.49 ? 153 THR B N   1 
ATOM   1209 C CA  . THR B 2 46  ? -13.521 -0.064  28.041  1.00 13.06 ? 153 THR B CA  1 
ATOM   1210 C C   . THR B 2 46  ? -13.720 -1.360  27.275  1.00 15.67 ? 153 THR B C   1 
ATOM   1211 O O   . THR B 2 46  ? -12.752 -2.013  26.891  1.00 15.84 ? 153 THR B O   1 
ATOM   1212 C CB  . THR B 2 46  ? -13.956 1.130   27.134  1.00 17.60 ? 153 THR B CB  1 
ATOM   1213 O OG1 . THR B 2 46  ? -13.177 1.135   25.928  1.00 16.06 ? 153 THR B OG1 1 
ATOM   1214 C CG2 . THR B 2 46  ? -13.763 2.461   27.865  1.00 23.70 ? 153 THR B CG2 1 
ATOM   1215 N N   . LEU B 2 47  ? -14.971 -1.743  27.058  1.00 25.63 ? 154 LEU B N   1 
ATOM   1216 C CA  . LEU B 2 47  ? -15.224 -2.970  26.328  1.00 25.35 ? 154 LEU B CA  1 
ATOM   1217 C C   . LEU B 2 47  ? -14.749 -2.859  24.887  1.00 21.02 ? 154 LEU B C   1 
ATOM   1218 O O   . LEU B 2 47  ? -14.160 -3.809  24.363  1.00 22.44 ? 154 LEU B O   1 
ATOM   1219 C CB  . LEU B 2 47  ? -16.713 -3.336  26.348  1.00 35.45 ? 154 LEU B CB  1 
ATOM   1220 C CG  . LEU B 2 47  ? -17.270 -3.858  27.672  1.00 37.45 ? 154 LEU B CG  1 
ATOM   1221 C CD1 . LEU B 2 47  ? -18.716 -4.261  27.485  1.00 44.12 ? 154 LEU B CD1 1 
ATOM   1222 C CD2 . LEU B 2 47  ? -16.454 -5.044  28.140  1.00 44.22 ? 154 LEU B CD2 1 
ATOM   1223 N N   . LYS B 2 48  ? -14.987 -1.712  24.244  1.00 15.52 ? 155 LYS B N   1 
ATOM   1224 C CA  . LYS B 2 48  ? -14.569 -1.547  22.851  1.00 11.15 ? 155 LYS B CA  1 
ATOM   1225 C C   . LYS B 2 48  ? -13.058 -1.499  22.694  1.00 19.43 ? 155 LYS B C   1 
ATOM   1226 O O   . LYS B 2 48  ? -12.516 -2.056  21.739  1.00 14.33 ? 155 LYS B O   1 
ATOM   1227 C CB  . LYS B 2 48  ? -15.198 -0.299  22.226  1.00 14.00 ? 155 LYS B CB  1 
ATOM   1228 C CG  . LYS B 2 48  ? -16.692 -0.410  21.978  1.00 21.71 ? 155 LYS B CG  1 
ATOM   1229 C CD  . LYS B 2 48  ? -17.225 0.796   21.223  1.00 21.43 ? 155 LYS B CD  1 
ATOM   1230 C CE  . LYS B 2 48  ? -18.741 0.736   21.091  1.00 29.68 ? 155 LYS B CE  1 
ATOM   1231 N NZ  . LYS B 2 48  ? -19.429 0.849   22.408  1.00 36.50 ? 155 LYS B NZ  1 
ATOM   1232 N N   . GLU B 2 49  ? -12.362 -0.847  23.615  1.00 19.61 ? 156 GLU B N   1 
ATOM   1233 C CA  . GLU B 2 49  ? -10.907 -0.818  23.489  1.00 15.73 ? 156 GLU B CA  1 
ATOM   1234 C C   . GLU B 2 49  ? -10.389 -2.246  23.646  1.00 17.30 ? 156 GLU B C   1 
ATOM   1235 O O   . GLU B 2 49  ? -9.530  -2.680  22.886  1.00 12.17 ? 156 GLU B O   1 
ATOM   1236 C CB  . GLU B 2 49  ? -10.264 0.093   24.547  1.00 11.84 ? 156 GLU B CB  1 
ATOM   1237 C CG  . GLU B 2 49  ? -10.833 1.505   24.580  1.00 11.66 ? 156 GLU B CG  1 
ATOM   1238 C CD  . GLU B 2 49  ? -10.108 2.400   25.550  1.00 21.33 ? 156 GLU B CD  1 
ATOM   1239 O OE1 . GLU B 2 49  ? -9.647  1.898   26.590  1.00 20.71 ? 156 GLU B OE1 1 
ATOM   1240 O OE2 . GLU B 2 49  ? -10.011 3.611   25.272  1.00 12.98 ? 156 GLU B OE2 1 
ATOM   1241 N N   . THR B 2 50  ? -10.924 -2.972  24.623  1.00 29.16 ? 157 THR B N   1 
ATOM   1242 C CA  . THR B 2 50  ? -10.500 -4.345  24.858  1.00 33.79 ? 157 THR B CA  1 
ATOM   1243 C C   . THR B 2 50  ? -10.663 -5.225  23.622  1.00 25.27 ? 157 THR B C   1 
ATOM   1244 O O   . THR B 2 50  ? -9.718  -5.909  23.228  1.00 27.70 ? 157 THR B O   1 
ATOM   1245 C CB  . THR B 2 50  ? -11.271 -5.019  26.036  1.00 8.73  ? 157 THR B CB  1 
ATOM   1246 O OG1 . THR B 2 50  ? -10.757 -4.558  27.291  1.00 5.24  ? 157 THR B OG1 1 
ATOM   1247 C CG2 . THR B 2 50  ? -11.090 -6.526  25.989  1.00 3.35  ? 157 THR B CG2 1 
ATOM   1248 N N   . SER B 2 51  ? -11.849 -5.216  23.010  1.00 13.96 ? 158 SER B N   1 
ATOM   1249 C CA  . SER B 2 51  ? -12.075 -6.054  21.829  1.00 24.50 ? 158 SER B CA  1 
ATOM   1250 C C   . SER B 2 51  ? -11.220 -5.590  20.664  1.00 23.91 ? 158 SER B C   1 
ATOM   1251 O O   . SER B 2 51  ? -10.715 -6.408  19.888  1.00 15.33 ? 158 SER B O   1 
ATOM   1252 C CB  . SER B 2 51  ? -13.547 -6.054  21.426  1.00 13.34 ? 158 SER B CB  1 
ATOM   1253 O OG  . SER B 2 51  ? -13.977 -4.756  21.096  1.00 13.48 ? 158 SER B OG  1 
ATOM   1254 N N   . PHE B 2 52  ? -11.060 -4.275  20.533  1.00 5.08  ? 159 PHE B N   1 
ATOM   1255 C CA  . PHE B 2 52  ? -10.213 -3.745  19.477  1.00 11.88 ? 159 PHE B CA  1 
ATOM   1256 C C   . PHE B 2 52  ? -8.810  -4.284  19.721  1.00 13.12 ? 159 PHE B C   1 
ATOM   1257 O O   . PHE B 2 52  ? -8.079  -4.591  18.786  1.00 9.67  ? 159 PHE B O   1 
ATOM   1258 C CB  . PHE B 2 52  ? -10.145 -2.224  19.526  1.00 5.09  ? 159 PHE B CB  1 
ATOM   1259 C CG  . PHE B 2 52  ? -9.121  -1.647  18.586  1.00 9.61  ? 159 PHE B CG  1 
ATOM   1260 C CD1 . PHE B 2 52  ? -9.428  -1.437  17.242  1.00 13.86 ? 159 PHE B CD1 1 
ATOM   1261 C CD2 . PHE B 2 52  ? -7.841  -1.348  19.035  1.00 10.42 ? 159 PHE B CD2 1 
ATOM   1262 C CE1 . PHE B 2 52  ? -8.472  -0.937  16.356  1.00 13.35 ? 159 PHE B CE1 1 
ATOM   1263 C CE2 . PHE B 2 52  ? -6.875  -0.851  18.163  1.00 7.68  ? 159 PHE B CE2 1 
ATOM   1264 C CZ  . PHE B 2 52  ? -7.192  -0.643  16.817  1.00 9.08  ? 159 PHE B CZ  1 
ATOM   1265 N N   . ASN B 2 53  ? -8.442  -4.387  20.992  1.00 11.41 ? 160 ASN B N   1 
ATOM   1266 C CA  . ASN B 2 53  ? -7.138  -4.883  21.373  1.00 17.60 ? 160 ASN B CA  1 
ATOM   1267 C C   . ASN B 2 53  ? -6.966  -6.373  21.113  1.00 14.28 ? 160 ASN B C   1 
ATOM   1268 O O   . ASN B 2 53  ? -5.892  -6.808  20.702  1.00 12.90 ? 160 ASN B O   1 
ATOM   1269 C CB  . ASN B 2 53  ? -6.886  -4.577  22.849  1.00 19.42 ? 160 ASN B CB  1 
ATOM   1270 C CG  . ASN B 2 53  ? -5.555  -5.098  23.335  1.00 20.09 ? 160 ASN B CG  1 
ATOM   1271 O OD1 . ASN B 2 53  ? -5.430  -6.253  23.718  1.00 30.23 ? 160 ASN B OD1 1 
ATOM   1272 N ND2 . ASN B 2 53  ? -4.551  -4.246  23.308  1.00 16.17 ? 160 ASN B ND2 1 
ATOM   1273 N N   . GLN B 2 54  ? -8.017  -7.157  21.346  1.00 12.57 ? 161 GLN B N   1 
ATOM   1274 C CA  . GLN B 2 54  ? -7.952  -8.606  21.134  1.00 14.32 ? 161 GLN B CA  1 
ATOM   1275 C C   . GLN B 2 54  ? -7.815  -8.911  19.649  1.00 8.89  ? 161 GLN B C   1 
ATOM   1276 O O   . GLN B 2 54  ? -7.142  -9.866  19.241  1.00 9.99  ? 161 GLN B O   1 
ATOM   1277 C CB  . GLN B 2 54  ? -9.207  -9.268  21.684  1.00 28.31 ? 161 GLN B CB  1 
ATOM   1278 C CG  . GLN B 2 54  ? -9.509  -8.839  23.100  1.00 27.40 ? 161 GLN B CG  1 
ATOM   1279 C CD  . GLN B 2 54  ? -10.791 -9.422  23.640  1.00 26.29 ? 161 GLN B CD  1 
ATOM   1280 O OE1 . GLN B 2 54  ? -11.851 -9.319  23.022  1.00 23.12 ? 161 GLN B OE1 1 
ATOM   1281 N NE2 . GLN B 2 54  ? -10.705 -10.034 24.810  1.00 26.89 ? 161 GLN B NE2 1 
ATOM   1282 N N   . ALA B 2 55  ? -8.442  -8.066  18.841  1.00 16.43 ? 162 ALA B N   1 
ATOM   1283 C CA  . ALA B 2 55  ? -8.430  -8.221  17.402  1.00 24.63 ? 162 ALA B CA  1 
ATOM   1284 C C   . ALA B 2 55  ? -7.110  -7.834  16.755  1.00 28.96 ? 162 ALA B C   1 
ATOM   1285 O O   . ALA B 2 55  ? -6.474  -8.655  16.103  1.00 28.93 ? 162 ALA B O   1 
ATOM   1286 C CB  . ALA B 2 55  ? -9.564  -7.407  16.800  1.00 5.40  ? 162 ALA B CB  1 
ATOM   1287 N N   . TYR B 2 56  ? -6.685  -6.589  16.946  1.00 14.94 ? 163 TYR B N   1 
ATOM   1288 C CA  . TYR B 2 56  ? -5.455  -6.113  16.308  1.00 18.65 ? 163 TYR B CA  1 
ATOM   1289 C C   . TYR B 2 56  ? -4.289  -5.812  17.228  1.00 21.11 ? 163 TYR B C   1 
ATOM   1290 O O   . TYR B 2 56  ? -3.306  -5.210  16.806  1.00 23.45 ? 163 TYR B O   1 
ATOM   1291 C CB  . TYR B 2 56  ? -5.765  -4.864  15.485  1.00 27.78 ? 163 TYR B CB  1 
ATOM   1292 C CG  . TYR B 2 56  ? -7.117  -4.914  14.824  1.00 31.01 ? 163 TYR B CG  1 
ATOM   1293 C CD1 . TYR B 2 56  ? -7.398  -5.849  13.828  1.00 40.01 ? 163 TYR B CD1 1 
ATOM   1294 C CD2 . TYR B 2 56  ? -8.123  -4.042  15.211  1.00 29.49 ? 163 TYR B CD2 1 
ATOM   1295 C CE1 . TYR B 2 56  ? -8.658  -5.911  13.237  1.00 49.09 ? 163 TYR B CE1 1 
ATOM   1296 C CE2 . TYR B 2 56  ? -9.380  -4.091  14.628  1.00 42.59 ? 163 TYR B CE2 1 
ATOM   1297 C CZ  . TYR B 2 56  ? -9.645  -5.024  13.643  1.00 43.90 ? 163 TYR B CZ  1 
ATOM   1298 O OH  . TYR B 2 56  ? -10.895 -5.050  13.069  1.00 47.03 ? 163 TYR B OH  1 
ATOM   1299 N N   . GLY B 2 57  ? -4.397  -6.234  18.482  1.00 11.62 ? 164 GLY B N   1 
ATOM   1300 C CA  . GLY B 2 57  ? -3.338  -5.990  19.435  1.00 17.27 ? 164 GLY B CA  1 
ATOM   1301 C C   . GLY B 2 57  ? -1.997  -6.465  18.926  1.00 12.19 ? 164 GLY B C   1 
ATOM   1302 O O   . GLY B 2 57  ? -1.073  -5.668  18.804  1.00 13.18 ? 164 GLY B O   1 
ATOM   1303 N N   . ARG B 2 58  ? -1.887  -7.757  18.618  1.00 26.56 ? 165 ARG B N   1 
ATOM   1304 C CA  . ARG B 2 58  ? -0.632  -8.324  18.137  1.00 36.15 ? 165 ARG B CA  1 
ATOM   1305 C C   . ARG B 2 58  ? -0.066  -7.614  16.915  1.00 31.21 ? 165 ARG B C   1 
ATOM   1306 O O   . ARG B 2 58  ? 1.019   -7.053  16.981  1.00 28.47 ? 165 ARG B O   1 
ATOM   1307 C CB  . ARG B 2 58  ? -0.788  -9.818  17.819  1.00 49.15 ? 165 ARG B CB  1 
ATOM   1308 C CG  . ARG B 2 58  ? 0.403   -10.382 17.045  1.00 52.00 ? 165 ARG B CG  1 
ATOM   1309 C CD  . ARG B 2 58  ? 0.263   -11.852 16.681  1.00 75.14 ? 165 ARG B CD  1 
ATOM   1310 N NE  . ARG B 2 58  ? 0.462   -12.731 17.830  1.00 91.10 ? 165 ARG B NE  1 
ATOM   1311 C CZ  . ARG B 2 58  ? 0.892   -13.989 17.746  1.00 92.15 ? 165 ARG B CZ  1 
ATOM   1312 N NH1 . ARG B 2 58  ? 1.188   -14.516 16.562  1.00 92.15 ? 165 ARG B NH1 1 
ATOM   1313 N NH2 . ARG B 2 58  ? 1.041   -14.717 18.847  1.00 65.38 ? 165 ARG B NH2 1 
ATOM   1314 N N   . ASP B 2 59  ? -0.795  -7.654  15.802  1.00 15.20 ? 166 ASP B N   1 
ATOM   1315 C CA  . ASP B 2 59  ? -0.356  -7.032  14.558  1.00 16.68 ? 166 ASP B CA  1 
ATOM   1316 C C   . ASP B 2 59  ? 0.318   -5.702  14.800  1.00 19.23 ? 166 ASP B C   1 
ATOM   1317 O O   . ASP B 2 59  ? 1.428   -5.464  14.325  1.00 15.34 ? 166 ASP B O   1 
ATOM   1318 C CB  . ASP B 2 59  ? -1.537  -6.824  13.610  1.00 21.83 ? 166 ASP B CB  1 
ATOM   1319 C CG  . ASP B 2 59  ? -2.094  -8.125  13.093  1.00 29.83 ? 166 ASP B CG  1 
ATOM   1320 O OD1 . ASP B 2 59  ? -1.284  -8.981  12.701  1.00 30.33 ? 166 ASP B OD1 1 
ATOM   1321 O OD2 . ASP B 2 59  ? -3.329  -8.298  13.067  1.00 38.83 ? 166 ASP B OD2 1 
ATOM   1322 N N   . LEU B 2 60  ? -0.347  -4.832  15.544  1.00 10.27 ? 167 LEU B N   1 
ATOM   1323 C CA  . LEU B 2 60  ? 0.209   -3.519  15.824  1.00 9.92  ? 167 LEU B CA  1 
ATOM   1324 C C   . LEU B 2 60  ? 1.549   -3.585  16.537  1.00 7.31  ? 167 LEU B C   1 
ATOM   1325 O O   . LEU B 2 60  ? 2.486   -2.873  16.170  1.00 7.30  ? 167 LEU B O   1 
ATOM   1326 C CB  . LEU B 2 60  ? -0.791  -2.697  16.636  1.00 3.03  ? 167 LEU B CB  1 
ATOM   1327 C CG  . LEU B 2 60  ? -1.982  -2.275  15.771  1.00 2.00  ? 167 LEU B CG  1 
ATOM   1328 C CD1 . LEU B 2 60  ? -3.026  -1.583  16.606  1.00 2.00  ? 167 LEU B CD1 1 
ATOM   1329 C CD2 . LEU B 2 60  ? -1.490  -1.363  14.658  1.00 2.00  ? 167 LEU B CD2 1 
ATOM   1330 N N   . MET B 2 61  ? 1.633   -4.448  17.550  1.00 13.28 ? 168 MET B N   1 
ATOM   1331 C CA  . MET B 2 61  ? 2.850   -4.637  18.337  1.00 16.49 ? 168 MET B CA  1 
ATOM   1332 C C   . MET B 2 61  ? 3.996   -5.106  17.436  1.00 19.23 ? 168 MET B C   1 
ATOM   1333 O O   . MET B 2 61  ? 5.129   -4.654  17.580  1.00 14.34 ? 168 MET B O   1 
ATOM   1334 C CB  . MET B 2 61  ? 2.591   -5.659  19.443  1.00 56.36 ? 168 MET B CB  1 
ATOM   1335 C CG  . MET B 2 61  ? 3.475   -5.496  20.660  1.00 65.91 ? 168 MET B CG  1 
ATOM   1336 S SD  . MET B 2 61  ? 3.053   -6.689  21.945  1.00 88.22 ? 168 MET B SD  1 
ATOM   1337 C CE  . MET B 2 61  ? 4.394   -7.884  21.744  1.00 67.90 ? 168 MET B CE  1 
ATOM   1338 N N   . GLU B 2 62  ? 3.698   -6.006  16.502  1.00 25.47 ? 169 GLU B N   1 
ATOM   1339 C CA  . GLU B 2 62  ? 4.716   -6.497  15.587  1.00 31.33 ? 169 GLU B CA  1 
ATOM   1340 C C   . GLU B 2 62  ? 5.158   -5.347  14.678  1.00 27.77 ? 169 GLU B C   1 
ATOM   1341 O O   . GLU B 2 62  ? 6.355   -5.128  14.466  1.00 24.18 ? 169 GLU B O   1 
ATOM   1342 C CB  . GLU B 2 62  ? 4.174   -7.648  14.739  1.00 84.90 ? 169 GLU B CB  1 
ATOM   1343 C CG  . GLU B 2 62  ? 5.196   -8.191  13.749  1.00 87.78 ? 169 GLU B CG  1 
ATOM   1344 C CD  . GLU B 2 62  ? 4.635   -9.263  12.834  1.00 96.40 ? 169 GLU B CD  1 
ATOM   1345 O OE1 . GLU B 2 62  ? 3.457   -9.649  13.000  1.00 84.07 ? 169 GLU B OE1 1 
ATOM   1346 O OE2 . GLU B 2 62  ? 5.382   -9.722  11.943  1.00 94.37 ? 169 GLU B OE2 1 
ATOM   1347 N N   . ALA B 2 63  ? 4.192   -4.608  14.142  1.00 23.31 ? 170 ALA B N   1 
ATOM   1348 C CA  . ALA B 2 63  ? 4.503   -3.476  13.270  1.00 23.69 ? 170 ALA B CA  1 
ATOM   1349 C C   . ALA B 2 63  ? 5.416   -2.488  14.003  1.00 29.16 ? 170 ALA B C   1 
ATOM   1350 O O   . ALA B 2 63  ? 6.357   -1.950  13.423  1.00 24.61 ? 170 ALA B O   1 
ATOM   1351 C CB  . ALA B 2 63  ? 3.214   -2.780  12.819  1.00 9.42  ? 170 ALA B CB  1 
ATOM   1352 N N   . GLN B 2 64  ? 5.142   -2.249  15.279  1.00 23.43 ? 171 GLN B N   1 
ATOM   1353 C CA  . GLN B 2 64  ? 5.984   -1.344  16.042  1.00 26.91 ? 171 GLN B CA  1 
ATOM   1354 C C   . GLN B 2 64  ? 7.393   -1.930  16.195  1.00 24.85 ? 171 GLN B C   1 
ATOM   1355 O O   . GLN B 2 64  ? 8.376   -1.189  16.329  1.00 27.78 ? 171 GLN B O   1 
ATOM   1356 C CB  . GLN B 2 64  ? 5.403   -1.078  17.425  1.00 26.37 ? 171 GLN B CB  1 
ATOM   1357 C CG  . GLN B 2 64  ? 6.213   -0.041  18.167  1.00 40.69 ? 171 GLN B CG  1 
ATOM   1358 C CD  . GLN B 2 64  ? 5.799   0.126   19.603  1.00 41.58 ? 171 GLN B CD  1 
ATOM   1359 O OE1 . GLN B 2 64  ? 6.279   1.028   20.285  1.00 40.02 ? 171 GLN B OE1 1 
ATOM   1360 N NE2 . GLN B 2 64  ? 4.911   -0.744  20.078  1.00 42.70 ? 171 GLN B NE2 1 
ATOM   1361 N N   . GLU B 2 65  ? 7.490   -3.257  16.192  1.00 23.21 ? 172 GLU B N   1 
ATOM   1362 C CA  . GLU B 2 65  ? 8.789   -3.895  16.306  1.00 21.95 ? 172 GLU B CA  1 
ATOM   1363 C C   . GLU B 2 65  ? 9.543   -3.676  14.999  1.00 24.92 ? 172 GLU B C   1 
ATOM   1364 O O   . GLU B 2 65  ? 10.717  -3.296  14.999  1.00 25.70 ? 172 GLU B O   1 
ATOM   1365 C CB  . GLU B 2 65  ? 8.637   -5.391  16.600  1.00 74.62 ? 172 GLU B CB  1 
ATOM   1366 C CG  . GLU B 2 65  ? 8.493   -5.705  18.086  1.00 88.48 ? 172 GLU B CG  1 
ATOM   1367 C CD  . GLU B 2 65  ? 8.050   -7.135  18.358  1.00 96.40 ? 172 GLU B CD  1 
ATOM   1368 O OE1 . GLU B 2 65  ? 8.696   -8.075  17.849  1.00 96.40 ? 172 GLU B OE1 1 
ATOM   1369 O OE2 . GLU B 2 65  ? 7.051   -7.320  19.090  1.00 96.40 ? 172 GLU B OE2 1 
ATOM   1370 N N   . TRP B 2 66  ? 8.869   -3.884  13.878  1.00 16.45 ? 173 TRP B N   1 
ATOM   1371 C CA  . TRP B 2 66  ? 9.527   -3.699  12.597  1.00 20.48 ? 173 TRP B CA  1 
ATOM   1372 C C   . TRP B 2 66  ? 10.062  -2.284  12.403  1.00 16.11 ? 173 TRP B C   1 
ATOM   1373 O O   . TRP B 2 66  ? 11.012  -2.079  11.640  1.00 20.16 ? 173 TRP B O   1 
ATOM   1374 C CB  . TRP B 2 66  ? 8.579   -4.063  11.460  1.00 11.76 ? 173 TRP B CB  1 
ATOM   1375 C CG  . TRP B 2 66  ? 8.529   -5.532  11.180  1.00 14.31 ? 173 TRP B CG  1 
ATOM   1376 C CD1 . TRP B 2 66  ? 7.460   -6.366  11.354  1.00 15.41 ? 173 TRP B CD1 1 
ATOM   1377 C CD2 . TRP B 2 66  ? 9.570   -6.330  10.597  1.00 14.78 ? 173 TRP B CD2 1 
ATOM   1378 N NE1 . TRP B 2 66  ? 7.768   -7.628  10.905  1.00 27.96 ? 173 TRP B NE1 1 
ATOM   1379 C CE2 . TRP B 2 66  ? 9.055   -7.634  10.432  1.00 20.30 ? 173 TRP B CE2 1 
ATOM   1380 C CE3 . TRP B 2 66  ? 10.887  -6.066  10.187  1.00 13.31 ? 173 TRP B CE3 1 
ATOM   1381 C CZ2 . TRP B 2 66  ? 9.812   -8.673  9.875   1.00 16.42 ? 173 TRP B CZ2 1 
ATOM   1382 C CZ3 . TRP B 2 66  ? 11.639  -7.098  9.635   1.00 16.15 ? 173 TRP B CZ3 1 
ATOM   1383 C CH2 . TRP B 2 66  ? 11.098  -8.384  9.483   1.00 15.04 ? 173 TRP B CH2 1 
ATOM   1384 N N   . CYS B 2 67  ? 9.454   -1.310  13.081  1.00 19.25 ? 174 CYS B N   1 
ATOM   1385 C CA  . CYS B 2 67  ? 9.903   0.077   12.975  1.00 25.57 ? 174 CYS B CA  1 
ATOM   1386 C C   . CYS B 2 67  ? 11.177  0.210   13.796  1.00 26.07 ? 174 CYS B C   1 
ATOM   1387 O O   . CYS B 2 67  ? 12.121  0.879   13.384  1.00 25.97 ? 174 CYS B O   1 
ATOM   1388 C CB  . CYS B 2 67  ? 8.839   1.058   13.493  1.00 11.56 ? 174 CYS B CB  1 
ATOM   1389 S SG  . CYS B 2 67  ? 7.424   1.350   12.379  1.00 15.34 ? 174 CYS B SG  1 
ATOM   1390 N N   . ARG B 2 68  ? 11.201  -0.433  14.958  1.00 17.55 ? 175 ARG B N   1 
ATOM   1391 C CA  . ARG B 2 68  ? 12.386  -0.401  15.801  1.00 23.25 ? 175 ARG B CA  1 
ATOM   1392 C C   . ARG B 2 68  ? 13.518  -1.059  15.022  1.00 27.95 ? 175 ARG B C   1 
ATOM   1393 O O   . ARG B 2 68  ? 14.628  -0.540  14.976  1.00 20.17 ? 175 ARG B O   1 
ATOM   1394 C CB  . ARG B 2 68  ? 12.152  -1.152  17.112  0.50 4.52  ? 175 ARG B CB  1 
ATOM   1395 C CG  . ARG B 2 68  ? 11.095  -0.540  18.011  0.50 4.75  ? 175 ARG B CG  1 
ATOM   1396 C CD  . ARG B 2 68  ? 10.974  -1.331  19.307  0.50 17.79 ? 175 ARG B CD  1 
ATOM   1397 N NE  . ARG B 2 68  ? 9.878   -0.854  20.147  0.50 22.30 ? 175 ARG B NE  1 
ATOM   1398 C CZ  . ARG B 2 68  ? 9.778   0.386   20.616  0.50 29.00 ? 175 ARG B CZ  1 
ATOM   1399 N NH1 . ARG B 2 68  ? 10.713  1.284   20.332  0.50 19.37 ? 175 ARG B NH1 1 
ATOM   1400 N NH2 . ARG B 2 68  ? 8.744   0.726   21.371  0.50 24.55 ? 175 ARG B NH2 1 
ATOM   1401 N N   . LYS B 2 69  ? 13.245  -2.202  14.401  1.00 8.12  ? 176 LYS B N   1 
ATOM   1402 C CA  . LYS B 2 69  ? 14.281  -2.859  13.617  1.00 13.83 ? 176 LYS B CA  1 
ATOM   1403 C C   . LYS B 2 69  ? 14.879  -1.841  12.649  1.00 7.05  ? 176 LYS B C   1 
ATOM   1404 O O   . LYS B 2 69  ? 16.087  -1.743  12.530  1.00 6.26  ? 176 LYS B O   1 
ATOM   1405 C CB  . LYS B 2 69  ? 13.718  -4.051  12.828  1.00 9.35  ? 176 LYS B CB  1 
ATOM   1406 C CG  . LYS B 2 69  ? 13.221  -5.198  13.696  1.00 24.67 ? 176 LYS B CG  1 
ATOM   1407 C CD  . LYS B 2 69  ? 12.855  -6.420  12.853  1.00 35.67 ? 176 LYS B CD  1 
ATOM   1408 C CE  . LYS B 2 69  ? 12.297  -7.578  13.697  1.00 40.77 ? 176 LYS B CE  1 
ATOM   1409 N NZ  . LYS B 2 69  ? 11.882  -8.756  12.855  1.00 37.21 ? 176 LYS B NZ  1 
ATOM   1410 N N   . TYR B 2 70  ? 14.028  -1.079  11.970  1.00 24.13 ? 177 TYR B N   1 
ATOM   1411 C CA  . TYR B 2 70  ? 14.476  -0.063  11.018  1.00 27.11 ? 177 TYR B CA  1 
ATOM   1412 C C   . TYR B 2 70  ? 15.391  0.991   11.638  1.00 33.54 ? 177 TYR B C   1 
ATOM   1413 O O   . TYR B 2 70  ? 16.398  1.370   11.040  1.00 25.78 ? 177 TYR B O   1 
ATOM   1414 C CB  . TYR B 2 70  ? 13.279  0.658   10.402  1.00 13.83 ? 177 TYR B CB  1 
ATOM   1415 C CG  . TYR B 2 70  ? 13.673  1.848   9.556   1.00 20.00 ? 177 TYR B CG  1 
ATOM   1416 C CD1 . TYR B 2 70  ? 14.302  1.667   8.329   1.00 21.45 ? 177 TYR B CD1 1 
ATOM   1417 C CD2 . TYR B 2 70  ? 13.444  3.154   9.994   1.00 16.70 ? 177 TYR B CD2 1 
ATOM   1418 C CE1 . TYR B 2 70  ? 14.695  2.748   7.555   1.00 22.60 ? 177 TYR B CE1 1 
ATOM   1419 C CE2 . TYR B 2 70  ? 13.834  4.240   9.228   1.00 13.03 ? 177 TYR B CE2 1 
ATOM   1420 C CZ  . TYR B 2 70  ? 14.461  4.025   8.007   1.00 20.18 ? 177 TYR B CZ  1 
ATOM   1421 O OH  . TYR B 2 70  ? 14.867  5.078   7.226   1.00 22.17 ? 177 TYR B OH  1 
ATOM   1422 N N   . MET B 2 71  ? 15.019  1.479   12.821  1.00 22.85 ? 178 MET B N   1 
ATOM   1423 C CA  . MET B 2 71  ? 15.793  2.494   13.528  1.00 27.04 ? 178 MET B CA  1 
ATOM   1424 C C   . MET B 2 71  ? 17.221  2.028   13.760  1.00 25.90 ? 178 MET B C   1 
ATOM   1425 O O   . MET B 2 71  ? 18.139  2.840   13.805  1.00 32.27 ? 178 MET B O   1 
ATOM   1426 C CB  . MET B 2 71  ? 15.115  2.832   14.861  1.00 89.85 ? 178 MET B CB  1 
ATOM   1427 C CG  . MET B 2 71  ? 13.736  3.475   14.687  1.00 96.05 ? 178 MET B CG  1 
ATOM   1428 S SD  . MET B 2 71  ? 12.824  3.804   16.226  1.00 96.40 ? 178 MET B SD  1 
ATOM   1429 C CE  . MET B 2 71  ? 11.381  2.730   16.051  1.00 96.40 ? 178 MET B CE  1 
ATOM   1430 N N   . LYS B 2 72  ? 17.406  0.715   13.883  1.00 14.33 ? 179 LYS B N   1 
ATOM   1431 C CA  . LYS B 2 72  ? 18.731  0.136   14.116  1.00 25.73 ? 179 LYS B CA  1 
ATOM   1432 C C   . LYS B 2 72  ? 19.494  -0.311  12.870  1.00 26.39 ? 179 LYS B C   1 
ATOM   1433 O O   . LYS B 2 72  ? 20.722  -0.354  12.885  1.00 23.91 ? 179 LYS B O   1 
ATOM   1434 C CB  . LYS B 2 72  ? 18.636  -1.054  15.081  1.00 35.12 ? 179 LYS B CB  1 
ATOM   1435 C CG  . LYS B 2 72  ? 18.230  -0.660  16.480  1.00 47.11 ? 179 LYS B CG  1 
ATOM   1436 C CD  . LYS B 2 72  ? 18.670  -1.676  17.523  1.00 59.35 ? 179 LYS B CD  1 
ATOM   1437 C CE  . LYS B 2 72  ? 18.452  -1.120  18.931  1.00 62.26 ? 179 LYS B CE  1 
ATOM   1438 N NZ  . LYS B 2 72  ? 19.094  -1.940  19.996  1.00 66.84 ? 179 LYS B NZ  1 
ATOM   1439 N N   . SER B 2 73  ? 18.788  -0.622  11.790  1.00 23.10 ? 180 SER B N   1 
ATOM   1440 C CA  . SER B 2 73  ? 19.448  -1.105  10.581  1.00 29.28 ? 180 SER B CA  1 
ATOM   1441 C C   . SER B 2 73  ? 19.499  -0.162  9.396   1.00 21.55 ? 180 SER B C   1 
ATOM   1442 O O   . SER B 2 73  ? 20.318  -0.344  8.500   1.00 26.82 ? 180 SER B O   1 
ATOM   1443 C CB  . SER B 2 73  ? 18.775  -2.390  10.129  1.00 18.80 ? 180 SER B CB  1 
ATOM   1444 O OG  . SER B 2 73  ? 17.411  -2.142  9.841   1.00 7.40  ? 180 SER B OG  1 
ATOM   1445 N N   . GLY B 2 74  ? 18.610  0.825   9.372   1.00 16.56 ? 181 GLY B N   1 
ATOM   1446 C CA  . GLY B 2 74  ? 18.575  1.760   8.262   1.00 19.22 ? 181 GLY B CA  1 
ATOM   1447 C C   . GLY B 2 74  ? 18.140  1.061   6.986   1.00 20.28 ? 181 GLY B C   1 
ATOM   1448 O O   . GLY B 2 74  ? 18.350  1.574   5.890   1.00 21.25 ? 181 GLY B O   1 
ATOM   1449 N N   . ASN B 2 75  ? 17.529  -0.110  7.123   1.00 11.02 ? 182 ASN B N   1 
ATOM   1450 C CA  . ASN B 2 75  ? 17.081  -0.876  5.963   1.00 14.05 ? 182 ASN B CA  1 
ATOM   1451 C C   . ASN B 2 75  ? 15.607  -0.569  5.623   1.00 7.41  ? 182 ASN B C   1 
ATOM   1452 O O   . ASN B 2 75  ? 14.675  -1.024  6.314   1.00 11.81 ? 182 ASN B O   1 
ATOM   1453 C CB  . ASN B 2 75  ? 17.266  -2.372  6.242   1.00 31.40 ? 182 ASN B CB  1 
ATOM   1454 C CG  . ASN B 2 75  ? 17.155  -3.226  4.995   1.00 46.26 ? 182 ASN B CG  1 
ATOM   1455 O OD1 . ASN B 2 75  ? 17.267  -4.446  5.064   1.00 60.57 ? 182 ASN B OD1 1 
ATOM   1456 N ND2 . ASN B 2 75  ? 16.946  -2.591  3.849   1.00 32.14 ? 182 ASN B ND2 1 
ATOM   1457 N N   . VAL B 2 76  ? 15.400  0.202   4.555   1.00 31.43 ? 183 VAL B N   1 
ATOM   1458 C CA  . VAL B 2 76  ? 14.054  0.583   4.147   1.00 38.42 ? 183 VAL B CA  1 
ATOM   1459 C C   . VAL B 2 76  ? 13.104  -0.619  4.045   1.00 42.00 ? 183 VAL B C   1 
ATOM   1460 O O   . VAL B 2 76  ? 11.885  -0.452  4.033   1.00 34.94 ? 183 VAL B O   1 
ATOM   1461 C CB  . VAL B 2 76  ? 14.076  1.348   2.794   1.00 33.05 ? 183 VAL B CB  1 
ATOM   1462 C CG1 . VAL B 2 76  ? 13.975  0.373   1.633   1.00 34.70 ? 183 VAL B CG1 1 
ATOM   1463 C CG2 . VAL B 2 76  ? 12.940  2.362   2.751   1.00 34.80 ? 183 VAL B CG2 1 
ATOM   1464 N N   . LYS B 2 77  ? 13.663  -1.828  3.989   1.00 19.21 ? 184 LYS B N   1 
ATOM   1465 C CA  . LYS B 2 77  ? 12.860  -3.045  3.884   1.00 26.51 ? 184 LYS B CA  1 
ATOM   1466 C C   . LYS B 2 77  ? 12.172  -3.427  5.193   1.00 21.82 ? 184 LYS B C   1 
ATOM   1467 O O   . LYS B 2 77  ? 11.095  -4.035  5.177   1.00 12.66 ? 184 LYS B O   1 
ATOM   1468 C CB  . LYS B 2 77  ? 13.722  -4.214  3.397   1.00 64.74 ? 184 LYS B CB  1 
ATOM   1469 C CG  . LYS B 2 77  ? 13.324  -4.731  2.025   1.00 82.24 ? 184 LYS B CG  1 
ATOM   1470 C CD  . LYS B 2 77  ? 13.389  -3.625  0.980   1.00 85.48 ? 184 LYS B CD  1 
ATOM   1471 C CE  . LYS B 2 77  ? 12.823  -4.072  -0.369  1.00 91.97 ? 184 LYS B CE  1 
ATOM   1472 N NZ  . LYS B 2 77  ? 11.345  -4.282  -0.343  1.00 71.38 ? 184 LYS B NZ  1 
ATOM   1473 N N   . ASP B 2 78  ? 12.786  -3.080  6.322   1.00 25.98 ? 185 ASP B N   1 
ATOM   1474 C CA  . ASP B 2 78  ? 12.200  -3.395  7.621   1.00 28.66 ? 185 ASP B CA  1 
ATOM   1475 C C   . ASP B 2 78  ? 11.026  -2.483  7.905   1.00 24.89 ? 185 ASP B C   1 
ATOM   1476 O O   . ASP B 2 78  ? 10.092  -2.859  8.603   1.00 25.85 ? 185 ASP B O   1 
ATOM   1477 C CB  . ASP B 2 78  ? 13.230  -3.233  8.730   1.00 30.26 ? 185 ASP B CB  1 
ATOM   1478 C CG  . ASP B 2 78  ? 14.305  -4.266  8.658   1.00 43.60 ? 185 ASP B CG  1 
ATOM   1479 O OD1 . ASP B 2 78  ? 13.952  -5.453  8.518   1.00 39.46 ? 185 ASP B OD1 1 
ATOM   1480 O OD2 . ASP B 2 78  ? 15.493  -3.902  8.741   1.00 36.82 ? 185 ASP B OD2 1 
ATOM   1481 N N   . LEU B 2 79  ? 11.102  -1.274  7.358   1.00 14.68 ? 186 LEU B N   1 
ATOM   1482 C CA  . LEU B 2 79  ? 10.071  -0.261  7.516   1.00 20.42 ? 186 LEU B CA  1 
ATOM   1483 C C   . LEU B 2 79  ? 8.852   -0.701  6.714   1.00 24.68 ? 186 LEU B C   1 
ATOM   1484 O O   . LEU B 2 79  ? 7.712   -0.499  7.142   1.00 16.51 ? 186 LEU B O   1 
ATOM   1485 C CB  . LEU B 2 79  ? 10.599  1.078   7.011   1.00 32.50 ? 186 LEU B CB  1 
ATOM   1486 C CG  . LEU B 2 79  ? 9.705   2.309   7.054   1.00 41.77 ? 186 LEU B CG  1 
ATOM   1487 C CD1 . LEU B 2 79  ? 9.212   2.534   8.452   1.00 36.60 ? 186 LEU B CD1 1 
ATOM   1488 C CD2 . LEU B 2 79  ? 10.490  3.508   6.572   1.00 30.43 ? 186 LEU B CD2 1 
ATOM   1489 N N   . THR B 2 80  ? 9.090   -1.322  5.560   1.00 14.94 ? 187 THR B N   1 
ATOM   1490 C CA  . THR B 2 80  ? 7.985   -1.790  4.728   1.00 20.07 ? 187 THR B CA  1 
ATOM   1491 C C   . THR B 2 80  ? 7.307   -3.032  5.298   1.00 11.90 ? 187 THR B C   1 
ATOM   1492 O O   . THR B 2 80  ? 6.148   -3.300  4.994   1.00 13.76 ? 187 THR B O   1 
ATOM   1493 C CB  . THR B 2 80  ? 8.431   -2.083  3.283   1.00 33.69 ? 187 THR B CB  1 
ATOM   1494 O OG1 . THR B 2 80  ? 9.549   -2.978  3.287   1.00 32.53 ? 187 THR B OG1 1 
ATOM   1495 C CG2 . THR B 2 80  ? 8.794   -0.788  2.580   1.00 27.16 ? 187 THR B CG2 1 
ATOM   1496 N N   . GLN B 2 81  ? 8.025   -3.799  6.112   1.00 16.42 ? 188 GLN B N   1 
ATOM   1497 C CA  . GLN B 2 81  ? 7.430   -4.983  6.728   1.00 21.56 ? 188 GLN B CA  1 
ATOM   1498 C C   . GLN B 2 81  ? 6.389   -4.499  7.719   1.00 25.31 ? 188 GLN B C   1 
ATOM   1499 O O   . GLN B 2 81  ? 5.389   -5.160  7.971   1.00 20.64 ? 188 GLN B O   1 
ATOM   1500 C CB  . GLN B 2 81  ? 8.490   -5.822  7.456   1.00 13.68 ? 188 GLN B CB  1 
ATOM   1501 C CG  . GLN B 2 81  ? 9.141   -6.840  6.561   1.00 36.21 ? 188 GLN B CG  1 
ATOM   1502 C CD  . GLN B 2 81  ? 8.105   -7.745  5.945   1.00 42.81 ? 188 GLN B CD  1 
ATOM   1503 O OE1 . GLN B 2 81  ? 8.275   -8.248  4.836   1.00 28.95 ? 188 GLN B OE1 1 
ATOM   1504 N NE2 . GLN B 2 81  ? 7.013   -7.960  6.669   1.00 33.17 ? 188 GLN B NE2 1 
ATOM   1505 N N   . ALA B 2 82  ? 6.635   -3.328  8.282   1.00 24.29 ? 189 ALA B N   1 
ATOM   1506 C CA  . ALA B 2 82  ? 5.710   -2.761  9.233   1.00 22.84 ? 189 ALA B CA  1 
ATOM   1507 C C   . ALA B 2 82  ? 4.471   -2.306  8.463   1.00 27.51 ? 189 ALA B C   1 
ATOM   1508 O O   . ALA B 2 82  ? 3.347   -2.674  8.809   1.00 25.79 ? 189 ALA B O   1 
ATOM   1509 C CB  . ALA B 2 82  ? 6.365   -1.589  9.956   1.00 33.41 ? 189 ALA B CB  1 
ATOM   1510 N N   . TRP B 2 83  ? 4.674   -1.531  7.402   1.00 30.76 ? 190 TRP B N   1 
ATOM   1511 C CA  . TRP B 2 83  ? 3.545   -1.042  6.622   1.00 29.82 ? 190 TRP B CA  1 
ATOM   1512 C C   . TRP B 2 83  ? 2.648   -2.120  6.021   1.00 31.26 ? 190 TRP B C   1 
ATOM   1513 O O   . TRP B 2 83  ? 1.506   -1.852  5.659   1.00 31.56 ? 190 TRP B O   1 
ATOM   1514 C CB  . TRP B 2 83  ? 4.030   -0.074  5.538   1.00 10.90 ? 190 TRP B CB  1 
ATOM   1515 C CG  . TRP B 2 83  ? 4.137   1.309   6.098   1.00 13.95 ? 190 TRP B CG  1 
ATOM   1516 C CD1 . TRP B 2 83  ? 5.282   1.979   6.462   1.00 13.44 ? 190 TRP B CD1 1 
ATOM   1517 C CD2 . TRP B 2 83  ? 3.039   2.129   6.532   1.00 17.80 ? 190 TRP B CD2 1 
ATOM   1518 N NE1 . TRP B 2 83  ? 4.955   3.153   7.106   1.00 18.22 ? 190 TRP B NE1 1 
ATOM   1519 C CE2 . TRP B 2 83  ? 3.588   3.268   7.163   1.00 23.19 ? 190 TRP B CE2 1 
ATOM   1520 C CE3 . TRP B 2 83  ? 1.640   2.003   6.457   1.00 11.19 ? 190 TRP B CE3 1 
ATOM   1521 C CZ2 . TRP B 2 83  ? 2.789   4.273   7.712   1.00 16.39 ? 190 TRP B CZ2 1 
ATOM   1522 C CZ3 . TRP B 2 83  ? 0.850   3.004   7.004   1.00 17.35 ? 190 TRP B CZ3 1 
ATOM   1523 C CH2 . TRP B 2 83  ? 1.427   4.122   7.624   1.00 16.26 ? 190 TRP B CH2 1 
ATOM   1524 N N   . ASP B 2 84  ? 3.159   -3.339  5.920   1.00 19.65 ? 191 ASP B N   1 
ATOM   1525 C CA  . ASP B 2 84  ? 2.377   -4.444  5.386   1.00 23.66 ? 191 ASP B CA  1 
ATOM   1526 C C   . ASP B 2 84  ? 1.314   -4.790  6.440   1.00 19.62 ? 191 ASP B C   1 
ATOM   1527 O O   . ASP B 2 84  ? 0.183   -5.176  6.112   1.00 17.12 ? 191 ASP B O   1 
ATOM   1528 C CB  . ASP B 2 84  ? 3.289   -5.652  5.147   1.00 38.29 ? 191 ASP B CB  1 
ATOM   1529 C CG  . ASP B 2 84  ? 2.560   -6.823  4.524   1.00 44.50 ? 191 ASP B CG  1 
ATOM   1530 O OD1 . ASP B 2 84  ? 1.598   -6.579  3.762   1.00 42.99 ? 191 ASP B OD1 1 
ATOM   1531 O OD2 . ASP B 2 84  ? 2.958   -7.983  4.785   1.00 51.55 ? 191 ASP B OD2 1 
ATOM   1532 N N   . LEU B 2 85  ? 1.687   -4.641  7.711   1.00 18.10 ? 192 LEU B N   1 
ATOM   1533 C CA  . LEU B 2 85  ? 0.792   -4.947  8.826   1.00 22.65 ? 192 LEU B CA  1 
ATOM   1534 C C   . LEU B 2 85  ? -0.155  -3.783  9.145   1.00 23.43 ? 192 LEU B C   1 
ATOM   1535 O O   . LEU B 2 85  ? -1.327  -4.001  9.463   1.00 18.27 ? 192 LEU B O   1 
ATOM   1536 C CB  . LEU B 2 85  ? 1.616   -5.329  10.067  1.00 15.78 ? 192 LEU B CB  1 
ATOM   1537 C CG  . LEU B 2 85  ? 2.494   -6.587  9.962   1.00 24.72 ? 192 LEU B CG  1 
ATOM   1538 C CD1 . LEU B 2 85  ? 3.771   -6.353  10.726  1.00 20.24 ? 192 LEU B CD1 1 
ATOM   1539 C CD2 . LEU B 2 85  ? 1.775   -7.811  10.509  1.00 19.44 ? 192 LEU B CD2 1 
ATOM   1540 N N   . TYR B 2 86  ? 0.349   -2.554  9.065   1.00 35.41 ? 193 TYR B N   1 
ATOM   1541 C CA  . TYR B 2 86  ? -0.481  -1.382  9.320   1.00 36.02 ? 193 TYR B CA  1 
ATOM   1542 C C   . TYR B 2 86  ? -1.582  -1.363  8.266   1.00 34.25 ? 193 TYR B C   1 
ATOM   1543 O O   . TYR B 2 86  ? -2.721  -0.996  8.553   1.00 36.99 ? 193 TYR B O   1 
ATOM   1544 C CB  . TYR B 2 86  ? 0.339   -0.095  9.210   1.00 21.36 ? 193 TYR B CB  1 
ATOM   1545 C CG  . TYR B 2 86  ? 1.249   0.205   10.384  1.00 24.45 ? 193 TYR B CG  1 
ATOM   1546 C CD1 . TYR B 2 86  ? 0.820   0.020   11.701  1.00 25.66 ? 193 TYR B CD1 1 
ATOM   1547 C CD2 . TYR B 2 86  ? 2.513   0.746   10.175  1.00 27.10 ? 193 TYR B CD2 1 
ATOM   1548 C CE1 . TYR B 2 86  ? 1.623   0.378   12.771  1.00 18.87 ? 193 TYR B CE1 1 
ATOM   1549 C CE2 . TYR B 2 86  ? 3.318   1.101   11.234  1.00 22.38 ? 193 TYR B CE2 1 
ATOM   1550 C CZ  . TYR B 2 86  ? 2.869   0.921   12.525  1.00 23.48 ? 193 TYR B CZ  1 
ATOM   1551 O OH  . TYR B 2 86  ? 3.667   1.322   13.562  1.00 22.34 ? 193 TYR B OH  1 
ATOM   1552 N N   . TYR B 2 87  ? -1.230  -1.748  7.042   1.00 25.50 ? 194 TYR B N   1 
ATOM   1553 C CA  . TYR B 2 87  ? -2.192  -1.800  5.945   1.00 25.09 ? 194 TYR B CA  1 
ATOM   1554 C C   . TYR B 2 87  ? -3.284  -2.795  6.305   1.00 23.42 ? 194 TYR B C   1 
ATOM   1555 O O   . TYR B 2 87  ? -4.475  -2.513  6.213   1.00 26.55 ? 194 TYR B O   1 
ATOM   1556 C CB  . TYR B 2 87  ? -1.509  -2.263  4.649   1.00 28.58 ? 194 TYR B CB  1 
ATOM   1557 C CG  . TYR B 2 87  ? -2.417  -2.225  3.430   1.00 27.22 ? 194 TYR B CG  1 
ATOM   1558 C CD1 . TYR B 2 87  ? -3.429  -1.270  3.330   1.00 30.79 ? 194 TYR B CD1 1 
ATOM   1559 C CD2 . TYR B 2 87  ? -2.201  -3.068  2.341   1.00 32.39 ? 194 TYR B CD2 1 
ATOM   1560 C CE1 . TYR B 2 87  ? -4.192  -1.136  2.181   1.00 30.81 ? 194 TYR B CE1 1 
ATOM   1561 C CE2 . TYR B 2 87  ? -2.964  -2.944  1.176   1.00 34.07 ? 194 TYR B CE2 1 
ATOM   1562 C CZ  . TYR B 2 87  ? -3.954  -1.966  1.107   1.00 36.84 ? 194 TYR B CZ  1 
ATOM   1563 O OH  . TYR B 2 87  ? -4.680  -1.764  -0.046  1.00 34.92 ? 194 TYR B OH  1 
ATOM   1564 N N   . HIS B 2 88  ? -2.841  -3.969  6.723   1.00 2.76  ? 195 HIS B N   1 
ATOM   1565 C CA  . HIS B 2 88  ? -3.713  -5.062  7.100   1.00 7.33  ? 195 HIS B CA  1 
ATOM   1566 C C   . HIS B 2 88  ? -4.728  -4.630  8.151   1.00 15.40 ? 195 HIS B C   1 
ATOM   1567 O O   . HIS B 2 88  ? -5.929  -4.840  7.978   1.00 10.54 ? 195 HIS B O   1 
ATOM   1568 C CB  . HIS B 2 88  ? -2.859  -6.217  7.616   1.00 32.49 ? 195 HIS B CB  1 
ATOM   1569 C CG  . HIS B 2 88  ? -3.618  -7.485  7.804   1.00 48.50 ? 195 HIS B CG  1 
ATOM   1570 N ND1 . HIS B 2 88  ? -4.390  -8.035  6.806   1.00 58.52 ? 195 HIS B ND1 1 
ATOM   1571 C CD2 . HIS B 2 88  ? -3.735  -8.304  8.873   1.00 55.63 ? 195 HIS B CD2 1 
ATOM   1572 C CE1 . HIS B 2 88  ? -4.953  -9.141  7.255   1.00 45.50 ? 195 HIS B CE1 1 
ATOM   1573 N NE2 . HIS B 2 88  ? -4.573  -9.327  8.505   1.00 44.03 ? 195 HIS B NE2 1 
ATOM   1574 N N   . VAL B 2 89  ? -4.247  -4.034  9.242   1.00 6.97  ? 196 VAL B N   1 
ATOM   1575 C CA  . VAL B 2 89  ? -5.144  -3.570  10.298  1.00 7.22  ? 196 VAL B CA  1 
ATOM   1576 C C   . VAL B 2 89  ? -6.110  -2.534  9.720   1.00 5.72  ? 196 VAL B C   1 
ATOM   1577 O O   . VAL B 2 89  ? -7.321  -2.627  9.918   1.00 8.81  ? 196 VAL B O   1 
ATOM   1578 C CB  . VAL B 2 89  ? -4.358  -2.942  11.454  1.00 10.62 ? 196 VAL B CB  1 
ATOM   1579 C CG1 . VAL B 2 89  ? -5.307  -2.445  12.522  1.00 10.20 ? 196 VAL B CG1 1 
ATOM   1580 C CG2 . VAL B 2 89  ? -3.418  -3.968  12.031  1.00 5.62  ? 196 VAL B CG2 1 
ATOM   1581 N N   . PHE B 2 90  ? -5.558  -1.566  8.992   1.00 12.79 ? 197 PHE B N   1 
ATOM   1582 C CA  . PHE B 2 90  ? -6.333  -0.503  8.347   1.00 14.62 ? 197 PHE B CA  1 
ATOM   1583 C C   . PHE B 2 90  ? -7.461  -1.032  7.450   1.00 23.36 ? 197 PHE B C   1 
ATOM   1584 O O   . PHE B 2 90  ? -8.566  -0.499  7.456   1.00 19.61 ? 197 PHE B O   1 
ATOM   1585 C CB  . PHE B 2 90  ? -5.396  0.371   7.511   1.00 23.48 ? 197 PHE B CB  1 
ATOM   1586 C CG  . PHE B 2 90  ? -6.070  1.541   6.860   1.00 22.00 ? 197 PHE B CG  1 
ATOM   1587 C CD1 . PHE B 2 90  ? -6.474  2.635   7.614   1.00 23.18 ? 197 PHE B CD1 1 
ATOM   1588 C CD2 . PHE B 2 90  ? -6.295  1.553   5.489   1.00 21.41 ? 197 PHE B CD2 1 
ATOM   1589 C CE1 . PHE B 2 90  ? -7.092  3.728   7.014   1.00 27.72 ? 197 PHE B CE1 1 
ATOM   1590 C CE2 . PHE B 2 90  ? -6.913  2.642   4.882   1.00 24.49 ? 197 PHE B CE2 1 
ATOM   1591 C CZ  . PHE B 2 90  ? -7.313  3.732   5.650   1.00 26.74 ? 197 PHE B CZ  1 
ATOM   1592 N N   . ARG B 2 91  ? -7.177  -2.073  6.679   1.00 37.85 ? 198 ARG B N   1 
ATOM   1593 C CA  . ARG B 2 91  ? -8.171  -2.655  5.786   1.00 40.46 ? 198 ARG B CA  1 
ATOM   1594 C C   . ARG B 2 91  ? -9.360  -3.209  6.572   1.00 40.84 ? 198 ARG B C   1 
ATOM   1595 O O   . ARG B 2 91  ? -10.517 -2.904  6.272   1.00 47.79 ? 198 ARG B O   1 
ATOM   1596 C CB  . ARG B 2 91  ? -7.539  -3.781  4.968   1.00 80.80 ? 198 ARG B CB  1 
ATOM   1597 C CG  . ARG B 2 91  ? -8.465  -4.385  3.929   1.00 83.06 ? 198 ARG B CG  1 
ATOM   1598 C CD  . ARG B 2 91  ? -8.566  -3.512  2.680   1.00 91.85 ? 198 ARG B CD  1 
ATOM   1599 N NE  . ARG B 2 91  ? -7.391  -3.631  1.811   1.00 95.39 ? 198 ARG B NE  1 
ATOM   1600 C CZ  . ARG B 2 91  ? -7.024  -4.750  1.187   1.00 96.40 ? 198 ARG B CZ  1 
ATOM   1601 N NH1 . ARG B 2 91  ? -7.738  -5.862  1.334   1.00 96.40 ? 198 ARG B NH1 1 
ATOM   1602 N NH2 . ARG B 2 91  ? -5.940  -4.762  0.415   1.00 96.40 ? 198 ARG B NH2 1 
ATOM   1603 N N   . ARG B 2 92  ? -9.059  -4.027  7.577   1.00 13.27 ? 199 ARG B N   1 
ATOM   1604 C CA  . ARG B 2 92  ? -10.073 -4.651  8.423   1.00 16.22 ? 199 ARG B CA  1 
ATOM   1605 C C   . ARG B 2 92  ? -10.918 -3.619  9.163   1.00 23.10 ? 199 ARG B C   1 
ATOM   1606 O O   . ARG B 2 92  ? -12.113 -3.814  9.382   1.00 22.44 ? 199 ARG B O   1 
ATOM   1607 C CB  . ARG B 2 92  ? -9.402  -5.583  9.440   1.00 30.86 ? 199 ARG B CB  1 
ATOM   1608 C CG  . ARG B 2 92  ? -8.882  -6.885  8.864   1.00 36.59 ? 199 ARG B CG  1 
ATOM   1609 C CD  . ARG B 2 92  ? -8.016  -7.623  9.874   1.00 60.99 ? 199 ARG B CD  1 
ATOM   1610 N NE  . ARG B 2 92  ? -6.787  -6.888  10.170  1.00 63.75 ? 199 ARG B NE  1 
ATOM   1611 C CZ  . ARG B 2 92  ? -5.874  -7.267  11.062  1.00 78.72 ? 199 ARG B CZ  1 
ATOM   1612 N NH1 . ARG B 2 92  ? -6.043  -8.382  11.762  1.00 76.82 ? 199 ARG B NH1 1 
ATOM   1613 N NH2 . ARG B 2 92  ? -4.786  -6.533  11.251  1.00 86.33 ? 199 ARG B NH2 1 
ATOM   1614 N N   . ILE B 2 93  ? -10.281 -2.525  9.552   1.00 24.91 ? 200 ILE B N   1 
ATOM   1615 C CA  . ILE B 2 93  ? -10.954 -1.456  10.273  1.00 29.08 ? 200 ILE B CA  1 
ATOM   1616 C C   . ILE B 2 93  ? -11.999 -0.719  9.435   1.00 34.03 ? 200 ILE B C   1 
ATOM   1617 O O   . ILE B 2 93  ? -12.928 -0.132  9.989   1.00 31.30 ? 200 ILE B O   1 
ATOM   1618 C CB  . ILE B 2 93  ? -9.927  -0.435  10.812  1.00 33.72 ? 200 ILE B CB  1 
ATOM   1619 C CG1 . ILE B 2 93  ? -9.180  -1.041  12.002  1.00 29.92 ? 200 ILE B CG1 1 
ATOM   1620 C CG2 . ILE B 2 93  ? -10.618 0.873   11.176  1.00 34.49 ? 200 ILE B CG2 1 
ATOM   1621 C CD1 . ILE B 2 93  ? -8.076  -0.161  12.518  1.00 28.08 ? 200 ILE B CD1 1 
ATOM   1622 N N   . SER B 2 94  ? -11.850 -0.751  8.111   1.00 31.74 ? 201 SER B N   1 
ATOM   1623 C CA  . SER B 2 94  ? -12.806 -0.082  7.233   1.00 34.87 ? 201 SER B CA  1 
ATOM   1624 C C   . SER B 2 94  ? -13.930 -1.003  6.735   1.00 42.31 ? 201 SER B C   1 
ATOM   1625 O O   . SER B 2 94  ? -13.741 -2.242  6.671   1.00 39.88 ? 201 SER B O   1 
ATOM   1626 C CB  . SER B 2 94  ? -12.080 0.523   6.038   1.00 44.54 ? 201 SER B CB  1 
ATOM   1627 O OG  . SER B 2 94  ? -11.104 1.447   6.468   1.00 43.06 ? 201 SER B OG  1 
ATOM   1628 O OXT . SER B 2 94  ? -15.004 -0.461  6.399   1.00 44.11 ? 201 SER B OXT 1 
HETATM 1629 O O1  . ARD C 3 .   ? 1.692   2.213   -4.400  1.00 16.59 ? 402 ARD A O1  1 
HETATM 1630 C C1  . ARD C 3 .   ? 1.502   2.204   -5.827  1.00 17.39 ? 402 ARD A C1  1 
HETATM 1631 O O2  . ARD C 3 .   ? 0.790   3.055   -6.364  1.00 19.14 ? 402 ARD A O2  1 
HETATM 1632 C C2  . ARD C 3 .   ? 2.189   1.141   -6.668  1.00 16.55 ? 402 ARD A C2  1 
HETATM 1633 C C3  . ARD C 3 .   ? 1.192   0.316   -7.477  1.00 16.55 ? 402 ARD A C3  1 
HETATM 1634 C C4  . ARD C 3 .   ? 0.433   -0.725  -6.667  1.00 16.55 ? 402 ARD A C4  1 
HETATM 1635 C C5  . ARD C 3 .   ? 1.366   -1.584  -5.846  1.00 16.55 ? 402 ARD A C5  1 
HETATM 1636 C C6  . ARD C 3 .   ? 2.184   -0.722  -4.926  1.00 16.55 ? 402 ARD A C6  1 
HETATM 1637 N N1  . ARD C 3 .   ? 2.905   0.142   -5.864  1.00 16.55 ? 402 ARD A N1  1 
HETATM 1638 C C7  . ARD C 3 .   ? 4.237   0.107   -5.995  1.00 16.55 ? 402 ARD A C7  1 
HETATM 1639 O O3  . ARD C 3 .   ? 4.837   0.960   -6.650  1.00 21.10 ? 402 ARD A O3  1 
HETATM 1640 C C8  . ARD C 3 .   ? 5.002   -0.948  -5.470  1.00 19.67 ? 402 ARD A C8  1 
HETATM 1641 O O4  . ARD C 3 .   ? 5.096   -1.920  -6.217  1.00 18.45 ? 402 ARD A O4  1 
HETATM 1642 C C9  . ARD C 3 .   ? 5.709   -0.947  -4.106  1.00 21.31 ? 402 ARD A C9  1 
HETATM 1643 C C10 . ARD C 3 .   ? 6.457   0.398   -3.919  1.00 20.68 ? 402 ARD A C10 1 
HETATM 1644 C C11 . ARD C 3 .   ? 6.611   0.716   -2.433  1.00 19.84 ? 402 ARD A C11 1 
HETATM 1645 C C12 . ARD C 3 .   ? 5.362   0.462   -1.608  1.00 16.68 ? 402 ARD A C12 1 
HETATM 1646 C C13 . ARD C 3 .   ? 4.735   -0.910  -1.869  1.00 19.09 ? 402 ARD A C13 1 
HETATM 1647 O O5  . ARD C 3 .   ? 4.607   -1.031  -3.246  1.00 19.94 ? 402 ARD A O5  1 
HETATM 1648 O O6  . ARD C 3 .   ? 6.614   -2.041  -3.867  1.00 22.27 ? 402 ARD A O6  1 
HETATM 1649 C C42 . ARD C 3 .   ? 7.837   0.347   -4.571  1.00 22.99 ? 402 ARD A C42 1 
HETATM 1650 C C14 . ARD C 3 .   ? 3.377   -1.228  -1.241  1.00 17.41 ? 402 ARD A C14 1 
HETATM 1651 C C15 . ARD C 3 .   ? 3.303   -1.558  0.255   1.00 16.55 ? 402 ARD A C15 1 
HETATM 1652 C C49 . ARD C 3 .   ? 3.745   -2.931  0.535   1.00 16.55 ? 402 ARD A C49 1 
HETATM 1653 C C16 . ARD C 3 .   ? 1.908   -1.273  0.682   1.00 18.33 ? 402 ARD A C16 1 
HETATM 1654 C C43 . ARD C 3 .   ? 0.863   -2.053  -0.084  1.00 16.55 ? 402 ARD A C43 1 
HETATM 1655 C C17 . ARD C 3 .   ? 1.655   -0.356  1.609   1.00 22.81 ? 402 ARD A C17 1 
HETATM 1656 C C18 . ARD C 3 .   ? 0.327   0.029   2.100   1.00 23.61 ? 402 ARD A C18 1 
HETATM 1657 C C19 . ARD C 3 .   ? 0.144   0.991   2.990   1.00 20.34 ? 402 ARD A C19 1 
HETATM 1658 C C20 . ARD C 3 .   ? -1.217  1.399   3.339   1.00 16.55 ? 402 ARD A C20 1 
HETATM 1659 C C21 . ARD C 3 .   ? -1.526  2.368   4.186   1.00 16.55 ? 402 ARD A C21 1 
HETATM 1660 C C22 . ARD C 3 .   ? -2.952  2.760   4.559   1.00 16.55 ? 402 ARD A C22 1 
HETATM 1661 C C44 . ARD C 3 .   ? -3.015  3.113   6.032   1.00 16.55 ? 402 ARD A C44 1 
HETATM 1662 C C23 . ARD C 3 .   ? -3.425  3.955   3.732   1.00 16.55 ? 402 ARD A C23 1 
HETATM 1663 C C24 . ARD C 3 .   ? -3.635  3.704   2.240   1.00 16.55 ? 402 ARD A C24 1 
HETATM 1664 C C45 . ARD C 3 .   ? -4.852  2.844   2.021   1.00 16.55 ? 402 ARD A C45 1 
HETATM 1665 C C25 . ARD C 3 .   ? -3.804  5.032   1.527   1.00 16.55 ? 402 ARD A C25 1 
HETATM 1666 O O8  . ARD C 3 .   ? -4.902  5.354   1.072   1.00 19.57 ? 402 ARD A O8  1 
HETATM 1667 C C26 . ARD C 3 .   ? -2.602  5.979   1.433   1.00 21.61 ? 402 ARD A C26 1 
HETATM 1668 O O9  . ARD C 3 .   ? -2.980  7.329   1.346   1.00 27.35 ? 402 ARD A O9  1 
HETATM 1669 C C50 . ARD C 3 .   ? -4.162  7.782   1.920   1.00 29.96 ? 402 ARD A C50 1 
HETATM 1670 C C27 . ARD C 3 .   ? -1.742  5.648   0.190   1.00 20.88 ? 402 ARD A C27 1 
HETATM 1671 O O10 . ARD C 3 .   ? -2.553  5.766   -0.988  1.00 22.90 ? 402 ARD A O10 1 
HETATM 1672 C C28 . ARD C 3 .   ? -1.030  4.262   0.115   1.00 20.69 ? 402 ARD A C28 1 
HETATM 1673 C C46 . ARD C 3 .   ? 0.316   4.154   0.871   1.00 16.55 ? 402 ARD A C46 1 
HETATM 1674 C C29 . ARD C 3 .   ? -1.565  3.241   -0.564  1.00 16.55 ? 402 ARD A C29 1 
HETATM 1675 C C30 . ARD C 3 .   ? -0.977  1.867   -0.796  1.00 16.55 ? 402 ARD A C30 1 
HETATM 1676 C C47 . ARD C 3 .   ? -2.102  0.872   -0.918  1.00 16.55 ? 402 ARD A C47 1 
HETATM 1677 C C31 . ARD C 3 .   ? -0.136  1.850   -2.059  1.00 16.81 ? 402 ARD A C31 1 
HETATM 1678 O O11 . ARD C 3 .   ? -0.490  1.176   -3.020  1.00 18.52 ? 402 ARD A O11 1 
HETATM 1679 C C32 . ARD C 3 .   ? 1.143   2.656   -2.115  1.00 16.61 ? 402 ARD A C32 1 
HETATM 1680 C C33 . ARD C 3 .   ? 1.410   3.247   -3.503  1.00 19.89 ? 402 ARD A C33 1 
HETATM 1681 C C34 . ARD C 3 .   ? 2.636   4.217   -3.456  1.00 18.35 ? 402 ARD A C34 1 
HETATM 1682 C C48 . ARD C 3 .   ? 3.818   3.555   -2.762  1.00 18.50 ? 402 ARD A C48 1 
HETATM 1683 C C35 . ARD C 3 .   ? 2.271   5.488   -2.694  1.00 16.85 ? 402 ARD A C35 1 
HETATM 1684 C C36 . ARD C 3 .   ? 0.996   6.189   -3.162  1.00 18.25 ? 402 ARD A C36 1 
HETATM 1685 C C37 . ARD C 3 .   ? 0.822   7.467   -2.357  1.00 18.66 ? 402 ARD A C37 1 
HETATM 1686 C C38 . ARD C 3 .   ? -0.269  8.443   -2.810  1.00 19.40 ? 402 ARD A C38 1 
HETATM 1687 O O12 . ARD C 3 .   ? -0.066  9.625   -2.156  1.00 22.41 ? 402 ARD A O12 1 
HETATM 1688 C C51 . ARD C 3 .   ? -0.232  9.628   -0.765  1.00 24.88 ? 402 ARD A C51 1 
HETATM 1689 C C39 . ARD C 3 .   ? -0.157  8.756   -4.319  1.00 19.57 ? 402 ARD A C39 1 
HETATM 1690 O O13 . ARD C 3 .   ? -1.357  9.412   -4.757  1.00 19.80 ? 402 ARD A O13 1 
HETATM 1691 C C40 . ARD C 3 .   ? 0.007   7.475   -5.142  1.00 22.32 ? 402 ARD A C40 1 
HETATM 1692 C C41 . ARD C 3 .   ? 1.099   6.537   -4.649  1.00 22.91 ? 402 ARD A C41 1 
HETATM 1693 C C52 . ARD C 3 .   ? 5.016   -4.835  1.311   1.00 16.55 ? 402 ARD A C52 1 
HETATM 1694 C C53 . ARD C 3 .   ? 4.560   -5.003  0.005   1.00 16.55 ? 402 ARD A C53 1 
HETATM 1695 C C54 . ARD C 3 .   ? 3.785   -3.934  -0.431  1.00 16.92 ? 402 ARD A C54 1 
HETATM 1696 C C55 . ARD C 3 .   ? 5.787   -5.845  2.070   1.00 16.55 ? 402 ARD A C55 1 
HETATM 1697 S S1  . ARD C 3 .   ? 4.713   -3.281  1.863   1.00 19.92 ? 402 ARD A S1  1 
# 
loop_
_pdbx_poly_seq_scheme.asym_id 
_pdbx_poly_seq_scheme.entity_id 
_pdbx_poly_seq_scheme.seq_id 
_pdbx_poly_seq_scheme.mon_id 
_pdbx_poly_seq_scheme.ndb_seq_num 
_pdbx_poly_seq_scheme.pdb_seq_num 
_pdbx_poly_seq_scheme.auth_seq_num 
_pdbx_poly_seq_scheme.pdb_mon_id 
_pdbx_poly_seq_scheme.auth_mon_id 
_pdbx_poly_seq_scheme.pdb_strand_id 
_pdbx_poly_seq_scheme.pdb_ins_code 
_pdbx_poly_seq_scheme.hetero 
A 1 1   GLY 1   1   1   GLY GLY A . n 
A 1 2   VAL 2   2   2   VAL VAL A . n 
A 1 3   GLN 3   3   3   GLN GLN A . n 
A 1 4   VAL 4   4   4   VAL VAL A . n 
A 1 5   GLU 5   5   5   GLU GLU A . n 
A 1 6   THR 6   6   6   THR THR A . n 
A 1 7   ILE 7   7   7   ILE ILE A . n 
A 1 8   SER 8   8   8   SER SER A . n 
A 1 9   PRO 9   9   9   PRO PRO A . n 
A 1 10  GLY 10  10  10  GLY GLY A . n 
A 1 11  ASP 11  11  11  ASP ASP A . n 
A 1 12  GLY 12  12  12  GLY GLY A . n 
A 1 13  ARG 13  13  13  ARG ARG A . n 
A 1 14  THR 14  14  14  THR THR A . n 
A 1 15  PHE 15  15  15  PHE PHE A . n 
A 1 16  PRO 16  16  16  PRO PRO A . n 
A 1 17  LYS 17  17  17  LYS LYS A . n 
A 1 18  ARG 18  18  18  ARG ARG A . n 
A 1 19  GLY 19  19  19  GLY GLY A . n 
A 1 20  GLN 20  20  20  GLN GLN A . n 
A 1 21  THR 21  21  21  THR THR A . n 
A 1 22  CYS 22  22  22  CYS CYS A . n 
A 1 23  VAL 23  23  23  VAL VAL A . n 
A 1 24  VAL 24  24  24  VAL VAL A . n 
A 1 25  HIS 25  25  25  HIS HIS A . n 
A 1 26  TYR 26  26  26  TYR TYR A . n 
A 1 27  THR 27  27  27  THR THR A . n 
A 1 28  GLY 28  28  28  GLY GLY A . n 
A 1 29  MET 29  29  29  MET MET A . n 
A 1 30  LEU 30  30  30  LEU LEU A . n 
A 1 31  GLU 31  31  31  GLU GLU A . n 
A 1 32  ASP 32  32  32  ASP ASP A . n 
A 1 33  GLY 33  33  33  GLY GLY A . n 
A 1 34  LYS 34  34  34  LYS LYS A . n 
A 1 35  LYS 35  35  35  LYS LYS A . n 
A 1 36  PHE 36  36  36  PHE PHE A . n 
A 1 37  ASP 37  37  37  ASP ASP A . n 
A 1 38  SER 38  38  38  SER SER A . n 
A 1 39  SER 39  39  39  SER SER A . n 
A 1 40  ARG 40  40  40  ARG ARG A . n 
A 1 41  ASP 41  41  41  ASP ASP A . n 
A 1 42  ARG 42  42  42  ARG ARG A . n 
A 1 43  ASN 43  43  43  ASN ASN A . n 
A 1 44  LYS 44  44  44  LYS LYS A . n 
A 1 45  PRO 45  45  45  PRO PRO A . n 
A 1 46  PHE 46  46  46  PHE PHE A . n 
A 1 47  LYS 47  47  47  LYS LYS A . n 
A 1 48  PHE 48  48  48  PHE PHE A . n 
A 1 49  MET 49  49  49  MET MET A . n 
A 1 50  LEU 50  50  50  LEU LEU A . n 
A 1 51  GLY 51  51  51  GLY GLY A . n 
A 1 52  LYS 52  52  52  LYS LYS A . n 
A 1 53  GLN 53  53  53  GLN GLN A . n 
A 1 54  GLU 54  54  54  GLU GLU A . n 
A 1 55  VAL 55  55  55  VAL VAL A . n 
A 1 56  ILE 56  56  56  ILE ILE A . n 
A 1 57  ARG 57  57  57  ARG ARG A . n 
A 1 58  GLY 58  58  58  GLY GLY A . n 
A 1 59  TRP 59  59  59  TRP TRP A . n 
A 1 60  GLU 60  60  60  GLU GLU A . n 
A 1 61  GLU 61  61  61  GLU GLU A . n 
A 1 62  GLY 62  62  62  GLY GLY A . n 
A 1 63  VAL 63  63  63  VAL VAL A . n 
A 1 64  ALA 64  64  64  ALA ALA A . n 
A 1 65  GLN 65  65  65  GLN GLN A . n 
A 1 66  MET 66  66  66  MET MET A . n 
A 1 67  SER 67  67  67  SER SER A . n 
A 1 68  VAL 68  68  68  VAL VAL A . n 
A 1 69  GLY 69  69  69  GLY GLY A . n 
A 1 70  GLN 70  70  70  GLN GLN A . n 
A 1 71  ARG 71  71  71  ARG ARG A . n 
A 1 72  ALA 72  72  72  ALA ALA A . n 
A 1 73  LYS 73  73  73  LYS LYS A . n 
A 1 74  LEU 74  74  74  LEU LEU A . n 
A 1 75  THR 75  75  75  THR THR A . n 
A 1 76  ILE 76  76  76  ILE ILE A . n 
A 1 77  SER 77  77  77  SER SER A . n 
A 1 78  PRO 78  78  78  PRO PRO A . n 
A 1 79  ASP 79  79  79  ASP ASP A . n 
A 1 80  TYR 80  80  80  TYR TYR A . n 
A 1 81  ALA 81  81  81  ALA ALA A . n 
A 1 82  TYR 82  82  82  TYR TYR A . n 
A 1 83  GLY 83  83  83  GLY GLY A . n 
A 1 84  ALA 84  84  84  ALA ALA A . n 
A 1 85  THR 85  85  85  THR THR A . n 
A 1 86  GLY 86  86  86  GLY GLY A . n 
A 1 87  HIS 87  87  87  HIS HIS A . n 
A 1 88  PRO 88  88  88  PRO PRO A . n 
A 1 89  GLY 89  89  89  GLY GLY A . n 
A 1 90  ILE 90  90  90  ILE ILE A . n 
A 1 91  ILE 91  91  91  ILE ILE A . n 
A 1 92  PRO 92  92  92  PRO PRO A . n 
A 1 93  PRO 93  93  93  PRO PRO A . n 
A 1 94  HIS 94  94  94  HIS HIS A . n 
A 1 95  ALA 95  95  95  ALA ALA A . n 
A 1 96  THR 96  96  96  THR THR A . n 
A 1 97  LEU 97  97  97  LEU LEU A . n 
A 1 98  VAL 98  98  98  VAL VAL A . n 
A 1 99  PHE 99  99  99  PHE PHE A . n 
A 1 100 ASP 100 100 100 ASP ASP A . n 
A 1 101 VAL 101 101 101 VAL VAL A . n 
A 1 102 GLU 102 102 102 GLU GLU A . n 
A 1 103 LEU 103 103 103 LEU LEU A . n 
A 1 104 LEU 104 104 104 LEU LEU A . n 
A 1 105 LYS 105 105 105 LYS LYS A . n 
A 1 106 LEU 106 106 106 LEU LEU A . n 
A 1 107 GLU 107 107 107 GLU GLU A . n 
B 2 1   VAL 1   108 108 VAL VAL B . n 
B 2 2   ALA 2   109 109 ALA ALA B . n 
B 2 3   ILE 3   110 110 ILE ILE B . n 
B 2 4   LEU 4   111 111 LEU LEU B . n 
B 2 5   TRP 5   112 112 TRP TRP B . n 
B 2 6   HIS 6   113 113 HIS HIS B . n 
B 2 7   GLU 7   114 114 GLU GLU B . n 
B 2 8   MET 8   115 115 MET MET B . n 
B 2 9   TRP 9   116 116 TRP TRP B . n 
B 2 10  HIS 10  117 117 HIS HIS B . n 
B 2 11  GLU 11  118 118 GLU GLU B . n 
B 2 12  GLY 12  119 119 GLY GLY B . n 
B 2 13  LEU 13  120 120 LEU LEU B . n 
B 2 14  GLU 14  121 121 GLU GLU B . n 
B 2 15  GLU 15  122 122 GLU GLU B . n 
B 2 16  ALA 16  123 123 ALA ALA B . n 
B 2 17  SER 17  124 124 SER SER B . n 
B 2 18  ARG 18  125 125 ARG ARG B . n 
B 2 19  LEU 19  126 126 LEU LEU B . n 
B 2 20  TYR 20  127 127 TYR TYR B . n 
B 2 21  PHE 21  128 128 PHE PHE B . n 
B 2 22  GLY 22  129 129 GLY GLY B . n 
B 2 23  GLU 23  130 130 GLU GLU B . n 
B 2 24  ARG 24  131 131 ARG ARG B . n 
B 2 25  ASN 25  132 132 ASN ASN B . n 
B 2 26  VAL 26  133 133 VAL VAL B . n 
B 2 27  LYS 27  134 134 LYS LYS B . n 
B 2 28  GLY 28  135 135 GLY GLY B . n 
B 2 29  MET 29  136 136 MET MET B . n 
B 2 30  PHE 30  137 137 PHE PHE B . n 
B 2 31  GLU 31  138 138 GLU GLU B . n 
B 2 32  VAL 32  139 139 VAL VAL B . n 
B 2 33  LEU 33  140 140 LEU LEU B . n 
B 2 34  GLU 34  141 141 GLU GLU B . n 
B 2 35  PRO 35  142 142 PRO PRO B . n 
B 2 36  LEU 36  143 143 LEU LEU B . n 
B 2 37  HIS 37  144 144 HIS HIS B . n 
B 2 38  ALA 38  145 145 ALA ALA B . n 
B 2 39  MET 39  146 146 MET MET B . n 
B 2 40  MET 40  147 147 MET MET B . n 
B 2 41  GLU 41  148 148 GLU GLU B . n 
B 2 42  ARG 42  149 149 ARG ARG B . n 
B 2 43  GLY 43  150 150 GLY GLY B . n 
B 2 44  PRO 44  151 151 PRO PRO B . n 
B 2 45  GLN 45  152 152 GLN GLN B . n 
B 2 46  THR 46  153 153 THR THR B . n 
B 2 47  LEU 47  154 154 LEU LEU B . n 
B 2 48  LYS 48  155 155 LYS LYS B . n 
B 2 49  GLU 49  156 156 GLU GLU B . n 
B 2 50  THR 50  157 157 THR THR B . n 
B 2 51  SER 51  158 158 SER SER B . n 
B 2 52  PHE 52  159 159 PHE PHE B . n 
B 2 53  ASN 53  160 160 ASN ASN B . n 
B 2 54  GLN 54  161 161 GLN GLN B . n 
B 2 55  ALA 55  162 162 ALA ALA B . n 
B 2 56  TYR 56  163 163 TYR TYR B . n 
B 2 57  GLY 57  164 164 GLY GLY B . n 
B 2 58  ARG 58  165 165 ARG ARG B . n 
B 2 59  ASP 59  166 166 ASP ASP B . n 
B 2 60  LEU 60  167 167 LEU LEU B . n 
B 2 61  MET 61  168 168 MET MET B . n 
B 2 62  GLU 62  169 169 GLU GLU B . n 
B 2 63  ALA 63  170 170 ALA ALA B . n 
B 2 64  GLN 64  171 171 GLN GLN B . n 
B 2 65  GLU 65  172 172 GLU GLU B . n 
B 2 66  TRP 66  173 173 TRP TRP B . n 
B 2 67  CYS 67  174 174 CYS CYS B . n 
B 2 68  ARG 68  175 175 ARG ARG B . n 
B 2 69  LYS 69  176 176 LYS LYS B . n 
B 2 70  TYR 70  177 177 TYR TYR B . n 
B 2 71  MET 71  178 178 MET MET B . n 
B 2 72  LYS 72  179 179 LYS LYS B . n 
B 2 73  SER 73  180 180 SER SER B . n 
B 2 74  GLY 74  181 181 GLY GLY B . n 
B 2 75  ASN 75  182 182 ASN ASN B . n 
B 2 76  VAL 76  183 183 VAL VAL B . n 
B 2 77  LYS 77  184 184 LYS LYS B . n 
B 2 78  ASP 78  185 185 ASP ASP B . n 
B 2 79  LEU 79  186 186 LEU LEU B . n 
B 2 80  THR 80  187 187 THR THR B . n 
B 2 81  GLN 81  188 188 GLN GLN B . n 
B 2 82  ALA 82  189 189 ALA ALA B . n 
B 2 83  TRP 83  190 190 TRP TRP B . n 
B 2 84  ASP 84  191 191 ASP ASP B . n 
B 2 85  LEU 85  192 192 LEU LEU B . n 
B 2 86  TYR 86  193 193 TYR TYR B . n 
B 2 87  TYR 87  194 194 TYR TYR B . n 
B 2 88  HIS 88  195 195 HIS HIS B . n 
B 2 89  VAL 89  196 196 VAL VAL B . n 
B 2 90  PHE 90  197 197 PHE PHE B . n 
B 2 91  ARG 91  198 198 ARG ARG B . n 
B 2 92  ARG 92  199 199 ARG ARG B . n 
B 2 93  ILE 93  200 200 ILE ILE B . n 
B 2 94  SER 94  201 201 SER SER B . n 
# 
_pdbx_nonpoly_scheme.asym_id         C 
_pdbx_nonpoly_scheme.entity_id       3 
_pdbx_nonpoly_scheme.mon_id          ARD 
_pdbx_nonpoly_scheme.ndb_seq_num     1 
_pdbx_nonpoly_scheme.pdb_seq_num     402 
_pdbx_nonpoly_scheme.auth_seq_num    402 
_pdbx_nonpoly_scheme.pdb_mon_id      ARD 
_pdbx_nonpoly_scheme.auth_mon_id     ARD 
_pdbx_nonpoly_scheme.pdb_strand_id   A 
_pdbx_nonpoly_scheme.pdb_ins_code    . 
# 
_pdbx_struct_assembly.id                   1 
_pdbx_struct_assembly.details              author_defined_assembly 
_pdbx_struct_assembly.method_details       ? 
_pdbx_struct_assembly.oligomeric_details   dimeric 
_pdbx_struct_assembly.oligomeric_count     2 
# 
_pdbx_struct_assembly_gen.assembly_id       1 
_pdbx_struct_assembly_gen.oper_expression   1 
_pdbx_struct_assembly_gen.asym_id_list      A,B,C 
# 
_pdbx_struct_oper_list.id                   1 
_pdbx_struct_oper_list.type                 'identity operation' 
_pdbx_struct_oper_list.name                 1_555 
_pdbx_struct_oper_list.symmetry_operation   x,y,z 
_pdbx_struct_oper_list.matrix[1][1]         1.0000000000 
_pdbx_struct_oper_list.matrix[1][2]         0.0000000000 
_pdbx_struct_oper_list.matrix[1][3]         0.0000000000 
_pdbx_struct_oper_list.vector[1]            0.0000000000 
_pdbx_struct_oper_list.matrix[2][1]         0.0000000000 
_pdbx_struct_oper_list.matrix[2][2]         1.0000000000 
_pdbx_struct_oper_list.matrix[2][3]         0.0000000000 
_pdbx_struct_oper_list.vector[2]            0.0000000000 
_pdbx_struct_oper_list.matrix[3][1]         0.0000000000 
_pdbx_struct_oper_list.matrix[3][2]         0.0000000000 
_pdbx_struct_oper_list.matrix[3][3]         1.0000000000 
_pdbx_struct_oper_list.vector[3]            0.0000000000 
# 
loop_
_pdbx_audit_revision_history.ordinal 
_pdbx_audit_revision_history.data_content_type 
_pdbx_audit_revision_history.major_revision 
_pdbx_audit_revision_history.minor_revision 
_pdbx_audit_revision_history.revision_date 
1 'Structure model' 1 0 2000-09-13 
2 'Structure model' 1 1 2008-04-26 
3 'Structure model' 1 2 2011-07-13 
4 'Structure model' 1 3 2017-10-04 
5 'Structure model' 1 4 2023-09-13 
# 
_pdbx_audit_revision_details.ordinal             1 
_pdbx_audit_revision_details.revision_ordinal    1 
_pdbx_audit_revision_details.data_content_type   'Structure model' 
_pdbx_audit_revision_details.provider            repository 
_pdbx_audit_revision_details.type                'Initial release' 
_pdbx_audit_revision_details.description         ? 
_pdbx_audit_revision_details.details             ? 
# 
loop_
_pdbx_audit_revision_group.ordinal 
_pdbx_audit_revision_group.revision_ordinal 
_pdbx_audit_revision_group.data_content_type 
_pdbx_audit_revision_group.group 
1 2 'Structure model' 'Version format compliance' 
2 3 'Structure model' 'Version format compliance' 
3 4 'Structure model' 'Refinement description'    
4 5 'Structure model' 'Data collection'           
5 5 'Structure model' 'Database references'       
6 5 'Structure model' 'Derived calculations'      
7 5 'Structure model' 'Refinement description'    
# 
loop_
_pdbx_audit_revision_category.ordinal 
_pdbx_audit_revision_category.revision_ordinal 
_pdbx_audit_revision_category.data_content_type 
_pdbx_audit_revision_category.category 
1 4 'Structure model' software                      
2 5 'Structure model' chem_comp_atom                
3 5 'Structure model' chem_comp_bond                
4 5 'Structure model' database_2                    
5 5 'Structure model' pdbx_initial_refinement_model 
6 5 'Structure model' struct_site                   
# 
loop_
_pdbx_audit_revision_item.ordinal 
_pdbx_audit_revision_item.revision_ordinal 
_pdbx_audit_revision_item.data_content_type 
_pdbx_audit_revision_item.item 
1 4 'Structure model' '_software.name'                      
2 5 'Structure model' '_database_2.pdbx_DOI'                
3 5 'Structure model' '_database_2.pdbx_database_accession' 
4 5 'Structure model' '_struct_site.pdbx_auth_asym_id'      
5 5 'Structure model' '_struct_site.pdbx_auth_comp_id'      
6 5 'Structure model' '_struct_site.pdbx_auth_seq_id'       
# 
loop_
_software.name 
_software.classification 
_software.version 
_software.citation_id 
_software.pdbx_ordinal 
CNS         refinement       . ? 1 
UCSD-system 'data reduction' . ? 2 
SCALEPACK   'data scaling'   . ? 3 
CNS         phasing          . ? 4 
# 
loop_
_pdbx_validate_torsion.id 
_pdbx_validate_torsion.PDB_model_num 
_pdbx_validate_torsion.auth_comp_id 
_pdbx_validate_torsion.auth_asym_id 
_pdbx_validate_torsion.auth_seq_id 
_pdbx_validate_torsion.PDB_ins_code 
_pdbx_validate_torsion.label_alt_id 
_pdbx_validate_torsion.phi 
_pdbx_validate_torsion.psi 
1 1 ASP A 37 ? ? 176.21  151.45  
2 1 SER A 38 ? ? -170.22 126.50  
3 1 ILE A 56 ? ? -48.80  156.08  
4 1 ALA A 81 ? ? -115.74 -116.15 
5 1 PRO A 88 ? ? -24.85  118.96  
6 1 ILE A 90 ? ? -125.68 -62.62  
# 
_pdbx_validate_chiral.id              1 
_pdbx_validate_chiral.PDB_model_num   1 
_pdbx_validate_chiral.auth_atom_id    C15 
_pdbx_validate_chiral.label_alt_id    ? 
_pdbx_validate_chiral.auth_asym_id    A 
_pdbx_validate_chiral.auth_comp_id    ARD 
_pdbx_validate_chiral.auth_seq_id     402 
_pdbx_validate_chiral.PDB_ins_code    ? 
_pdbx_validate_chiral.details         'WRONG HAND' 
_pdbx_validate_chiral.omega           . 
# 
loop_
_chem_comp_atom.comp_id 
_chem_comp_atom.atom_id 
_chem_comp_atom.type_symbol 
_chem_comp_atom.pdbx_aromatic_flag 
_chem_comp_atom.pdbx_stereo_config 
_chem_comp_atom.pdbx_ordinal 
ALA N     N N N 1   
ALA CA    C N S 2   
ALA C     C N N 3   
ALA O     O N N 4   
ALA CB    C N N 5   
ALA OXT   O N N 6   
ALA H     H N N 7   
ALA H2    H N N 8   
ALA HA    H N N 9   
ALA HB1   H N N 10  
ALA HB2   H N N 11  
ALA HB3   H N N 12  
ALA HXT   H N N 13  
ARD O1    O N N 14  
ARD C1    C N N 15  
ARD O2    O N N 16  
ARD C2    C N S 17  
ARD C3    C N N 18  
ARD C4    C N N 19  
ARD C5    C N N 20  
ARD C6    C N N 21  
ARD N1    N N N 22  
ARD C7    C N N 23  
ARD O3    O N N 24  
ARD C8    C N N 25  
ARD O4    O N N 26  
ARD C9    C N R 27  
ARD C10   C N R 28  
ARD C11   C N N 29  
ARD C12   C N N 30  
ARD C13   C N S 31  
ARD O5    O N N 32  
ARD O6    O N N 33  
ARD C42   C N N 34  
ARD C14   C N N 35  
ARD C15   C N R 36  
ARD C49   C Y N 37  
ARD C16   C N N 38  
ARD C43   C N N 39  
ARD C17   C N N 40  
ARD C18   C N N 41  
ARD C19   C N N 42  
ARD C20   C N N 43  
ARD C21   C N N 44  
ARD C22   C N S 45  
ARD C44   C N N 46  
ARD C23   C N N 47  
ARD C24   C N R 48  
ARD C45   C N N 49  
ARD C25   C N N 50  
ARD O8    O N N 51  
ARD C26   C N R 52  
ARD O9    O N N 53  
ARD C50   C N N 54  
ARD C27   C N R 55  
ARD O10   O N N 56  
ARD C28   C N N 57  
ARD C46   C N N 58  
ARD C29   C N N 59  
ARD C30   C N R 60  
ARD C47   C N N 61  
ARD C31   C N N 62  
ARD O11   O N N 63  
ARD C32   C N N 64  
ARD C33   C N S 65  
ARD C34   C N R 66  
ARD C48   C N N 67  
ARD C35   C N N 68  
ARD C36   C N S 69  
ARD C37   C N N 70  
ARD C38   C N R 71  
ARD O12   O N N 72  
ARD C51   C N N 73  
ARD C39   C N R 74  
ARD O13   O N N 75  
ARD C40   C N N 76  
ARD C41   C N N 77  
ARD C52   C Y N 78  
ARD C53   C Y N 79  
ARD C54   C Y N 80  
ARD C55   C N N 81  
ARD S1    S Y N 82  
ARD H2    H N N 83  
ARD H31   H N N 84  
ARD H32   H N N 85  
ARD H41   H N N 86  
ARD H42   H N N 87  
ARD H51   H N N 88  
ARD H52   H N N 89  
ARD H61   H N N 90  
ARD H62   H N N 91  
ARD H10   H N N 92  
ARD H111  H N N 93  
ARD H112  H N N 94  
ARD H121  H N N 95  
ARD H122  H N N 96  
ARD H13   H N N 97  
ARD HO6   H N N 98  
ARD H421  H N N 99  
ARD H422  H N N 100 
ARD H423  H N N 101 
ARD H141  H N N 102 
ARD H142  H N N 103 
ARD H15   H N N 104 
ARD H431  H N N 105 
ARD H432  H N N 106 
ARD H433  H N N 107 
ARD H17   H N N 108 
ARD H18   H N N 109 
ARD H19   H N N 110 
ARD H20   H N N 111 
ARD H21   H N N 112 
ARD H22   H N N 113 
ARD H441  H N N 114 
ARD H442  H N N 115 
ARD H443  H N N 116 
ARD H231  H N N 117 
ARD H232  H N N 118 
ARD H24   H N N 119 
ARD H451  H N N 120 
ARD H452  H N N 121 
ARD H453  H N N 122 
ARD H26   H N N 123 
ARD H501  H N N 124 
ARD H502  H N N 125 
ARD H503  H N N 126 
ARD H27   H N N 127 
ARD HO1   H N N 128 
ARD H461  H N N 129 
ARD H462  H N N 130 
ARD H463  H N N 131 
ARD H29   H N N 132 
ARD H30   H N N 133 
ARD H471  H N N 134 
ARD H472  H N N 135 
ARD H473  H N N 136 
ARD H321  H N N 137 
ARD H322  H N N 138 
ARD H33   H N N 139 
ARD H34   H N N 140 
ARD H481  H N N 141 
ARD H482  H N N 142 
ARD H483  H N N 143 
ARD H351  H N N 144 
ARD H352  H N N 145 
ARD H36   H N N 146 
ARD H371  H N N 147 
ARD H372  H N N 148 
ARD H38   H N N 149 
ARD H511  H N N 150 
ARD H512  H N N 151 
ARD H513  H N N 152 
ARD H39   H N N 153 
ARD "HO'" H N N 154 
ARD H401  H N N 155 
ARD H402  H N N 156 
ARD H411  H N N 157 
ARD H412  H N N 158 
ARD H53   H N N 159 
ARD H54   H N N 160 
ARD H551  H N N 161 
ARD H552  H N N 162 
ARD H553  H N N 163 
ARG N     N N N 164 
ARG CA    C N S 165 
ARG C     C N N 166 
ARG O     O N N 167 
ARG CB    C N N 168 
ARG CG    C N N 169 
ARG CD    C N N 170 
ARG NE    N N N 171 
ARG CZ    C N N 172 
ARG NH1   N N N 173 
ARG NH2   N N N 174 
ARG OXT   O N N 175 
ARG H     H N N 176 
ARG H2    H N N 177 
ARG HA    H N N 178 
ARG HB2   H N N 179 
ARG HB3   H N N 180 
ARG HG2   H N N 181 
ARG HG3   H N N 182 
ARG HD2   H N N 183 
ARG HD3   H N N 184 
ARG HE    H N N 185 
ARG HH11  H N N 186 
ARG HH12  H N N 187 
ARG HH21  H N N 188 
ARG HH22  H N N 189 
ARG HXT   H N N 190 
ASN N     N N N 191 
ASN CA    C N S 192 
ASN C     C N N 193 
ASN O     O N N 194 
ASN CB    C N N 195 
ASN CG    C N N 196 
ASN OD1   O N N 197 
ASN ND2   N N N 198 
ASN OXT   O N N 199 
ASN H     H N N 200 
ASN H2    H N N 201 
ASN HA    H N N 202 
ASN HB2   H N N 203 
ASN HB3   H N N 204 
ASN HD21  H N N 205 
ASN HD22  H N N 206 
ASN HXT   H N N 207 
ASP N     N N N 208 
ASP CA    C N S 209 
ASP C     C N N 210 
ASP O     O N N 211 
ASP CB    C N N 212 
ASP CG    C N N 213 
ASP OD1   O N N 214 
ASP OD2   O N N 215 
ASP OXT   O N N 216 
ASP H     H N N 217 
ASP H2    H N N 218 
ASP HA    H N N 219 
ASP HB2   H N N 220 
ASP HB3   H N N 221 
ASP HD2   H N N 222 
ASP HXT   H N N 223 
CYS N     N N N 224 
CYS CA    C N R 225 
CYS C     C N N 226 
CYS O     O N N 227 
CYS CB    C N N 228 
CYS SG    S N N 229 
CYS OXT   O N N 230 
CYS H     H N N 231 
CYS H2    H N N 232 
CYS HA    H N N 233 
CYS HB2   H N N 234 
CYS HB3   H N N 235 
CYS HG    H N N 236 
CYS HXT   H N N 237 
GLN N     N N N 238 
GLN CA    C N S 239 
GLN C     C N N 240 
GLN O     O N N 241 
GLN CB    C N N 242 
GLN CG    C N N 243 
GLN CD    C N N 244 
GLN OE1   O N N 245 
GLN NE2   N N N 246 
GLN OXT   O N N 247 
GLN H     H N N 248 
GLN H2    H N N 249 
GLN HA    H N N 250 
GLN HB2   H N N 251 
GLN HB3   H N N 252 
GLN HG2   H N N 253 
GLN HG3   H N N 254 
GLN HE21  H N N 255 
GLN HE22  H N N 256 
GLN HXT   H N N 257 
GLU N     N N N 258 
GLU CA    C N S 259 
GLU C     C N N 260 
GLU O     O N N 261 
GLU CB    C N N 262 
GLU CG    C N N 263 
GLU CD    C N N 264 
GLU OE1   O N N 265 
GLU OE2   O N N 266 
GLU OXT   O N N 267 
GLU H     H N N 268 
GLU H2    H N N 269 
GLU HA    H N N 270 
GLU HB2   H N N 271 
GLU HB3   H N N 272 
GLU HG2   H N N 273 
GLU HG3   H N N 274 
GLU HE2   H N N 275 
GLU HXT   H N N 276 
GLY N     N N N 277 
GLY CA    C N N 278 
GLY C     C N N 279 
GLY O     O N N 280 
GLY OXT   O N N 281 
GLY H     H N N 282 
GLY H2    H N N 283 
GLY HA2   H N N 284 
GLY HA3   H N N 285 
GLY HXT   H N N 286 
HIS N     N N N 287 
HIS CA    C N S 288 
HIS C     C N N 289 
HIS O     O N N 290 
HIS CB    C N N 291 
HIS CG    C Y N 292 
HIS ND1   N Y N 293 
HIS CD2   C Y N 294 
HIS CE1   C Y N 295 
HIS NE2   N Y N 296 
HIS OXT   O N N 297 
HIS H     H N N 298 
HIS H2    H N N 299 
HIS HA    H N N 300 
HIS HB2   H N N 301 
HIS HB3   H N N 302 
HIS HD1   H N N 303 
HIS HD2   H N N 304 
HIS HE1   H N N 305 
HIS HE2   H N N 306 
HIS HXT   H N N 307 
ILE N     N N N 308 
ILE CA    C N S 309 
ILE C     C N N 310 
ILE O     O N N 311 
ILE CB    C N S 312 
ILE CG1   C N N 313 
ILE CG2   C N N 314 
ILE CD1   C N N 315 
ILE OXT   O N N 316 
ILE H     H N N 317 
ILE H2    H N N 318 
ILE HA    H N N 319 
ILE HB    H N N 320 
ILE HG12  H N N 321 
ILE HG13  H N N 322 
ILE HG21  H N N 323 
ILE HG22  H N N 324 
ILE HG23  H N N 325 
ILE HD11  H N N 326 
ILE HD12  H N N 327 
ILE HD13  H N N 328 
ILE HXT   H N N 329 
LEU N     N N N 330 
LEU CA    C N S 331 
LEU C     C N N 332 
LEU O     O N N 333 
LEU CB    C N N 334 
LEU CG    C N N 335 
LEU CD1   C N N 336 
LEU CD2   C N N 337 
LEU OXT   O N N 338 
LEU H     H N N 339 
LEU H2    H N N 340 
LEU HA    H N N 341 
LEU HB2   H N N 342 
LEU HB3   H N N 343 
LEU HG    H N N 344 
LEU HD11  H N N 345 
LEU HD12  H N N 346 
LEU HD13  H N N 347 
LEU HD21  H N N 348 
LEU HD22  H N N 349 
LEU HD23  H N N 350 
LEU HXT   H N N 351 
LYS N     N N N 352 
LYS CA    C N S 353 
LYS C     C N N 354 
LYS O     O N N 355 
LYS CB    C N N 356 
LYS CG    C N N 357 
LYS CD    C N N 358 
LYS CE    C N N 359 
LYS NZ    N N N 360 
LYS OXT   O N N 361 
LYS H     H N N 362 
LYS H2    H N N 363 
LYS HA    H N N 364 
LYS HB2   H N N 365 
LYS HB3   H N N 366 
LYS HG2   H N N 367 
LYS HG3   H N N 368 
LYS HD2   H N N 369 
LYS HD3   H N N 370 
LYS HE2   H N N 371 
LYS HE3   H N N 372 
LYS HZ1   H N N 373 
LYS HZ2   H N N 374 
LYS HZ3   H N N 375 
LYS HXT   H N N 376 
MET N     N N N 377 
MET CA    C N S 378 
MET C     C N N 379 
MET O     O N N 380 
MET CB    C N N 381 
MET CG    C N N 382 
MET SD    S N N 383 
MET CE    C N N 384 
MET OXT   O N N 385 
MET H     H N N 386 
MET H2    H N N 387 
MET HA    H N N 388 
MET HB2   H N N 389 
MET HB3   H N N 390 
MET HG2   H N N 391 
MET HG3   H N N 392 
MET HE1   H N N 393 
MET HE2   H N N 394 
MET HE3   H N N 395 
MET HXT   H N N 396 
PHE N     N N N 397 
PHE CA    C N S 398 
PHE C     C N N 399 
PHE O     O N N 400 
PHE CB    C N N 401 
PHE CG    C Y N 402 
PHE CD1   C Y N 403 
PHE CD2   C Y N 404 
PHE CE1   C Y N 405 
PHE CE2   C Y N 406 
PHE CZ    C Y N 407 
PHE OXT   O N N 408 
PHE H     H N N 409 
PHE H2    H N N 410 
PHE HA    H N N 411 
PHE HB2   H N N 412 
PHE HB3   H N N 413 
PHE HD1   H N N 414 
PHE HD2   H N N 415 
PHE HE1   H N N 416 
PHE HE2   H N N 417 
PHE HZ    H N N 418 
PHE HXT   H N N 419 
PRO N     N N N 420 
PRO CA    C N S 421 
PRO C     C N N 422 
PRO O     O N N 423 
PRO CB    C N N 424 
PRO CG    C N N 425 
PRO CD    C N N 426 
PRO OXT   O N N 427 
PRO H     H N N 428 
PRO HA    H N N 429 
PRO HB2   H N N 430 
PRO HB3   H N N 431 
PRO HG2   H N N 432 
PRO HG3   H N N 433 
PRO HD2   H N N 434 
PRO HD3   H N N 435 
PRO HXT   H N N 436 
SER N     N N N 437 
SER CA    C N S 438 
SER C     C N N 439 
SER O     O N N 440 
SER CB    C N N 441 
SER OG    O N N 442 
SER OXT   O N N 443 
SER H     H N N 444 
SER H2    H N N 445 
SER HA    H N N 446 
SER HB2   H N N 447 
SER HB3   H N N 448 
SER HG    H N N 449 
SER HXT   H N N 450 
THR N     N N N 451 
THR CA    C N S 452 
THR C     C N N 453 
THR O     O N N 454 
THR CB    C N R 455 
THR OG1   O N N 456 
THR CG2   C N N 457 
THR OXT   O N N 458 
THR H     H N N 459 
THR H2    H N N 460 
THR HA    H N N 461 
THR HB    H N N 462 
THR HG1   H N N 463 
THR HG21  H N N 464 
THR HG22  H N N 465 
THR HG23  H N N 466 
THR HXT   H N N 467 
TRP N     N N N 468 
TRP CA    C N S 469 
TRP C     C N N 470 
TRP O     O N N 471 
TRP CB    C N N 472 
TRP CG    C Y N 473 
TRP CD1   C Y N 474 
TRP CD2   C Y N 475 
TRP NE1   N Y N 476 
TRP CE2   C Y N 477 
TRP CE3   C Y N 478 
TRP CZ2   C Y N 479 
TRP CZ3   C Y N 480 
TRP CH2   C Y N 481 
TRP OXT   O N N 482 
TRP H     H N N 483 
TRP H2    H N N 484 
TRP HA    H N N 485 
TRP HB2   H N N 486 
TRP HB3   H N N 487 
TRP HD1   H N N 488 
TRP HE1   H N N 489 
TRP HE3   H N N 490 
TRP HZ2   H N N 491 
TRP HZ3   H N N 492 
TRP HH2   H N N 493 
TRP HXT   H N N 494 
TYR N     N N N 495 
TYR CA    C N S 496 
TYR C     C N N 497 
TYR O     O N N 498 
TYR CB    C N N 499 
TYR CG    C Y N 500 
TYR CD1   C Y N 501 
TYR CD2   C Y N 502 
TYR CE1   C Y N 503 
TYR CE2   C Y N 504 
TYR CZ    C Y N 505 
TYR OH    O N N 506 
TYR OXT   O N N 507 
TYR H     H N N 508 
TYR H2    H N N 509 
TYR HA    H N N 510 
TYR HB2   H N N 511 
TYR HB3   H N N 512 
TYR HD1   H N N 513 
TYR HD2   H N N 514 
TYR HE1   H N N 515 
TYR HE2   H N N 516 
TYR HH    H N N 517 
TYR HXT   H N N 518 
VAL N     N N N 519 
VAL CA    C N S 520 
VAL C     C N N 521 
VAL O     O N N 522 
VAL CB    C N N 523 
VAL CG1   C N N 524 
VAL CG2   C N N 525 
VAL OXT   O N N 526 
VAL H     H N N 527 
VAL H2    H N N 528 
VAL HA    H N N 529 
VAL HB    H N N 530 
VAL HG11  H N N 531 
VAL HG12  H N N 532 
VAL HG13  H N N 533 
VAL HG21  H N N 534 
VAL HG22  H N N 535 
VAL HG23  H N N 536 
VAL HXT   H N N 537 
# 
loop_
_chem_comp_bond.comp_id 
_chem_comp_bond.atom_id_1 
_chem_comp_bond.atom_id_2 
_chem_comp_bond.value_order 
_chem_comp_bond.pdbx_aromatic_flag 
_chem_comp_bond.pdbx_stereo_config 
_chem_comp_bond.pdbx_ordinal 
ALA N   CA    sing N N 1   
ALA N   H     sing N N 2   
ALA N   H2    sing N N 3   
ALA CA  C     sing N N 4   
ALA CA  CB    sing N N 5   
ALA CA  HA    sing N N 6   
ALA C   O     doub N N 7   
ALA C   OXT   sing N N 8   
ALA CB  HB1   sing N N 9   
ALA CB  HB2   sing N N 10  
ALA CB  HB3   sing N N 11  
ALA OXT HXT   sing N N 12  
ARD O1  C1    sing N N 13  
ARD O1  C33   sing N N 14  
ARD C1  O2    doub N N 15  
ARD C1  C2    sing N N 16  
ARD C2  C3    sing N N 17  
ARD C2  N1    sing N N 18  
ARD C2  H2    sing N N 19  
ARD C3  C4    sing N N 20  
ARD C3  H31   sing N N 21  
ARD C3  H32   sing N N 22  
ARD C4  C5    sing N N 23  
ARD C4  H41   sing N N 24  
ARD C4  H42   sing N N 25  
ARD C5  C6    sing N N 26  
ARD C5  H51   sing N N 27  
ARD C5  H52   sing N N 28  
ARD C6  N1    sing N N 29  
ARD C6  H61   sing N N 30  
ARD C6  H62   sing N N 31  
ARD N1  C7    sing N N 32  
ARD C7  O3    doub N N 33  
ARD C7  C8    sing N N 34  
ARD C8  O4    doub N N 35  
ARD C8  C9    sing N N 36  
ARD C9  C10   sing N N 37  
ARD C9  O5    sing N N 38  
ARD C9  O6    sing N N 39  
ARD C10 C11   sing N N 40  
ARD C10 C42   sing N N 41  
ARD C10 H10   sing N N 42  
ARD C11 C12   sing N N 43  
ARD C11 H111  sing N N 44  
ARD C11 H112  sing N N 45  
ARD C12 C13   sing N N 46  
ARD C12 H121  sing N N 47  
ARD C12 H122  sing N N 48  
ARD C13 O5    sing N N 49  
ARD C13 C14   sing N N 50  
ARD C13 H13   sing N N 51  
ARD O6  HO6   sing N N 52  
ARD C42 H421  sing N N 53  
ARD C42 H422  sing N N 54  
ARD C42 H423  sing N N 55  
ARD C14 C15   sing N N 56  
ARD C14 H141  sing N N 57  
ARD C14 H142  sing N N 58  
ARD C15 C49   sing N N 59  
ARD C15 C16   sing N N 60  
ARD C15 H15   sing N N 61  
ARD C49 C54   doub Y N 62  
ARD C49 S1    sing Y N 63  
ARD C16 C43   sing N N 64  
ARD C16 C17   doub N E 65  
ARD C43 H431  sing N N 66  
ARD C43 H432  sing N N 67  
ARD C43 H433  sing N N 68  
ARD C17 C18   sing N N 69  
ARD C17 H17   sing N N 70  
ARD C18 C19   doub N E 71  
ARD C18 H18   sing N N 72  
ARD C19 C20   sing N N 73  
ARD C19 H19   sing N N 74  
ARD C20 C21   doub N E 75  
ARD C20 H20   sing N N 76  
ARD C21 C22   sing N N 77  
ARD C21 H21   sing N N 78  
ARD C22 C44   sing N N 79  
ARD C22 C23   sing N N 80  
ARD C22 H22   sing N N 81  
ARD C44 H441  sing N N 82  
ARD C44 H442  sing N N 83  
ARD C44 H443  sing N N 84  
ARD C23 C24   sing N N 85  
ARD C23 H231  sing N N 86  
ARD C23 H232  sing N N 87  
ARD C24 C45   sing N N 88  
ARD C24 C25   sing N N 89  
ARD C24 H24   sing N N 90  
ARD C45 H451  sing N N 91  
ARD C45 H452  sing N N 92  
ARD C45 H453  sing N N 93  
ARD C25 O8    doub N N 94  
ARD C25 C26   sing N N 95  
ARD C26 O9    sing N N 96  
ARD C26 C27   sing N N 97  
ARD C26 H26   sing N N 98  
ARD O9  C50   sing N N 99  
ARD C50 H501  sing N N 100 
ARD C50 H502  sing N N 101 
ARD C50 H503  sing N N 102 
ARD C27 O10   sing N N 103 
ARD C27 C28   sing N N 104 
ARD C27 H27   sing N N 105 
ARD O10 HO1   sing N N 106 
ARD C28 C46   sing N N 107 
ARD C28 C29   doub N E 108 
ARD C46 H461  sing N N 109 
ARD C46 H462  sing N N 110 
ARD C46 H463  sing N N 111 
ARD C29 C30   sing N N 112 
ARD C29 H29   sing N N 113 
ARD C30 C47   sing N N 114 
ARD C30 C31   sing N N 115 
ARD C30 H30   sing N N 116 
ARD C47 H471  sing N N 117 
ARD C47 H472  sing N N 118 
ARD C47 H473  sing N N 119 
ARD C31 O11   doub N N 120 
ARD C31 C32   sing N N 121 
ARD C32 C33   sing N N 122 
ARD C32 H321  sing N N 123 
ARD C32 H322  sing N N 124 
ARD C33 C34   sing N N 125 
ARD C33 H33   sing N N 126 
ARD C34 C48   sing N N 127 
ARD C34 C35   sing N N 128 
ARD C34 H34   sing N N 129 
ARD C48 H481  sing N N 130 
ARD C48 H482  sing N N 131 
ARD C48 H483  sing N N 132 
ARD C35 C36   sing N N 133 
ARD C35 H351  sing N N 134 
ARD C35 H352  sing N N 135 
ARD C36 C37   sing N N 136 
ARD C36 C41   sing N N 137 
ARD C36 H36   sing N N 138 
ARD C37 C38   sing N N 139 
ARD C37 H371  sing N N 140 
ARD C37 H372  sing N N 141 
ARD C38 O12   sing N N 142 
ARD C38 C39   sing N N 143 
ARD C38 H38   sing N N 144 
ARD O12 C51   sing N N 145 
ARD C51 H511  sing N N 146 
ARD C51 H512  sing N N 147 
ARD C51 H513  sing N N 148 
ARD C39 O13   sing N N 149 
ARD C39 C40   sing N N 150 
ARD C39 H39   sing N N 151 
ARD O13 "HO'" sing N N 152 
ARD C40 C41   sing N N 153 
ARD C40 H401  sing N N 154 
ARD C40 H402  sing N N 155 
ARD C41 H411  sing N N 156 
ARD C41 H412  sing N N 157 
ARD C52 C53   doub Y N 158 
ARD C52 C55   sing N N 159 
ARD C52 S1    sing Y N 160 
ARD C53 C54   sing Y N 161 
ARD C53 H53   sing N N 162 
ARD C54 H54   sing N N 163 
ARD C55 H551  sing N N 164 
ARD C55 H552  sing N N 165 
ARD C55 H553  sing N N 166 
ARG N   CA    sing N N 167 
ARG N   H     sing N N 168 
ARG N   H2    sing N N 169 
ARG CA  C     sing N N 170 
ARG CA  CB    sing N N 171 
ARG CA  HA    sing N N 172 
ARG C   O     doub N N 173 
ARG C   OXT   sing N N 174 
ARG CB  CG    sing N N 175 
ARG CB  HB2   sing N N 176 
ARG CB  HB3   sing N N 177 
ARG CG  CD    sing N N 178 
ARG CG  HG2   sing N N 179 
ARG CG  HG3   sing N N 180 
ARG CD  NE    sing N N 181 
ARG CD  HD2   sing N N 182 
ARG CD  HD3   sing N N 183 
ARG NE  CZ    sing N N 184 
ARG NE  HE    sing N N 185 
ARG CZ  NH1   sing N N 186 
ARG CZ  NH2   doub N N 187 
ARG NH1 HH11  sing N N 188 
ARG NH1 HH12  sing N N 189 
ARG NH2 HH21  sing N N 190 
ARG NH2 HH22  sing N N 191 
ARG OXT HXT   sing N N 192 
ASN N   CA    sing N N 193 
ASN N   H     sing N N 194 
ASN N   H2    sing N N 195 
ASN CA  C     sing N N 196 
ASN CA  CB    sing N N 197 
ASN CA  HA    sing N N 198 
ASN C   O     doub N N 199 
ASN C   OXT   sing N N 200 
ASN CB  CG    sing N N 201 
ASN CB  HB2   sing N N 202 
ASN CB  HB3   sing N N 203 
ASN CG  OD1   doub N N 204 
ASN CG  ND2   sing N N 205 
ASN ND2 HD21  sing N N 206 
ASN ND2 HD22  sing N N 207 
ASN OXT HXT   sing N N 208 
ASP N   CA    sing N N 209 
ASP N   H     sing N N 210 
ASP N   H2    sing N N 211 
ASP CA  C     sing N N 212 
ASP CA  CB    sing N N 213 
ASP CA  HA    sing N N 214 
ASP C   O     doub N N 215 
ASP C   OXT   sing N N 216 
ASP CB  CG    sing N N 217 
ASP CB  HB2   sing N N 218 
ASP CB  HB3   sing N N 219 
ASP CG  OD1   doub N N 220 
ASP CG  OD2   sing N N 221 
ASP OD2 HD2   sing N N 222 
ASP OXT HXT   sing N N 223 
CYS N   CA    sing N N 224 
CYS N   H     sing N N 225 
CYS N   H2    sing N N 226 
CYS CA  C     sing N N 227 
CYS CA  CB    sing N N 228 
CYS CA  HA    sing N N 229 
CYS C   O     doub N N 230 
CYS C   OXT   sing N N 231 
CYS CB  SG    sing N N 232 
CYS CB  HB2   sing N N 233 
CYS CB  HB3   sing N N 234 
CYS SG  HG    sing N N 235 
CYS OXT HXT   sing N N 236 
GLN N   CA    sing N N 237 
GLN N   H     sing N N 238 
GLN N   H2    sing N N 239 
GLN CA  C     sing N N 240 
GLN CA  CB    sing N N 241 
GLN CA  HA    sing N N 242 
GLN C   O     doub N N 243 
GLN C   OXT   sing N N 244 
GLN CB  CG    sing N N 245 
GLN CB  HB2   sing N N 246 
GLN CB  HB3   sing N N 247 
GLN CG  CD    sing N N 248 
GLN CG  HG2   sing N N 249 
GLN CG  HG3   sing N N 250 
GLN CD  OE1   doub N N 251 
GLN CD  NE2   sing N N 252 
GLN NE2 HE21  sing N N 253 
GLN NE2 HE22  sing N N 254 
GLN OXT HXT   sing N N 255 
GLU N   CA    sing N N 256 
GLU N   H     sing N N 257 
GLU N   H2    sing N N 258 
GLU CA  C     sing N N 259 
GLU CA  CB    sing N N 260 
GLU CA  HA    sing N N 261 
GLU C   O     doub N N 262 
GLU C   OXT   sing N N 263 
GLU CB  CG    sing N N 264 
GLU CB  HB2   sing N N 265 
GLU CB  HB3   sing N N 266 
GLU CG  CD    sing N N 267 
GLU CG  HG2   sing N N 268 
GLU CG  HG3   sing N N 269 
GLU CD  OE1   doub N N 270 
GLU CD  OE2   sing N N 271 
GLU OE2 HE2   sing N N 272 
GLU OXT HXT   sing N N 273 
GLY N   CA    sing N N 274 
GLY N   H     sing N N 275 
GLY N   H2    sing N N 276 
GLY CA  C     sing N N 277 
GLY CA  HA2   sing N N 278 
GLY CA  HA3   sing N N 279 
GLY C   O     doub N N 280 
GLY C   OXT   sing N N 281 
GLY OXT HXT   sing N N 282 
HIS N   CA    sing N N 283 
HIS N   H     sing N N 284 
HIS N   H2    sing N N 285 
HIS CA  C     sing N N 286 
HIS CA  CB    sing N N 287 
HIS CA  HA    sing N N 288 
HIS C   O     doub N N 289 
HIS C   OXT   sing N N 290 
HIS CB  CG    sing N N 291 
HIS CB  HB2   sing N N 292 
HIS CB  HB3   sing N N 293 
HIS CG  ND1   sing Y N 294 
HIS CG  CD2   doub Y N 295 
HIS ND1 CE1   doub Y N 296 
HIS ND1 HD1   sing N N 297 
HIS CD2 NE2   sing Y N 298 
HIS CD2 HD2   sing N N 299 
HIS CE1 NE2   sing Y N 300 
HIS CE1 HE1   sing N N 301 
HIS NE2 HE2   sing N N 302 
HIS OXT HXT   sing N N 303 
ILE N   CA    sing N N 304 
ILE N   H     sing N N 305 
ILE N   H2    sing N N 306 
ILE CA  C     sing N N 307 
ILE CA  CB    sing N N 308 
ILE CA  HA    sing N N 309 
ILE C   O     doub N N 310 
ILE C   OXT   sing N N 311 
ILE CB  CG1   sing N N 312 
ILE CB  CG2   sing N N 313 
ILE CB  HB    sing N N 314 
ILE CG1 CD1   sing N N 315 
ILE CG1 HG12  sing N N 316 
ILE CG1 HG13  sing N N 317 
ILE CG2 HG21  sing N N 318 
ILE CG2 HG22  sing N N 319 
ILE CG2 HG23  sing N N 320 
ILE CD1 HD11  sing N N 321 
ILE CD1 HD12  sing N N 322 
ILE CD1 HD13  sing N N 323 
ILE OXT HXT   sing N N 324 
LEU N   CA    sing N N 325 
LEU N   H     sing N N 326 
LEU N   H2    sing N N 327 
LEU CA  C     sing N N 328 
LEU CA  CB    sing N N 329 
LEU CA  HA    sing N N 330 
LEU C   O     doub N N 331 
LEU C   OXT   sing N N 332 
LEU CB  CG    sing N N 333 
LEU CB  HB2   sing N N 334 
LEU CB  HB3   sing N N 335 
LEU CG  CD1   sing N N 336 
LEU CG  CD2   sing N N 337 
LEU CG  HG    sing N N 338 
LEU CD1 HD11  sing N N 339 
LEU CD1 HD12  sing N N 340 
LEU CD1 HD13  sing N N 341 
LEU CD2 HD21  sing N N 342 
LEU CD2 HD22  sing N N 343 
LEU CD2 HD23  sing N N 344 
LEU OXT HXT   sing N N 345 
LYS N   CA    sing N N 346 
LYS N   H     sing N N 347 
LYS N   H2    sing N N 348 
LYS CA  C     sing N N 349 
LYS CA  CB    sing N N 350 
LYS CA  HA    sing N N 351 
LYS C   O     doub N N 352 
LYS C   OXT   sing N N 353 
LYS CB  CG    sing N N 354 
LYS CB  HB2   sing N N 355 
LYS CB  HB3   sing N N 356 
LYS CG  CD    sing N N 357 
LYS CG  HG2   sing N N 358 
LYS CG  HG3   sing N N 359 
LYS CD  CE    sing N N 360 
LYS CD  HD2   sing N N 361 
LYS CD  HD3   sing N N 362 
LYS CE  NZ    sing N N 363 
LYS CE  HE2   sing N N 364 
LYS CE  HE3   sing N N 365 
LYS NZ  HZ1   sing N N 366 
LYS NZ  HZ2   sing N N 367 
LYS NZ  HZ3   sing N N 368 
LYS OXT HXT   sing N N 369 
MET N   CA    sing N N 370 
MET N   H     sing N N 371 
MET N   H2    sing N N 372 
MET CA  C     sing N N 373 
MET CA  CB    sing N N 374 
MET CA  HA    sing N N 375 
MET C   O     doub N N 376 
MET C   OXT   sing N N 377 
MET CB  CG    sing N N 378 
MET CB  HB2   sing N N 379 
MET CB  HB3   sing N N 380 
MET CG  SD    sing N N 381 
MET CG  HG2   sing N N 382 
MET CG  HG3   sing N N 383 
MET SD  CE    sing N N 384 
MET CE  HE1   sing N N 385 
MET CE  HE2   sing N N 386 
MET CE  HE3   sing N N 387 
MET OXT HXT   sing N N 388 
PHE N   CA    sing N N 389 
PHE N   H     sing N N 390 
PHE N   H2    sing N N 391 
PHE CA  C     sing N N 392 
PHE CA  CB    sing N N 393 
PHE CA  HA    sing N N 394 
PHE C   O     doub N N 395 
PHE C   OXT   sing N N 396 
PHE CB  CG    sing N N 397 
PHE CB  HB2   sing N N 398 
PHE CB  HB3   sing N N 399 
PHE CG  CD1   doub Y N 400 
PHE CG  CD2   sing Y N 401 
PHE CD1 CE1   sing Y N 402 
PHE CD1 HD1   sing N N 403 
PHE CD2 CE2   doub Y N 404 
PHE CD2 HD2   sing N N 405 
PHE CE1 CZ    doub Y N 406 
PHE CE1 HE1   sing N N 407 
PHE CE2 CZ    sing Y N 408 
PHE CE2 HE2   sing N N 409 
PHE CZ  HZ    sing N N 410 
PHE OXT HXT   sing N N 411 
PRO N   CA    sing N N 412 
PRO N   CD    sing N N 413 
PRO N   H     sing N N 414 
PRO CA  C     sing N N 415 
PRO CA  CB    sing N N 416 
PRO CA  HA    sing N N 417 
PRO C   O     doub N N 418 
PRO C   OXT   sing N N 419 
PRO CB  CG    sing N N 420 
PRO CB  HB2   sing N N 421 
PRO CB  HB3   sing N N 422 
PRO CG  CD    sing N N 423 
PRO CG  HG2   sing N N 424 
PRO CG  HG3   sing N N 425 
PRO CD  HD2   sing N N 426 
PRO CD  HD3   sing N N 427 
PRO OXT HXT   sing N N 428 
SER N   CA    sing N N 429 
SER N   H     sing N N 430 
SER N   H2    sing N N 431 
SER CA  C     sing N N 432 
SER CA  CB    sing N N 433 
SER CA  HA    sing N N 434 
SER C   O     doub N N 435 
SER C   OXT   sing N N 436 
SER CB  OG    sing N N 437 
SER CB  HB2   sing N N 438 
SER CB  HB3   sing N N 439 
SER OG  HG    sing N N 440 
SER OXT HXT   sing N N 441 
THR N   CA    sing N N 442 
THR N   H     sing N N 443 
THR N   H2    sing N N 444 
THR CA  C     sing N N 445 
THR CA  CB    sing N N 446 
THR CA  HA    sing N N 447 
THR C   O     doub N N 448 
THR C   OXT   sing N N 449 
THR CB  OG1   sing N N 450 
THR CB  CG2   sing N N 451 
THR CB  HB    sing N N 452 
THR OG1 HG1   sing N N 453 
THR CG2 HG21  sing N N 454 
THR CG2 HG22  sing N N 455 
THR CG2 HG23  sing N N 456 
THR OXT HXT   sing N N 457 
TRP N   CA    sing N N 458 
TRP N   H     sing N N 459 
TRP N   H2    sing N N 460 
TRP CA  C     sing N N 461 
TRP CA  CB    sing N N 462 
TRP CA  HA    sing N N 463 
TRP C   O     doub N N 464 
TRP C   OXT   sing N N 465 
TRP CB  CG    sing N N 466 
TRP CB  HB2   sing N N 467 
TRP CB  HB3   sing N N 468 
TRP CG  CD1   doub Y N 469 
TRP CG  CD2   sing Y N 470 
TRP CD1 NE1   sing Y N 471 
TRP CD1 HD1   sing N N 472 
TRP CD2 CE2   doub Y N 473 
TRP CD2 CE3   sing Y N 474 
TRP NE1 CE2   sing Y N 475 
TRP NE1 HE1   sing N N 476 
TRP CE2 CZ2   sing Y N 477 
TRP CE3 CZ3   doub Y N 478 
TRP CE3 HE3   sing N N 479 
TRP CZ2 CH2   doub Y N 480 
TRP CZ2 HZ2   sing N N 481 
TRP CZ3 CH2   sing Y N 482 
TRP CZ3 HZ3   sing N N 483 
TRP CH2 HH2   sing N N 484 
TRP OXT HXT   sing N N 485 
TYR N   CA    sing N N 486 
TYR N   H     sing N N 487 
TYR N   H2    sing N N 488 
TYR CA  C     sing N N 489 
TYR CA  CB    sing N N 490 
TYR CA  HA    sing N N 491 
TYR C   O     doub N N 492 
TYR C   OXT   sing N N 493 
TYR CB  CG    sing N N 494 
TYR CB  HB2   sing N N 495 
TYR CB  HB3   sing N N 496 
TYR CG  CD1   doub Y N 497 
TYR CG  CD2   sing Y N 498 
TYR CD1 CE1   sing Y N 499 
TYR CD1 HD1   sing N N 500 
TYR CD2 CE2   doub Y N 501 
TYR CD2 HD2   sing N N 502 
TYR CE1 CZ    doub Y N 503 
TYR CE1 HE1   sing N N 504 
TYR CE2 CZ    sing Y N 505 
TYR CE2 HE2   sing N N 506 
TYR CZ  OH    sing N N 507 
TYR OH  HH    sing N N 508 
TYR OXT HXT   sing N N 509 
VAL N   CA    sing N N 510 
VAL N   H     sing N N 511 
VAL N   H2    sing N N 512 
VAL CA  C     sing N N 513 
VAL CA  CB    sing N N 514 
VAL CA  HA    sing N N 515 
VAL C   O     doub N N 516 
VAL C   OXT   sing N N 517 
VAL CB  CG1   sing N N 518 
VAL CB  CG2   sing N N 519 
VAL CB  HB    sing N N 520 
VAL CG1 HG11  sing N N 521 
VAL CG1 HG12  sing N N 522 
VAL CG1 HG13  sing N N 523 
VAL CG2 HG21  sing N N 524 
VAL CG2 HG22  sing N N 525 
VAL CG2 HG23  sing N N 526 
VAL OXT HXT   sing N N 527 
# 
_pdbx_entity_nonpoly.entity_id   3 
_pdbx_entity_nonpoly.name        'C15-(R)-METHYLTHIENYL RAPAMYCIN' 
_pdbx_entity_nonpoly.comp_id     ARD 
# 
_pdbx_initial_refinement_model.id               1 
_pdbx_initial_refinement_model.entity_id_list   ? 
_pdbx_initial_refinement_model.type             'experimental model' 
_pdbx_initial_refinement_model.source_name      PDB 
_pdbx_initial_refinement_model.accession_code   2FAP 
_pdbx_initial_refinement_model.details          ? 
# 
